data_2C2Q
# 
_entry.id   2C2Q 
# 
_audit_conform.dict_name       mmcif_pdbx.dic 
_audit_conform.dict_version    5.382 
_audit_conform.dict_location   http://mmcif.pdb.org/dictionaries/ascii/mmcif_pdbx.dic 
# 
loop_
_database_2.database_id 
_database_2.database_code 
_database_2.pdbx_database_accession 
_database_2.pdbx_DOI 
PDB   2C2Q         pdb_00002c2q 10.2210/pdb2c2q/pdb 
PDBE  EBI-25828    ?            ?                   
WWPDB D_1290025828 ?            ?                   
# 
_pdbx_database_related.db_name        PDB 
_pdbx_database_related.db_id          2C2P 
_pdbx_database_related.content_type   unspecified 
_pdbx_database_related.details        
'THE CRYSTAL STRUCTURE OF MISMATCH SPECIFIC URACIL-DNA GLYCOSYLASE (MUG) FROM DEINOCOCCUS RADIODURANS' 
# 
_pdbx_database_status.status_code                     REL 
_pdbx_database_status.entry_id                        2C2Q 
_pdbx_database_status.deposit_site                    PDBE 
_pdbx_database_status.process_site                    PDBE 
_pdbx_database_status.SG_entry                        . 
_pdbx_database_status.recvd_initial_deposition_date   2005-09-29 
_pdbx_database_status.pdb_format_compatible           Y 
_pdbx_database_status.status_code_sf                  REL 
_pdbx_database_status.status_code_mr                  ? 
_pdbx_database_status.status_code_cs                  ? 
_pdbx_database_status.methods_development_category    ? 
_pdbx_database_status.status_code_nmr_data            ? 
# 
loop_
_audit_author.name 
_audit_author.pdbx_ordinal 
'Moe, E.'       1 
'Leiros, I.'    2 
'Smalas, A.O.'  3 
'McSweeney, S.' 4 
# 
_citation.id                        primary 
_citation.title                     
;The Crystal Structure of Mismatch Specific Uracil-DNA Glycosylase (Mug) from Deinococcus Radiodurans Reveals a Novel Catalytic Residue and Broad Substrate Specificity
;
_citation.journal_abbrev            J.Biol.Chem. 
_citation.journal_volume            281 
_citation.page_first                569 
_citation.page_last                 ? 
_citation.year                      2006 
_citation.journal_id_ASTM           JBCHA3 
_citation.country                   US 
_citation.journal_id_ISSN           0021-9258 
_citation.journal_id_CSD            0071 
_citation.book_publisher            ? 
_citation.pdbx_database_id_PubMed   16223719 
_citation.pdbx_database_id_DOI      10.1074/JBC.M508032200 
# 
loop_
_citation_author.citation_id 
_citation_author.name 
_citation_author.ordinal 
_citation_author.identifier_ORCID 
primary 'Moe, E.'       1 ? 
primary 'Leiros, I.'    2 ? 
primary 'Smalas, A.O.'  3 ? 
primary 'Mcsweeney, S.' 4 ? 
# 
_cell.entry_id           2C2Q 
_cell.length_a           102.491 
_cell.length_b           102.491 
_cell.length_c           37.576 
_cell.angle_alpha        90.00 
_cell.angle_beta         90.00 
_cell.angle_gamma        120.00 
_cell.Z_PDB              6 
_cell.pdbx_unique_axis   ? 
# 
_symmetry.entry_id                         2C2Q 
_symmetry.space_group_name_H-M             'P 6' 
_symmetry.pdbx_full_space_group_name_H-M   ? 
_symmetry.cell_setting                     ? 
_symmetry.Int_Tables_number                168 
# 
loop_
_entity.id 
_entity.type 
_entity.src_method 
_entity.pdbx_description 
_entity.formula_weight 
_entity.pdbx_number_of_molecules 
_entity.pdbx_ec 
_entity.pdbx_mutation 
_entity.pdbx_fragment 
_entity.details 
1 polymer     man 'G/U MISMATCH-SPECIFIC DNA GLYCOSYLASE' 21741.574 1   3.2.2.- YES ? 
'ACETATE BOUND IN THE SUBSTRATE POCKET. INACTIVE MUTANT ASP93ALA.' 
2 non-polymer syn 'ACETATE ION'                           59.044    1   ?       ?   ? ? 
3 water       nat water                                   18.015    160 ?       ?   ? ? 
# 
_entity_name_com.entity_id   1 
_entity_name_com.name        'MISMATCH-SPECIFIC URACIL-DNA GLYCOSYLASE' 
# 
_entity_poly.entity_id                      1 
_entity_poly.type                           'polypeptide(L)' 
_entity_poly.nstd_linkage                   no 
_entity_poly.nstd_monomer                   no 
_entity_poly.pdbx_seq_one_letter_code       
;MTAPHDVPDLTGSGEYLVPDVLQPGLTLVLVGTAPSGISARARAYYANPENKFWRTLHAVGLTPRQLVPQEYATLPQYGL
GLTDVAKRHSGVAAALPGEAWRPDELRRKVEHYRPRIVAFTSKRGASETLGVPTGKLPYGPQPQPLDWPAETELWVLPST
SPLGHNHFRLEPWQALGDRVRELRGAAEAGNPSPETPVL
;
_entity_poly.pdbx_seq_one_letter_code_can   
;MTAPHDVPDLTGSGEYLVPDVLQPGLTLVLVGTAPSGISARARAYYANPENKFWRTLHAVGLTPRQLVPQEYATLPQYGL
GLTDVAKRHSGVAAALPGEAWRPDELRRKVEHYRPRIVAFTSKRGASETLGVPTGKLPYGPQPQPLDWPAETELWVLPST
SPLGHNHFRLEPWQALGDRVRELRGAAEAGNPSPETPVL
;
_entity_poly.pdbx_strand_id                 A 
_entity_poly.pdbx_target_identifier         ? 
# 
loop_
_entity_poly_seq.entity_id 
_entity_poly_seq.num 
_entity_poly_seq.mon_id 
_entity_poly_seq.hetero 
1 1   MET n 
1 2   THR n 
1 3   ALA n 
1 4   PRO n 
1 5   HIS n 
1 6   ASP n 
1 7   VAL n 
1 8   PRO n 
1 9   ASP n 
1 10  LEU n 
1 11  THR n 
1 12  GLY n 
1 13  SER n 
1 14  GLY n 
1 15  GLU n 
1 16  TYR n 
1 17  LEU n 
1 18  VAL n 
1 19  PRO n 
1 20  ASP n 
1 21  VAL n 
1 22  LEU n 
1 23  GLN n 
1 24  PRO n 
1 25  GLY n 
1 26  LEU n 
1 27  THR n 
1 28  LEU n 
1 29  VAL n 
1 30  LEU n 
1 31  VAL n 
1 32  GLY n 
1 33  THR n 
1 34  ALA n 
1 35  PRO n 
1 36  SER n 
1 37  GLY n 
1 38  ILE n 
1 39  SER n 
1 40  ALA n 
1 41  ARG n 
1 42  ALA n 
1 43  ARG n 
1 44  ALA n 
1 45  TYR n 
1 46  TYR n 
1 47  ALA n 
1 48  ASN n 
1 49  PRO n 
1 50  GLU n 
1 51  ASN n 
1 52  LYS n 
1 53  PHE n 
1 54  TRP n 
1 55  ARG n 
1 56  THR n 
1 57  LEU n 
1 58  HIS n 
1 59  ALA n 
1 60  VAL n 
1 61  GLY n 
1 62  LEU n 
1 63  THR n 
1 64  PRO n 
1 65  ARG n 
1 66  GLN n 
1 67  LEU n 
1 68  VAL n 
1 69  PRO n 
1 70  GLN n 
1 71  GLU n 
1 72  TYR n 
1 73  ALA n 
1 74  THR n 
1 75  LEU n 
1 76  PRO n 
1 77  GLN n 
1 78  TYR n 
1 79  GLY n 
1 80  LEU n 
1 81  GLY n 
1 82  LEU n 
1 83  THR n 
1 84  ASP n 
1 85  VAL n 
1 86  ALA n 
1 87  LYS n 
1 88  ARG n 
1 89  HIS n 
1 90  SER n 
1 91  GLY n 
1 92  VAL n 
1 93  ALA n 
1 94  ALA n 
1 95  ALA n 
1 96  LEU n 
1 97  PRO n 
1 98  GLY n 
1 99  GLU n 
1 100 ALA n 
1 101 TRP n 
1 102 ARG n 
1 103 PRO n 
1 104 ASP n 
1 105 GLU n 
1 106 LEU n 
1 107 ARG n 
1 108 ARG n 
1 109 LYS n 
1 110 VAL n 
1 111 GLU n 
1 112 HIS n 
1 113 TYR n 
1 114 ARG n 
1 115 PRO n 
1 116 ARG n 
1 117 ILE n 
1 118 VAL n 
1 119 ALA n 
1 120 PHE n 
1 121 THR n 
1 122 SER n 
1 123 LYS n 
1 124 ARG n 
1 125 GLY n 
1 126 ALA n 
1 127 SER n 
1 128 GLU n 
1 129 THR n 
1 130 LEU n 
1 131 GLY n 
1 132 VAL n 
1 133 PRO n 
1 134 THR n 
1 135 GLY n 
1 136 LYS n 
1 137 LEU n 
1 138 PRO n 
1 139 TYR n 
1 140 GLY n 
1 141 PRO n 
1 142 GLN n 
1 143 PRO n 
1 144 GLN n 
1 145 PRO n 
1 146 LEU n 
1 147 ASP n 
1 148 TRP n 
1 149 PRO n 
1 150 ALA n 
1 151 GLU n 
1 152 THR n 
1 153 GLU n 
1 154 LEU n 
1 155 TRP n 
1 156 VAL n 
1 157 LEU n 
1 158 PRO n 
1 159 SER n 
1 160 THR n 
1 161 SER n 
1 162 PRO n 
1 163 LEU n 
1 164 GLY n 
1 165 HIS n 
1 166 ASN n 
1 167 HIS n 
1 168 PHE n 
1 169 ARG n 
1 170 LEU n 
1 171 GLU n 
1 172 PRO n 
1 173 TRP n 
1 174 GLN n 
1 175 ALA n 
1 176 LEU n 
1 177 GLY n 
1 178 ASP n 
1 179 ARG n 
1 180 VAL n 
1 181 ARG n 
1 182 GLU n 
1 183 LEU n 
1 184 ARG n 
1 185 GLY n 
1 186 ALA n 
1 187 ALA n 
1 188 GLU n 
1 189 ALA n 
1 190 GLY n 
1 191 ASN n 
1 192 PRO n 
1 193 SER n 
1 194 PRO n 
1 195 GLU n 
1 196 THR n 
1 197 PRO n 
1 198 VAL n 
1 199 LEU n 
# 
_entity_src_gen.entity_id                          1 
_entity_src_gen.pdbx_src_id                        1 
_entity_src_gen.pdbx_alt_source_flag               sample 
_entity_src_gen.pdbx_seq_type                      ? 
_entity_src_gen.pdbx_beg_seq_num                   ? 
_entity_src_gen.pdbx_end_seq_num                   ? 
_entity_src_gen.gene_src_common_name               ? 
_entity_src_gen.gene_src_genus                     ? 
_entity_src_gen.pdbx_gene_src_gene                 ? 
_entity_src_gen.gene_src_species                   ? 
_entity_src_gen.gene_src_strain                    R1 
_entity_src_gen.gene_src_tissue                    ? 
_entity_src_gen.gene_src_tissue_fraction           ? 
_entity_src_gen.gene_src_details                   ? 
_entity_src_gen.pdbx_gene_src_fragment             ? 
_entity_src_gen.pdbx_gene_src_scientific_name      'DEINOCOCCUS RADIODURANS' 
_entity_src_gen.pdbx_gene_src_ncbi_taxonomy_id     243230 
_entity_src_gen.pdbx_gene_src_variant              ? 
_entity_src_gen.pdbx_gene_src_cell_line            ? 
_entity_src_gen.pdbx_gene_src_atcc                 ? 
_entity_src_gen.pdbx_gene_src_organ                ? 
_entity_src_gen.pdbx_gene_src_organelle            ? 
_entity_src_gen.pdbx_gene_src_cell                 ? 
_entity_src_gen.pdbx_gene_src_cellular_location    ? 
_entity_src_gen.host_org_common_name               ? 
_entity_src_gen.pdbx_host_org_scientific_name      'ESCHERICHIA COLI' 
_entity_src_gen.pdbx_host_org_ncbi_taxonomy_id     469008 
_entity_src_gen.host_org_genus                     ? 
_entity_src_gen.pdbx_host_org_gene                 ? 
_entity_src_gen.pdbx_host_org_organ                ? 
_entity_src_gen.host_org_species                   ? 
_entity_src_gen.pdbx_host_org_tissue               ? 
_entity_src_gen.pdbx_host_org_tissue_fraction      ? 
_entity_src_gen.pdbx_host_org_strain               'BL21(DE3)' 
_entity_src_gen.pdbx_host_org_variant              ? 
_entity_src_gen.pdbx_host_org_cell_line            ? 
_entity_src_gen.pdbx_host_org_atcc                 ? 
_entity_src_gen.pdbx_host_org_culture_collection   ? 
_entity_src_gen.pdbx_host_org_cell                 ? 
_entity_src_gen.pdbx_host_org_organelle            ? 
_entity_src_gen.pdbx_host_org_cellular_location    ? 
_entity_src_gen.pdbx_host_org_vector_type          ? 
_entity_src_gen.pdbx_host_org_vector               ? 
_entity_src_gen.host_org_details                   ? 
_entity_src_gen.expression_system_id               ? 
_entity_src_gen.plasmid_name                       ? 
_entity_src_gen.plasmid_details                    ? 
_entity_src_gen.pdbx_description                   ? 
# 
_struct_ref.id                         1 
_struct_ref.db_name                    UNP 
_struct_ref.db_code                    Q9RWF4_DEIRA 
_struct_ref.entity_id                  1 
_struct_ref.pdbx_seq_one_letter_code   ? 
_struct_ref.pdbx_align_begin           ? 
_struct_ref.pdbx_db_accession          Q9RWF4 
_struct_ref.pdbx_db_isoform            ? 
# 
_struct_ref_seq.align_id                      1 
_struct_ref_seq.ref_id                        1 
_struct_ref_seq.pdbx_PDB_id_code              2C2Q 
_struct_ref_seq.pdbx_strand_id                A 
_struct_ref_seq.seq_align_beg                 1 
_struct_ref_seq.pdbx_seq_align_beg_ins_code   ? 
_struct_ref_seq.seq_align_end                 199 
_struct_ref_seq.pdbx_seq_align_end_ins_code   ? 
_struct_ref_seq.pdbx_db_accession             Q9RWF4 
_struct_ref_seq.db_align_beg                  1 
_struct_ref_seq.pdbx_db_align_beg_ins_code    ? 
_struct_ref_seq.db_align_end                  199 
_struct_ref_seq.pdbx_db_align_end_ins_code    ? 
_struct_ref_seq.pdbx_auth_seq_align_beg       1 
_struct_ref_seq.pdbx_auth_seq_align_end       199 
# 
_struct_ref_seq_dif.align_id                     1 
_struct_ref_seq_dif.pdbx_pdb_id_code             2C2Q 
_struct_ref_seq_dif.mon_id                       ALA 
_struct_ref_seq_dif.pdbx_pdb_strand_id           A 
_struct_ref_seq_dif.seq_num                      93 
_struct_ref_seq_dif.pdbx_pdb_ins_code            ? 
_struct_ref_seq_dif.pdbx_seq_db_name             PDB 
_struct_ref_seq_dif.pdbx_seq_db_accession_code   Q9RWF4 
_struct_ref_seq_dif.db_mon_id                    ASP 
_struct_ref_seq_dif.pdbx_seq_db_seq_num          93 
_struct_ref_seq_dif.details                      'engineered mutation' 
_struct_ref_seq_dif.pdbx_auth_seq_num            93 
_struct_ref_seq_dif.pdbx_ordinal                 1 
# 
loop_
_chem_comp.id 
_chem_comp.type 
_chem_comp.mon_nstd_flag 
_chem_comp.name 
_chem_comp.pdbx_synonyms 
_chem_comp.formula 
_chem_comp.formula_weight 
ACT non-polymer         . 'ACETATE ION'   ? 'C2 H3 O2 -1'    59.044  
ALA 'L-peptide linking' y ALANINE         ? 'C3 H7 N O2'     89.093  
ARG 'L-peptide linking' y ARGININE        ? 'C6 H15 N4 O2 1' 175.209 
ASN 'L-peptide linking' y ASPARAGINE      ? 'C4 H8 N2 O3'    132.118 
ASP 'L-peptide linking' y 'ASPARTIC ACID' ? 'C4 H7 N O4'     133.103 
GLN 'L-peptide linking' y GLUTAMINE       ? 'C5 H10 N2 O3'   146.144 
GLU 'L-peptide linking' y 'GLUTAMIC ACID' ? 'C5 H9 N O4'     147.129 
GLY 'peptide linking'   y GLYCINE         ? 'C2 H5 N O2'     75.067  
HIS 'L-peptide linking' y HISTIDINE       ? 'C6 H10 N3 O2 1' 156.162 
HOH non-polymer         . WATER           ? 'H2 O'           18.015  
ILE 'L-peptide linking' y ISOLEUCINE      ? 'C6 H13 N O2'    131.173 
LEU 'L-peptide linking' y LEUCINE         ? 'C6 H13 N O2'    131.173 
LYS 'L-peptide linking' y LYSINE          ? 'C6 H15 N2 O2 1' 147.195 
MET 'L-peptide linking' y METHIONINE      ? 'C5 H11 N O2 S'  149.211 
PHE 'L-peptide linking' y PHENYLALANINE   ? 'C9 H11 N O2'    165.189 
PRO 'L-peptide linking' y PROLINE         ? 'C5 H9 N O2'     115.130 
SER 'L-peptide linking' y SERINE          ? 'C3 H7 N O3'     105.093 
THR 'L-peptide linking' y THREONINE       ? 'C4 H9 N O3'     119.119 
TRP 'L-peptide linking' y TRYPTOPHAN      ? 'C11 H12 N2 O2'  204.225 
TYR 'L-peptide linking' y TYROSINE        ? 'C9 H11 N O3'    181.189 
VAL 'L-peptide linking' y VALINE          ? 'C5 H11 N O2'    117.146 
# 
_exptl.entry_id          2C2Q 
_exptl.method            'X-RAY DIFFRACTION' 
_exptl.crystals_number   1 
# 
_exptl_crystal.id                    1 
_exptl_crystal.density_meas          ? 
_exptl_crystal.density_Matthews      2.6 
_exptl_crystal.density_percent_sol   51.8 
_exptl_crystal.description           ? 
# 
_exptl_crystal_grow.crystal_id      1 
_exptl_crystal_grow.method          ? 
_exptl_crystal_grow.temp            ? 
_exptl_crystal_grow.temp_details    ? 
_exptl_crystal_grow.pH              6.50 
_exptl_crystal_grow.pdbx_pH_range   ? 
_exptl_crystal_grow.pdbx_details    '0.2 M SODIUM ACETATE TRIHYDRATE, 0.1 M SODIUM CACODYLATE PH 6.5, 30% W/V PEG 8000' 
# 
_diffrn.id                     1 
_diffrn.ambient_temp           100.0 
_diffrn.ambient_temp_details   ? 
_diffrn.crystal_id             1 
# 
_diffrn_detector.diffrn_id              1 
_diffrn_detector.detector               CCD 
_diffrn_detector.type                   'ADSC CCD' 
_diffrn_detector.pdbx_collection_date   2004-11-03 
_diffrn_detector.details                ? 
# 
_diffrn_radiation.diffrn_id                        1 
_diffrn_radiation.wavelength_id                    1 
_diffrn_radiation.pdbx_monochromatic_or_laue_m_l   M 
_diffrn_radiation.monochromator                    ? 
_diffrn_radiation.pdbx_diffrn_protocol             'SINGLE WAVELENGTH' 
_diffrn_radiation.pdbx_scattering_type             x-ray 
# 
_diffrn_radiation_wavelength.id           1 
_diffrn_radiation_wavelength.wavelength   0.934 
_diffrn_radiation_wavelength.wt           1.0 
# 
_diffrn_source.diffrn_id                   1 
_diffrn_source.source                      SYNCHROTRON 
_diffrn_source.type                        'ESRF BEAMLINE ID14-1' 
_diffrn_source.pdbx_synchrotron_site       ESRF 
_diffrn_source.pdbx_synchrotron_beamline   ID14-1 
_diffrn_source.pdbx_wavelength             0.934 
_diffrn_source.pdbx_wavelength_list        ? 
# 
_reflns.pdbx_diffrn_id               1 
_reflns.pdbx_ordinal                 1 
_reflns.entry_id                     2C2Q 
_reflns.observed_criterion_sigma_I   0.000 
_reflns.observed_criterion_sigma_F   ? 
_reflns.d_resolution_low             37.600 
_reflns.d_resolution_high            1.700 
_reflns.number_obs                   25019 
_reflns.number_all                   ? 
_reflns.percent_possible_obs         99.8 
_reflns.pdbx_Rmerge_I_obs            0.07000 
_reflns.pdbx_Rsym_value              ? 
_reflns.pdbx_netI_over_sigmaI        18.3000 
_reflns.B_iso_Wilson_estimate        ? 
_reflns.pdbx_redundancy              7.000 
# 
_reflns_shell.pdbx_diffrn_id         1 
_reflns_shell.pdbx_ordinal           1 
_reflns_shell.d_res_high             1.70 
_reflns_shell.d_res_low              1.79 
_reflns_shell.percent_possible_all   100.0 
_reflns_shell.Rmerge_I_obs           0.60000 
_reflns_shell.pdbx_Rsym_value        ? 
_reflns_shell.meanI_over_sigI_obs    2.700 
_reflns_shell.pdbx_redundancy        6.70 
# 
_refine.pdbx_refine_id                           'X-RAY DIFFRACTION' 
_refine.entry_id                                 2C2Q 
_refine.pdbx_diffrn_id                           1 
_refine.pdbx_TLS_residual_ADP_flag               ? 
_refine.ls_number_reflns_obs                     23788 
_refine.ls_number_reflns_all                     ? 
_refine.pdbx_ls_sigma_I                          ? 
_refine.pdbx_ls_sigma_F                          ? 
_refine.pdbx_data_cutoff_high_absF               ? 
_refine.pdbx_data_cutoff_low_absF                ? 
_refine.pdbx_data_cutoff_high_rms_absF           ? 
_refine.ls_d_res_low                             88.74 
_refine.ls_d_res_high                            1.70 
_refine.ls_percent_reflns_obs                    99.8 
_refine.ls_R_factor_obs                          0.209 
_refine.ls_R_factor_all                          ? 
_refine.ls_R_factor_R_work                       0.208 
_refine.ls_R_factor_R_free                       0.244 
_refine.ls_R_factor_R_free_error                 ? 
_refine.ls_R_factor_R_free_error_details         ? 
_refine.ls_percent_reflns_R_free                 5.100 
_refine.ls_number_reflns_R_free                  1278 
_refine.ls_number_parameters                     ? 
_refine.ls_number_restraints                     ? 
_refine.occupancy_min                            ? 
_refine.occupancy_max                            ? 
_refine.correlation_coeff_Fo_to_Fc               0.952 
_refine.correlation_coeff_Fo_to_Fc_free          0.929 
_refine.B_iso_mean                               24.80 
_refine.aniso_B[1][1]                            0.89000 
_refine.aniso_B[2][2]                            0.89000 
_refine.aniso_B[3][3]                            -1.33000 
_refine.aniso_B[1][2]                            0.44000 
_refine.aniso_B[1][3]                            0.00000 
_refine.aniso_B[2][3]                            0.00000 
_refine.solvent_model_details                    MASK 
_refine.solvent_model_param_ksol                 ? 
_refine.solvent_model_param_bsol                 ? 
_refine.pdbx_solvent_vdw_probe_radii             1.20 
_refine.pdbx_solvent_ion_probe_radii             0.80 
_refine.pdbx_solvent_shrinkage_radii             0.80 
_refine.pdbx_ls_cross_valid_method               THROUGHOUT 
_refine.details                                  
;HYDROGENS HAVE BEEN ADDED IN THE RIDING POSITIONS. RESIDUES 1-6 AND 190-199 ARE DISORDERED AND THEREFORE NOT MODELLED. INACTIVE MUTANT ASP93ALA
;
_refine.pdbx_starting_model                      'PDB ENTRY 2C2P' 
_refine.pdbx_method_to_determine_struct          'MOLECULAR REPLACEMENT' 
_refine.pdbx_isotropic_thermal_model             ? 
_refine.pdbx_stereochemistry_target_values       'MAXIMUM LIKELIHOOD' 
_refine.pdbx_stereochem_target_val_spec_case     ? 
_refine.pdbx_R_Free_selection_details            RANDOM 
_refine.pdbx_overall_ESU_R                       0.108 
_refine.pdbx_overall_ESU_R_Free                  0.109 
_refine.overall_SU_ML                            0.078 
_refine.pdbx_overall_phase_error                 ? 
_refine.overall_SU_B                             2.353 
_refine.overall_SU_R_Cruickshank_DPI             ? 
_refine.pdbx_overall_SU_R_free_Cruickshank_DPI   ? 
_refine.pdbx_overall_SU_R_Blow_DPI               ? 
_refine.pdbx_overall_SU_R_free_Blow_DPI          ? 
# 
_refine_hist.pdbx_refine_id                   'X-RAY DIFFRACTION' 
_refine_hist.cycle_id                         LAST 
_refine_hist.pdbx_number_atoms_protein        1423 
_refine_hist.pdbx_number_atoms_nucleic_acid   0 
_refine_hist.pdbx_number_atoms_ligand         4 
_refine_hist.number_atoms_solvent             160 
_refine_hist.number_atoms_total               1587 
_refine_hist.d_res_high                       1.70 
_refine_hist.d_res_low                        88.74 
# 
loop_
_refine_ls_restr.type 
_refine_ls_restr.dev_ideal 
_refine_ls_restr.dev_ideal_target 
_refine_ls_restr.weight 
_refine_ls_restr.number 
_refine_ls_restr.pdbx_refine_id 
_refine_ls_restr.pdbx_restraint_function 
r_bond_refined_d             0.021  0.021  ? 1470 'X-RAY DIFFRACTION' ? 
r_bond_other_d               ?      ?      ? ?    'X-RAY DIFFRACTION' ? 
r_angle_refined_deg          1.877  1.952  ? 2013 'X-RAY DIFFRACTION' ? 
r_angle_other_deg            ?      ?      ? ?    'X-RAY DIFFRACTION' ? 
r_dihedral_angle_1_deg       8.273  5.000  ? 182  'X-RAY DIFFRACTION' ? 
r_dihedral_angle_2_deg       33.949 22.063 ? 63   'X-RAY DIFFRACTION' ? 
r_dihedral_angle_3_deg       14.754 15.000 ? 216  'X-RAY DIFFRACTION' ? 
r_dihedral_angle_4_deg       19.371 15.000 ? 15   'X-RAY DIFFRACTION' ? 
r_chiral_restr               0.141  0.200  ? 217  'X-RAY DIFFRACTION' ? 
r_gen_planes_refined         0.009  0.020  ? 1156 'X-RAY DIFFRACTION' ? 
r_gen_planes_other           ?      ?      ? ?    'X-RAY DIFFRACTION' ? 
r_nbd_refined                0.219  0.200  ? 808  'X-RAY DIFFRACTION' ? 
r_nbd_other                  ?      ?      ? ?    'X-RAY DIFFRACTION' ? 
r_nbtor_refined              0.312  0.200  ? 992  'X-RAY DIFFRACTION' ? 
r_nbtor_other                ?      ?      ? ?    'X-RAY DIFFRACTION' ? 
r_xyhbond_nbd_refined        0.147  0.200  ? 150  'X-RAY DIFFRACTION' ? 
r_xyhbond_nbd_other          ?      ?      ? ?    'X-RAY DIFFRACTION' ? 
r_metal_ion_refined          ?      ?      ? ?    'X-RAY DIFFRACTION' ? 
r_metal_ion_other            ?      ?      ? ?    'X-RAY DIFFRACTION' ? 
r_symmetry_vdw_refined       0.303  0.200  ? 38   'X-RAY DIFFRACTION' ? 
r_symmetry_vdw_other         ?      ?      ? ?    'X-RAY DIFFRACTION' ? 
r_symmetry_hbond_refined     0.149  0.200  ? 19   'X-RAY DIFFRACTION' ? 
r_symmetry_hbond_other       ?      ?      ? ?    'X-RAY DIFFRACTION' ? 
r_symmetry_metal_ion_refined ?      ?      ? ?    'X-RAY DIFFRACTION' ? 
r_symmetry_metal_ion_other   ?      ?      ? ?    'X-RAY DIFFRACTION' ? 
r_mcbond_it                  1.377  1.500  ? 943  'X-RAY DIFFRACTION' ? 
r_mcbond_other               ?      ?      ? ?    'X-RAY DIFFRACTION' ? 
r_mcangle_it                 2.040  2.000  ? 1481 'X-RAY DIFFRACTION' ? 
r_mcangle_other              ?      ?      ? ?    'X-RAY DIFFRACTION' ? 
r_scbond_it                  2.803  3.000  ? 612  'X-RAY DIFFRACTION' ? 
r_scbond_other               ?      ?      ? ?    'X-RAY DIFFRACTION' ? 
r_scangle_it                 4.137  4.500  ? 532  'X-RAY DIFFRACTION' ? 
r_scangle_other              ?      ?      ? ?    'X-RAY DIFFRACTION' ? 
r_long_range_B_refined       ?      ?      ? ?    'X-RAY DIFFRACTION' ? 
r_long_range_B_other         ?      ?      ? ?    'X-RAY DIFFRACTION' ? 
r_rigid_bond_restr           ?      ?      ? ?    'X-RAY DIFFRACTION' ? 
r_sphericity_free            ?      ?      ? ?    'X-RAY DIFFRACTION' ? 
r_sphericity_bonded          ?      ?      ? ?    'X-RAY DIFFRACTION' ? 
# 
_refine_ls_shell.pdbx_refine_id                   'X-RAY DIFFRACTION' 
_refine_ls_shell.pdbx_total_number_of_bins_used   20 
_refine_ls_shell.d_res_high                       1.70 
_refine_ls_shell.d_res_low                        1.74 
_refine_ls_shell.number_reflns_R_work             1741 
_refine_ls_shell.R_factor_R_work                  0.3190 
_refine_ls_shell.percent_reflns_obs               ? 
_refine_ls_shell.R_factor_R_free                  0.4140 
_refine_ls_shell.R_factor_R_free_error            ? 
_refine_ls_shell.percent_reflns_R_free            ? 
_refine_ls_shell.number_reflns_R_free             83 
_refine_ls_shell.number_reflns_all                ? 
_refine_ls_shell.R_factor_all                     ? 
# 
_struct.entry_id                  2C2Q 
_struct.title                     
'The crystal structure of mismatch specific uracil-DNA glycosylase (MUG) from Deinococcus radiodurans. Inactive mutant Asp93Ala.' 
_struct.pdbx_model_details        ? 
_struct.pdbx_CASP_flag            ? 
_struct.pdbx_model_type_details   ? 
# 
_struct_keywords.entry_id        2C2Q 
_struct_keywords.pdbx_keywords   HYDROLASE 
_struct_keywords.text            
;DEINOCOCCUS RADIODURANS, RADIATION RESISTANCE, DNA REPAIR ENZYMES, URACIL-DNA GLYCOSYLASE, MISMATCH SPECIFIC DNA-GLYCOSYLASE, MUG, HYDROLASE
;
# 
loop_
_struct_asym.id 
_struct_asym.pdbx_blank_PDB_chainid_flag 
_struct_asym.pdbx_modified 
_struct_asym.entity_id 
_struct_asym.details 
A N N 1 ? 
B N N 2 ? 
C N N 3 ? 
# 
_struct_biol.id   1 
# 
loop_
_struct_conf.conf_type_id 
_struct_conf.id 
_struct_conf.pdbx_PDB_helix_id 
_struct_conf.beg_label_comp_id 
_struct_conf.beg_label_asym_id 
_struct_conf.beg_label_seq_id 
_struct_conf.pdbx_beg_PDB_ins_code 
_struct_conf.end_label_comp_id 
_struct_conf.end_label_asym_id 
_struct_conf.end_label_seq_id 
_struct_conf.pdbx_end_PDB_ins_code 
_struct_conf.beg_auth_comp_id 
_struct_conf.beg_auth_asym_id 
_struct_conf.beg_auth_seq_id 
_struct_conf.end_auth_comp_id 
_struct_conf.end_auth_asym_id 
_struct_conf.end_auth_seq_id 
_struct_conf.pdbx_PDB_helix_class 
_struct_conf.details 
_struct_conf.pdbx_PDB_helix_length 
HELX_P HELX_P1  1  SER A 36  ? ARG A 43  ? SER A 36  ARG A 43  1 ? 8  
HELX_P HELX_P2  2  LYS A 52  ? VAL A 60  ? LYS A 52  VAL A 60  1 ? 9  
HELX_P HELX_P3  3  VAL A 68  ? TYR A 78  ? VAL A 68  TYR A 78  5 ? 11 
HELX_P HELX_P4  4  VAL A 92  ? LEU A 96  ? VAL A 92  LEU A 96  5 ? 5  
HELX_P HELX_P5  5  PRO A 97  ? TRP A 101 ? PRO A 97  TRP A 101 5 ? 5  
HELX_P HELX_P6  6  ARG A 102 ? ARG A 114 ? ARG A 102 ARG A 114 1 ? 13 
HELX_P HELX_P7  7  SER A 122 ? GLY A 131 ? SER A 122 GLY A 131 1 ? 10 
HELX_P HELX_P8  8  PRO A 133 ? LEU A 137 ? PRO A 133 LEU A 137 5 ? 5  
HELX_P HELX_P9  9  SER A 161 ? HIS A 165 ? SER A 161 HIS A 165 5 ? 5  
HELX_P HELX_P10 10 LEU A 170 ? ALA A 189 ? LEU A 170 ALA A 189 1 ? 20 
# 
_struct_conf_type.id          HELX_P 
_struct_conf_type.criteria    ? 
_struct_conf_type.reference   ? 
# 
_struct_mon_prot_cis.pdbx_id                1 
_struct_mon_prot_cis.label_comp_id          LEU 
_struct_mon_prot_cis.label_seq_id           146 
_struct_mon_prot_cis.label_asym_id          A 
_struct_mon_prot_cis.label_alt_id           . 
_struct_mon_prot_cis.pdbx_PDB_ins_code      ? 
_struct_mon_prot_cis.auth_comp_id           LEU 
_struct_mon_prot_cis.auth_seq_id            146 
_struct_mon_prot_cis.auth_asym_id           A 
_struct_mon_prot_cis.pdbx_label_comp_id_2   ASP 
_struct_mon_prot_cis.pdbx_label_seq_id_2    147 
_struct_mon_prot_cis.pdbx_label_asym_id_2   A 
_struct_mon_prot_cis.pdbx_PDB_ins_code_2    ? 
_struct_mon_prot_cis.pdbx_auth_comp_id_2    ASP 
_struct_mon_prot_cis.pdbx_auth_seq_id_2     147 
_struct_mon_prot_cis.pdbx_auth_asym_id_2    A 
_struct_mon_prot_cis.pdbx_PDB_model_num     1 
_struct_mon_prot_cis.pdbx_omega_angle       -25.34 
# 
_struct_sheet.id               AA 
_struct_sheet.type             ? 
_struct_sheet.number_strands   5 
_struct_sheet.details          ? 
# 
loop_
_struct_sheet_order.sheet_id 
_struct_sheet_order.range_id_1 
_struct_sheet_order.range_id_2 
_struct_sheet_order.offset 
_struct_sheet_order.sense 
AA 1 2 ? parallel      
AA 2 3 ? parallel      
AA 3 4 ? parallel      
AA 4 5 ? anti-parallel 
# 
loop_
_struct_sheet_range.sheet_id 
_struct_sheet_range.id 
_struct_sheet_range.beg_label_comp_id 
_struct_sheet_range.beg_label_asym_id 
_struct_sheet_range.beg_label_seq_id 
_struct_sheet_range.pdbx_beg_PDB_ins_code 
_struct_sheet_range.end_label_comp_id 
_struct_sheet_range.end_label_asym_id 
_struct_sheet_range.end_label_seq_id 
_struct_sheet_range.pdbx_end_PDB_ins_code 
_struct_sheet_range.beg_auth_comp_id 
_struct_sheet_range.beg_auth_asym_id 
_struct_sheet_range.beg_auth_seq_id 
_struct_sheet_range.end_auth_comp_id 
_struct_sheet_range.end_auth_asym_id 
_struct_sheet_range.end_auth_seq_id 
AA 1 LEU A 80  ? ASP A 84  ? LEU A 80  ASP A 84  
AA 2 LEU A 28  ? GLY A 32  ? LEU A 28  GLY A 32  
AA 3 ILE A 117 ? PHE A 120 ? ILE A 117 PHE A 120 
AA 4 GLU A 153 ? VAL A 156 ? GLU A 153 VAL A 156 
AA 5 GLY A 140 ? PRO A 141 ? GLY A 140 PRO A 141 
# 
loop_
_pdbx_struct_sheet_hbond.sheet_id 
_pdbx_struct_sheet_hbond.range_id_1 
_pdbx_struct_sheet_hbond.range_id_2 
_pdbx_struct_sheet_hbond.range_1_label_atom_id 
_pdbx_struct_sheet_hbond.range_1_label_comp_id 
_pdbx_struct_sheet_hbond.range_1_label_asym_id 
_pdbx_struct_sheet_hbond.range_1_label_seq_id 
_pdbx_struct_sheet_hbond.range_1_PDB_ins_code 
_pdbx_struct_sheet_hbond.range_1_auth_atom_id 
_pdbx_struct_sheet_hbond.range_1_auth_comp_id 
_pdbx_struct_sheet_hbond.range_1_auth_asym_id 
_pdbx_struct_sheet_hbond.range_1_auth_seq_id 
_pdbx_struct_sheet_hbond.range_2_label_atom_id 
_pdbx_struct_sheet_hbond.range_2_label_comp_id 
_pdbx_struct_sheet_hbond.range_2_label_asym_id 
_pdbx_struct_sheet_hbond.range_2_label_seq_id 
_pdbx_struct_sheet_hbond.range_2_PDB_ins_code 
_pdbx_struct_sheet_hbond.range_2_auth_atom_id 
_pdbx_struct_sheet_hbond.range_2_auth_comp_id 
_pdbx_struct_sheet_hbond.range_2_auth_asym_id 
_pdbx_struct_sheet_hbond.range_2_auth_seq_id 
AA 1 2 N GLY A 81  ? N GLY A 81  O LEU A 28  ? O LEU A 28  
AA 2 3 N VAL A 29  ? N VAL A 29  O ILE A 117 ? O ILE A 117 
AA 3 4 N VAL A 118 ? N VAL A 118 O GLU A 153 ? O GLU A 153 
AA 4 5 N VAL A 156 ? N VAL A 156 O GLY A 140 ? O GLY A 140 
# 
_struct_site.id                   AC1 
_struct_site.pdbx_evidence_code   Software 
_struct_site.pdbx_auth_asym_id    ? 
_struct_site.pdbx_auth_comp_id    ? 
_struct_site.pdbx_auth_seq_id     ? 
_struct_site.pdbx_auth_ins_code   ? 
_struct_site.pdbx_num_residues    7 
_struct_site.details              'BINDING SITE FOR RESIDUE ACT A1190' 
# 
loop_
_struct_site_gen.id 
_struct_site_gen.site_id 
_struct_site_gen.pdbx_num_res 
_struct_site_gen.label_comp_id 
_struct_site_gen.label_asym_id 
_struct_site_gen.label_seq_id 
_struct_site_gen.pdbx_auth_ins_code 
_struct_site_gen.auth_comp_id 
_struct_site_gen.auth_asym_id 
_struct_site_gen.auth_seq_id 
_struct_site_gen.label_atom_id 
_struct_site_gen.label_alt_id 
_struct_site_gen.symmetry 
_struct_site_gen.details 
1 AC1 7 PRO A 35 ? PRO A 35   . ? 1_555 ? 
2 AC1 7 TYR A 45 ? TYR A 45   . ? 1_555 ? 
3 AC1 7 TYR A 46 ? TYR A 46   . ? 1_555 ? 
4 AC1 7 ASP A 84 ? ASP A 84   . ? 1_555 ? 
5 AC1 7 HOH C .  ? HOH A 2025 . ? 1_555 ? 
6 AC1 7 HOH C .  ? HOH A 2159 . ? 1_555 ? 
7 AC1 7 HOH C .  ? HOH A 2160 . ? 1_555 ? 
# 
_atom_sites.entry_id                    2C2Q 
_atom_sites.fract_transf_matrix[1][1]   -0.00463688 
_atom_sites.fract_transf_matrix[1][2]   -0.00149656 
_atom_sites.fract_transf_matrix[1][3]   -0.01015822 
_atom_sites.fract_transf_matrix[2][1]   0.00446072 
_atom_sites.fract_transf_matrix[2][2]   0.00505214 
_atom_sites.fract_transf_matrix[2][3]   -0.00902777 
_atom_sites.fract_transf_matrix[3][1]   0.01569614 
_atom_sites.fract_transf_matrix[3][2]   -0.02110537 
_atom_sites.fract_transf_matrix[3][3]   -0.00405540 
_atom_sites.fract_transf_vector[1]      0.340567 
_atom_sites.fract_transf_vector[2]      0.360026 
_atom_sites.fract_transf_vector[3]      -0.007433 
# 
loop_
_atom_type.symbol 
C 
N 
O 
# 
loop_
_atom_site.group_PDB 
_atom_site.id 
_atom_site.type_symbol 
_atom_site.label_atom_id 
_atom_site.label_alt_id 
_atom_site.label_comp_id 
_atom_site.label_asym_id 
_atom_site.label_entity_id 
_atom_site.label_seq_id 
_atom_site.pdbx_PDB_ins_code 
_atom_site.Cartn_x 
_atom_site.Cartn_y 
_atom_site.Cartn_z 
_atom_site.occupancy 
_atom_site.B_iso_or_equiv 
_atom_site.pdbx_formal_charge 
_atom_site.auth_seq_id 
_atom_site.auth_comp_id 
_atom_site.auth_asym_id 
_atom_site.auth_atom_id 
_atom_site.pdbx_PDB_model_num 
ATOM   1    N N   . VAL A 1 7   ? -8.829  -14.919 -9.848  1.00 30.85 ? 7    VAL A N   1 
ATOM   2    C CA  . VAL A 1 7   ? -8.277  -13.639 -9.251  1.00 30.46 ? 7    VAL A CA  1 
ATOM   3    C C   . VAL A 1 7   ? -9.132  -12.495 -9.806  1.00 28.30 ? 7    VAL A C   1 
ATOM   4    O O   . VAL A 1 7   ? -9.503  -12.545 -10.980 1.00 28.99 ? 7    VAL A O   1 
ATOM   5    C CB  . VAL A 1 7   ? -6.726  -13.444 -9.542  1.00 30.66 ? 7    VAL A CB  1 
ATOM   6    C CG1 . VAL A 1 7   ? -6.417  -12.890 -10.958 1.00 31.80 ? 7    VAL A CG1 1 
ATOM   7    C CG2 . VAL A 1 7   ? -6.079  -12.552 -8.486  1.00 32.12 ? 7    VAL A CG2 1 
ATOM   8    N N   . PRO A 1 8   ? -9.475  -11.484 -9.006  1.00 26.50 ? 8    PRO A N   1 
ATOM   9    C CA  . PRO A 1 8   ? -10.242 -10.356 -9.564  1.00 25.36 ? 8    PRO A CA  1 
ATOM   10   C C   . PRO A 1 8   ? -9.425  -9.664  -10.684 1.00 23.46 ? 8    PRO A C   1 
ATOM   11   O O   . PRO A 1 8   ? -8.189  -9.768  -10.688 1.00 23.39 ? 8    PRO A O   1 
ATOM   12   C CB  . PRO A 1 8   ? -10.428 -9.421  -8.370  1.00 24.67 ? 8    PRO A CB  1 
ATOM   13   C CG  . PRO A 1 8   ? -10.143 -10.242 -7.142  1.00 25.49 ? 8    PRO A CG  1 
ATOM   14   C CD  . PRO A 1 8   ? -9.183  -11.298 -7.569  1.00 27.73 ? 8    PRO A CD  1 
ATOM   15   N N   . ASP A 1 9   ? -10.087 -9.027  -11.652 1.00 21.47 ? 9    ASP A N   1 
ATOM   16   C CA  . ASP A 1 9   ? -9.387  -8.125  -12.572 1.00 19.86 ? 9    ASP A CA  1 
ATOM   17   C C   . ASP A 1 9   ? -9.058  -6.809  -11.833 1.00 17.19 ? 9    ASP A C   1 
ATOM   18   O O   . ASP A 1 9   ? -9.422  -6.648  -10.712 1.00 15.88 ? 9    ASP A O   1 
ATOM   19   C CB  . ASP A 1 9   ? -10.191 -7.864  -13.839 1.00 21.25 ? 9    ASP A CB  1 
ATOM   20   C CG  . ASP A 1 9   ? -11.571 -7.219  -13.575 1.00 23.01 ? 9    ASP A CG  1 
ATOM   21   O OD1 . ASP A 1 9   ? -11.812 -6.634  -12.543 1.00 26.79 ? 9    ASP A OD1 1 
ATOM   22   O OD2 . ASP A 1 9   ? -12.532 -7.266  -14.342 1.00 27.70 ? 9    ASP A OD2 1 
ATOM   23   N N   . LEU A 1 10  ? -8.380  -5.893  -12.496 1.00 17.08 ? 10   LEU A N   1 
ATOM   24   C CA  . LEU A 1 10  ? -7.888  -4.699  -11.805 1.00 16.52 ? 10   LEU A CA  1 
ATOM   25   C C   . LEU A 1 10  ? -9.014  -3.749  -11.350 1.00 18.44 ? 10   LEU A C   1 
ATOM   26   O O   . LEU A 1 10  ? -8.804  -2.911  -10.442 1.00 15.88 ? 10   LEU A O   1 
ATOM   27   C CB  . LEU A 1 10  ? -6.933  -3.965  -12.736 1.00 14.72 ? 10   LEU A CB  1 
ATOM   28   C CG  . LEU A 1 10  ? -5.615  -4.655  -12.990 1.00 15.07 ? 10   LEU A CG  1 
ATOM   29   C CD1 . LEU A 1 10  ? -4.777  -3.860  -14.028 1.00 15.99 ? 10   LEU A CD1 1 
ATOM   30   C CD2 . LEU A 1 10  ? -4.825  -4.804  -11.655 1.00 14.82 ? 10   LEU A CD2 1 
ATOM   31   N N   . THR A 1 11  ? -10.187 -3.852  -11.991 1.00 18.81 ? 11   THR A N   1 
ATOM   32   C CA  . THR A 1 11  ? -11.329 -2.976  -11.614 1.00 19.55 ? 11   THR A CA  1 
ATOM   33   C C   . THR A 1 11  ? -12.389 -3.713  -10.806 1.00 19.98 ? 11   THR A C   1 
ATOM   34   O O   . THR A 1 11  ? -13.431 -3.153  -10.484 1.00 19.90 ? 11   THR A O   1 
ATOM   35   C CB  . THR A 1 11  ? -12.004 -2.346  -12.871 1.00 21.51 ? 11   THR A CB  1 
ATOM   36   O OG1 . THR A 1 11  ? -12.661 -3.394  -13.630 1.00 18.41 ? 11   THR A OG1 1 
ATOM   37   C CG2 . THR A 1 11  ? -10.999 -1.709  -13.874 1.00 20.94 ? 11   THR A CG2 1 
ATOM   38   N N   . GLY A 1 12  ? -12.151 -4.988  -10.503 1.00 20.48 ? 12   GLY A N   1 
ATOM   39   C CA  . GLY A 1 12  ? -13.073 -5.776  -9.697  1.00 21.70 ? 12   GLY A CA  1 
ATOM   40   C C   . GLY A 1 12  ? -14.383 -5.940  -10.473 1.00 22.10 ? 12   GLY A C   1 
ATOM   41   O O   . GLY A 1 12  ? -15.457 -5.942  -9.859  1.00 24.63 ? 12   GLY A O   1 
ATOM   42   N N   . SER A 1 13  ? -14.262 -6.068  -11.791 1.00 23.96 ? 13   SER A N   1 
ATOM   43   C CA  . SER A 1 13  ? -15.393 -6.190  -12.741 1.00 25.67 ? 13   SER A CA  1 
ATOM   44   C C   . SER A 1 13  ? -16.264 -4.929  -12.634 1.00 26.51 ? 13   SER A C   1 
ATOM   45   O O   . SER A 1 13  ? -17.491 -5.024  -12.490 1.00 27.80 ? 13   SER A O   1 
ATOM   46   C CB  . SER A 1 13  ? -16.220 -7.431  -12.429 1.00 25.48 ? 13   SER A CB  1 
ATOM   47   O OG  . SER A 1 13  ? -15.397 -8.580  -12.411 1.00 28.01 ? 13   SER A OG  1 
ATOM   48   N N   . GLY A 1 14  ? -15.599 -3.767  -12.669 1.00 25.85 ? 14   GLY A N   1 
ATOM   49   C CA  . GLY A 1 14  ? -16.231 -2.474  -12.384 1.00 26.52 ? 14   GLY A CA  1 
ATOM   50   C C   . GLY A 1 14  ? -16.786 -2.151  -10.989 1.00 25.63 ? 14   GLY A C   1 
ATOM   51   O O   . GLY A 1 14  ? -17.462 -1.131  -10.807 1.00 28.65 ? 14   GLY A O   1 
ATOM   52   N N   . GLU A 1 15  ? -16.576 -2.976  -9.988  1.00 23.88 ? 15   GLU A N   1 
ATOM   53   C CA  . GLU A 1 15  ? -17.090 -2.623  -8.679  1.00 22.37 ? 15   GLU A CA  1 
ATOM   54   C C   . GLU A 1 15  ? -16.095 -1.728  -7.916  1.00 22.00 ? 15   GLU A C   1 
ATOM   55   O O   . GLU A 1 15  ? -16.484 -1.014  -6.995  1.00 23.90 ? 15   GLU A O   1 
ATOM   56   C CB  . GLU A 1 15  ? -17.417 -3.845  -7.872  1.00 24.42 ? 15   GLU A CB  1 
ATOM   57   C CG  . GLU A 1 15  ? -18.486 -4.705  -8.571  1.00 26.97 ? 15   GLU A CG  1 
ATOM   58   C CD  . GLU A 1 15  ? -18.956 -5.891  -7.750  1.00 33.95 ? 15   GLU A CD  1 
ATOM   59   O OE1 . GLU A 1 15  ? -18.519 -6.100  -6.584  1.00 32.70 ? 15   GLU A OE1 1 
ATOM   60   O OE2 . GLU A 1 15  ? -19.833 -6.642  -8.283  1.00 36.40 ? 15   GLU A OE2 1 
ATOM   61   N N   . TYR A 1 16  ? -14.822 -1.807  -8.264  1.00 19.76 ? 16   TYR A N   1 
ATOM   62   C CA  . TYR A 1 16  ? -13.827 -1.048  -7.449  1.00 18.31 ? 16   TYR A CA  1 
ATOM   63   C C   . TYR A 1 16  ? -13.956 0.444   -7.766  1.00 17.12 ? 16   TYR A C   1 
ATOM   64   O O   . TYR A 1 16  ? -14.131 0.826   -8.928  1.00 18.21 ? 16   TYR A O   1 
ATOM   65   C CB  . TYR A 1 16  ? -12.422 -1.487  -7.759  1.00 17.22 ? 16   TYR A CB  1 
ATOM   66   C CG  . TYR A 1 16  ? -12.033 -2.872  -7.291  1.00 17.94 ? 16   TYR A CG  1 
ATOM   67   C CD1 . TYR A 1 16  ? -12.864 -3.650  -6.446  1.00 16.91 ? 16   TYR A CD1 1 
ATOM   68   C CD2 . TYR A 1 16  ? -10.819 -3.425  -7.723  1.00 15.42 ? 16   TYR A CD2 1 
ATOM   69   C CE1 . TYR A 1 16  ? -12.464 -4.919  -6.063  1.00 17.49 ? 16   TYR A CE1 1 
ATOM   70   C CE2 . TYR A 1 16  ? -10.433 -4.683  -7.367  1.00 14.69 ? 16   TYR A CE2 1 
ATOM   71   C CZ  . TYR A 1 16  ? -11.235 -5.427  -6.542  1.00 16.75 ? 16   TYR A CZ  1 
ATOM   72   O OH  . TYR A 1 16  ? -10.754 -6.674  -6.207  1.00 19.56 ? 16   TYR A OH  1 
ATOM   73   N N   . LEU A 1 17  ? -13.840 1.284   -6.741  1.00 17.55 ? 17   LEU A N   1 
ATOM   74   C CA  . LEU A 1 17  ? -13.968 2.730   -6.883  1.00 17.16 ? 17   LEU A CA  1 
ATOM   75   C C   . LEU A 1 17  ? -12.782 3.281   -7.667  1.00 17.22 ? 17   LEU A C   1 
ATOM   76   O O   . LEU A 1 17  ? -12.937 4.192   -8.468  1.00 18.32 ? 17   LEU A O   1 
ATOM   77   C CB  . LEU A 1 17  ? -14.107 3.430   -5.518  1.00 17.27 ? 17   LEU A CB  1 
ATOM   78   C CG  . LEU A 1 17  ? -15.225 2.932   -4.560  1.00 19.72 ? 17   LEU A CG  1 
ATOM   79   C CD1 . LEU A 1 17  ? -15.256 3.757   -3.345  1.00 20.05 ? 17   LEU A CD1 1 
ATOM   80   C CD2 . LEU A 1 17  ? -16.598 2.932   -5.292  1.00 22.13 ? 17   LEU A CD2 1 
ATOM   81   N N   . VAL A 1 18  ? -11.579 2.692   -7.464  1.00 14.75 ? 18   VAL A N   1 
ATOM   82   C CA  . VAL A 1 18  ? -10.374 3.069   -8.177  1.00 12.84 ? 18   VAL A CA  1 
ATOM   83   C C   . VAL A 1 18  ? -9.636  1.735   -8.530  1.00 11.69 ? 18   VAL A C   1 
ATOM   84   O O   . VAL A 1 18  ? -9.699  0.838   -7.695  1.00 12.22 ? 18   VAL A O   1 
ATOM   85   C CB  . VAL A 1 18  ? -9.430  3.907   -7.309  1.00 12.44 ? 18   VAL A CB  1 
ATOM   86   C CG1 . VAL A 1 18  ? -8.314  4.439   -8.211  1.00 13.74 ? 18   VAL A CG1 1 
ATOM   87   C CG2 . VAL A 1 18  ? -10.241 5.109   -6.678  1.00 16.79 ? 18   VAL A CG2 1 
ATOM   88   N N   . PRO A 1 19  ? -9.117  1.580   -9.753  1.00 13.40 ? 19   PRO A N   1 
ATOM   89   C CA  . PRO A 1 19  ? -8.424  0.337   -10.144 1.00 12.53 ? 19   PRO A CA  1 
ATOM   90   C C   . PRO A 1 19  ? -7.249  0.012   -9.206  1.00 13.51 ? 19   PRO A C   1 
ATOM   91   O O   . PRO A 1 19  ? -6.562  0.929   -8.695  1.00 13.90 ? 19   PRO A O   1 
ATOM   92   C CB  . PRO A 1 19  ? -7.877  0.634   -11.542 1.00 15.43 ? 19   PRO A CB  1 
ATOM   93   C CG  . PRO A 1 19  ? -8.844  1.616   -12.111 1.00 15.66 ? 19   PRO A CG  1 
ATOM   94   C CD  . PRO A 1 19  ? -9.144  2.531   -10.899 1.00 14.08 ? 19   PRO A CD  1 
ATOM   95   N N   . ASP A 1 20  ? -7.063  -1.260  -8.947  1.00 13.94 ? 20   ASP A N   1 
ATOM   96   C CA  . ASP A 1 20  ? -5.739  -1.782  -8.530  1.00 13.79 ? 20   ASP A CA  1 
ATOM   97   C C   . ASP A 1 20  ? -4.637  -1.496  -9.532  1.00 14.53 ? 20   ASP A C   1 
ATOM   98   O O   . ASP A 1 20  ? -4.898  -1.323  -10.743 1.00 13.55 ? 20   ASP A O   1 
ATOM   99   C CB  . ASP A 1 20  ? -5.834  -3.255  -8.297  1.00 12.93 ? 20   ASP A CB  1 
ATOM   100  C CG  . ASP A 1 20  ? -6.525  -3.554  -7.003  1.00 13.12 ? 20   ASP A CG  1 
ATOM   101  O OD1 . ASP A 1 20  ? -6.661  -2.640  -6.102  1.00 14.51 ? 20   ASP A OD1 1 
ATOM   102  O OD2 . ASP A 1 20  ? -6.997  -4.691  -6.828  1.00 15.88 ? 20   ASP A OD2 1 
ATOM   103  N N   . VAL A 1 21  ? -3.385  -1.365  -9.034  1.00 14.63 ? 21   VAL A N   1 
ATOM   104  C CA  . VAL A 1 21  ? -2.236  -1.332  -9.913  1.00 14.13 ? 21   VAL A CA  1 
ATOM   105  C C   . VAL A 1 21  ? -1.398  -2.555  -9.542  1.00 15.85 ? 21   VAL A C   1 
ATOM   106  O O   . VAL A 1 21  ? -0.643  -2.554  -8.536  1.00 14.13 ? 21   VAL A O   1 
ATOM   107  C CB  . VAL A 1 21  ? -1.422  -0.021  -9.720  1.00 14.20 ? 21   VAL A CB  1 
ATOM   108  C CG1 . VAL A 1 21  ? -0.168  0.030   -10.583 1.00 14.95 ? 21   VAL A CG1 1 
ATOM   109  C CG2 . VAL A 1 21  ? -2.347  1.197   -9.924  1.00 12.87 ? 21   VAL A CG2 1 
ATOM   110  N N   . LEU A 1 22  ? -1.526  -3.606  -10.333 1.00 14.35 ? 22   LEU A N   1 
ATOM   111  C CA  . LEU A 1 22  ? -0.996  -4.910  -9.918  1.00 15.71 ? 22   LEU A CA  1 
ATOM   112  C C   . LEU A 1 22  ? -0.605  -5.624  -11.170 1.00 18.77 ? 22   LEU A C   1 
ATOM   113  O O   . LEU A 1 22  ? -1.305  -5.519  -12.202 1.00 18.94 ? 22   LEU A O   1 
ATOM   114  C CB  . LEU A 1 22  ? -2.027  -5.760  -9.125  1.00 16.22 ? 22   LEU A CB  1 
ATOM   115  C CG  . LEU A 1 22  ? -2.450  -5.251  -7.733  1.00 11.24 ? 22   LEU A CG  1 
ATOM   116  C CD1 . LEU A 1 22  ? -3.598  -6.098  -7.181  1.00 13.77 ? 22   LEU A CD1 1 
ATOM   117  C CD2 . LEU A 1 22  ? -1.194  -5.248  -6.781  1.00 11.92 ? 22   LEU A CD2 1 
ATOM   118  N N   . GLN A 1 23  ? 0.498   -6.352  -11.076 1.00 17.64 ? 23   GLN A N   1 
ATOM   119  C CA  . GLN A 1 23  ? 1.023   -7.152  -12.200 1.00 18.82 ? 23   GLN A CA  1 
ATOM   120  C C   . GLN A 1 23  ? 2.098   -8.067  -11.602 1.00 19.10 ? 23   GLN A C   1 
ATOM   121  O O   . GLN A 1 23  ? 2.614   -7.779  -10.507 1.00 17.09 ? 23   GLN A O   1 
ATOM   122  C CB  . GLN A 1 23  ? 1.552   -6.243  -13.321 1.00 18.94 ? 23   GLN A CB  1 
ATOM   123  C CG  . GLN A 1 23  ? 2.719   -5.360  -12.950 1.00 20.79 ? 23   GLN A CG  1 
ATOM   124  C CD  . GLN A 1 23  ? 3.090   -4.430  -14.046 1.00 23.83 ? 23   GLN A CD  1 
ATOM   125  O OE1 . GLN A 1 23  ? 2.233   -3.710  -14.573 1.00 28.61 ? 23   GLN A OE1 1 
ATOM   126  N NE2 . GLN A 1 23  ? 4.369   -4.371  -14.361 1.00 26.44 ? 23   GLN A NE2 1 
ATOM   127  N N   . PRO A 1 24  ? 2.420   -9.185  -12.260 1.00 19.85 ? 24   PRO A N   1 
ATOM   128  C CA  . PRO A 1 24  ? 3.588   -9.993  -11.839 1.00 21.91 ? 24   PRO A CA  1 
ATOM   129  C C   . PRO A 1 24  ? 4.923   -9.221  -11.741 1.00 21.64 ? 24   PRO A C   1 
ATOM   130  O O   . PRO A 1 24  ? 5.157   -8.205  -12.439 1.00 20.64 ? 24   PRO A O   1 
ATOM   131  C CB  . PRO A 1 24  ? 3.710   -11.049 -12.971 1.00 22.28 ? 24   PRO A CB  1 
ATOM   132  C CG  . PRO A 1 24  ? 2.316   -11.160 -13.538 1.00 22.10 ? 24   PRO A CG  1 
ATOM   133  C CD  . PRO A 1 24  ? 1.740   -9.737  -13.465 1.00 21.20 ? 24   PRO A CD  1 
ATOM   134  N N   . GLY A 1 25  ? 5.815   -9.707  -10.883 1.00 22.39 ? 25   GLY A N   1 
ATOM   135  C CA  . GLY A 1 25  ? 7.200   -9.167  -10.902 1.00 20.97 ? 25   GLY A CA  1 
ATOM   136  C C   . GLY A 1 25  ? 7.448   -7.836  -10.199 1.00 20.89 ? 25   GLY A C   1 
ATOM   137  O O   . GLY A 1 25  ? 8.490   -7.195  -10.408 1.00 21.55 ? 25   GLY A O   1 
ATOM   138  N N   . LEU A 1 26  ? 6.485   -7.345  -9.410  1.00 18.70 ? 26   LEU A N   1 
ATOM   139  C CA  . LEU A 1 26  ? 6.675   -6.065  -8.751  1.00 17.71 ? 26   LEU A CA  1 
ATOM   140  C C   . LEU A 1 26  ? 7.570   -6.227  -7.528  1.00 15.47 ? 26   LEU A C   1 
ATOM   141  O O   . LEU A 1 26  ? 7.511   -7.241  -6.883  1.00 17.94 ? 26   LEU A O   1 
ATOM   142  C CB  . LEU A 1 26  ? 5.345   -5.444  -8.288  1.00 15.20 ? 26   LEU A CB  1 
ATOM   143  C CG  . LEU A 1 26  ? 4.436   -4.916  -9.451  1.00 16.28 ? 26   LEU A CG  1 
ATOM   144  C CD1 . LEU A 1 26  ? 3.050   -4.683  -8.778  1.00 18.01 ? 26   LEU A CD1 1 
ATOM   145  C CD2 . LEU A 1 26  ? 4.919   -3.676  -10.040 1.00 19.70 ? 26   LEU A CD2 1 
ATOM   146  N N   . THR A 1 27  ? 8.326   -5.181  -7.283  1.00 15.48 ? 27   THR A N   1 
ATOM   147  C CA  . THR A 1 27  ? 9.149   -5.112  -6.054  1.00 16.34 ? 27   THR A CA  1 
ATOM   148  C C   . THR A 1 27  ? 8.307   -4.829  -4.794  1.00 15.32 ? 27   THR A C   1 
ATOM   149  O O   . THR A 1 27  ? 8.543   -5.400  -3.694  1.00 16.24 ? 27   THR A O   1 
ATOM   150  C CB  . THR A 1 27  ? 10.292  -4.098  -6.218  1.00 17.05 ? 27   THR A CB  1 
ATOM   151  O OG1 . THR A 1 27  ? 11.083  -4.421  -7.396  1.00 18.67 ? 27   THR A OG1 1 
ATOM   152  C CG2 . THR A 1 27  ? 11.263  -4.289  -5.048  1.00 17.55 ? 27   THR A CG2 1 
ATOM   153  N N   . LEU A 1 28  ? 7.315   -3.969  -4.914  1.00 15.20 ? 28   LEU A N   1 
ATOM   154  C CA  . LEU A 1 28  ? 6.668   -3.477  -3.736  1.00 14.50 ? 28   LEU A CA  1 
ATOM   155  C C   . LEU A 1 28  ? 5.209   -3.123  -4.087  1.00 13.27 ? 28   LEU A C   1 
ATOM   156  O O   . LEU A 1 28  ? 4.991   -2.352  -5.014  1.00 15.26 ? 28   LEU A O   1 
ATOM   157  C CB  . LEU A 1 28  ? 7.372   -2.190  -3.271  1.00 14.28 ? 28   LEU A CB  1 
ATOM   158  C CG  . LEU A 1 28  ? 6.618   -1.257  -2.252  1.00 14.57 ? 28   LEU A CG  1 
ATOM   159  C CD1 . LEU A 1 28  ? 6.351   -2.028  -0.940  1.00 15.57 ? 28   LEU A CD1 1 
ATOM   160  C CD2 . LEU A 1 28  ? 7.398   0.043   -2.000  1.00 16.78 ? 28   LEU A CD2 1 
ATOM   161  N N   . VAL A 1 29  ? 4.281   -3.658  -3.315  1.00 12.98 ? 29   VAL A N   1 
ATOM   162  C CA  . VAL A 1 29  ? 2.904   -3.159  -3.392  1.00 13.90 ? 29   VAL A CA  1 
ATOM   163  C C   . VAL A 1 29  ? 2.546   -2.474  -2.071  1.00 12.51 ? 29   VAL A C   1 
ATOM   164  O O   . VAL A 1 29  ? 2.666   -3.077  -0.989  1.00 12.80 ? 29   VAL A O   1 
ATOM   165  C CB  . VAL A 1 29  ? 1.952   -4.331  -3.651  1.00 14.40 ? 29   VAL A CB  1 
ATOM   166  C CG1 . VAL A 1 29  ? 0.458   -3.929  -3.490  1.00 13.88 ? 29   VAL A CG1 1 
ATOM   167  C CG2 . VAL A 1 29  ? 2.241   -5.002  -5.029  1.00 13.75 ? 29   VAL A CG2 1 
ATOM   168  N N   . LEU A 1 30  ? 2.035   -1.257  -2.205  1.00 12.51 ? 30   LEU A N   1 
ATOM   169  C CA  . LEU A 1 30  ? 1.677   -0.374  -1.063  1.00 13.13 ? 30   LEU A CA  1 
ATOM   170  C C   . LEU A 1 30  ? 0.167   -0.473  -0.901  1.00 11.98 ? 30   LEU A C   1 
ATOM   171  O O   . LEU A 1 30  ? -0.587  -0.207  -1.859  1.00 12.33 ? 30   LEU A O   1 
ATOM   172  C CB  . LEU A 1 30  ? 2.104   1.052   -1.310  1.00 13.26 ? 30   LEU A CB  1 
ATOM   173  C CG  . LEU A 1 30  ? 3.647   1.175   -1.242  1.00 14.40 ? 30   LEU A CG  1 
ATOM   174  C CD1 . LEU A 1 30  ? 4.109   2.222   -2.293  1.00 17.67 ? 30   LEU A CD1 1 
ATOM   175  C CD2 . LEU A 1 30  ? 4.067   1.460   0.277   1.00 11.10 ? 30   LEU A CD2 1 
ATOM   176  N N   . VAL A 1 31  ? -0.253  -0.917  0.268   1.00 12.23 ? 31   VAL A N   1 
ATOM   177  C CA  . VAL A 1 31  ? -1.662  -1.239  0.519   1.00 12.91 ? 31   VAL A CA  1 
ATOM   178  C C   . VAL A 1 31  ? -2.275  -0.289  1.579   1.00 13.33 ? 31   VAL A C   1 
ATOM   179  O O   . VAL A 1 31  ? -1.780  -0.242  2.743   1.00 13.34 ? 31   VAL A O   1 
ATOM   180  C CB  . VAL A 1 31  ? -1.812  -2.669  1.034   1.00 13.80 ? 31   VAL A CB  1 
ATOM   181  C CG1 . VAL A 1 31  ? -3.318  -2.987  1.269   1.00 14.50 ? 31   VAL A CG1 1 
ATOM   182  C CG2 . VAL A 1 31  ? -1.137  -3.700  0.071   1.00 15.15 ? 31   VAL A CG2 1 
ATOM   183  N N   . GLY A 1 32  ? -3.269  0.502   1.203   1.00 11.85 ? 32   GLY A N   1 
ATOM   184  C CA  . GLY A 1 32  ? -3.905  1.394   2.167   1.00 12.65 ? 32   GLY A CA  1 
ATOM   185  C C   . GLY A 1 32  ? -5.145  0.767   2.802   1.00 13.55 ? 32   GLY A C   1 
ATOM   186  O O   . GLY A 1 32  ? -5.458  -0.390  2.547   1.00 12.94 ? 32   GLY A O   1 
ATOM   187  N N   . THR A 1 33  ? -5.877  1.532   3.610   1.00 14.98 ? 33   THR A N   1 
ATOM   188  C CA  . THR A 1 33  ? -7.167  1.015   4.157   1.00 15.85 ? 33   THR A CA  1 
ATOM   189  C C   . THR A 1 33  ? -8.254  1.044   3.067   1.00 16.02 ? 33   THR A C   1 
ATOM   190  O O   . THR A 1 33  ? -8.871  0.016   2.716   1.00 17.95 ? 33   THR A O   1 
ATOM   191  C CB  . THR A 1 33  ? -7.579  1.926   5.322   1.00 18.27 ? 33   THR A CB  1 
ATOM   192  O OG1 . THR A 1 33  ? -7.348  3.280   4.940   1.00 16.94 ? 33   THR A OG1 1 
ATOM   193  C CG2 . THR A 1 33  ? -6.619  1.719   6.558   1.00 17.36 ? 33   THR A CG2 1 
ATOM   194  N N   . ALA A 1 34  ? -8.483  2.238   2.525   1.00 16.34 ? 34   ALA A N   1 
ATOM   195  C CA  . ALA A 1 34  ? -9.543  2.523   1.567   1.00 17.00 ? 34   ALA A CA  1 
ATOM   196  C C   . ALA A 1 34  ? -9.254  3.886   0.995   1.00 16.43 ? 34   ALA A C   1 
ATOM   197  O O   . ALA A 1 34  ? -8.557  4.720   1.659   1.00 16.12 ? 34   ALA A O   1 
ATOM   198  C CB  . ALA A 1 34  ? -10.907 2.552   2.226   1.00 16.98 ? 34   ALA A CB  1 
ATOM   199  N N   . PRO A 1 35  ? -9.762  4.144   -0.190  1.00 15.34 ? 35   PRO A N   1 
ATOM   200  C CA  . PRO A 1 35  ? -9.583  5.506   -0.771  1.00 15.30 ? 35   PRO A CA  1 
ATOM   201  C C   . PRO A 1 35  ? -10.348 6.514   0.093   1.00 14.20 ? 35   PRO A C   1 
ATOM   202  O O   . PRO A 1 35  ? -11.485 6.224   0.544   1.00 15.02 ? 35   PRO A O   1 
ATOM   203  C CB  . PRO A 1 35  ? -10.199 5.383   -2.171  1.00 14.07 ? 35   PRO A CB  1 
ATOM   204  C CG  . PRO A 1 35  ? -11.358 4.259   -1.908  1.00 13.28 ? 35   PRO A CG  1 
ATOM   205  C CD  . PRO A 1 35  ? -10.585 3.249   -1.069  1.00 15.58 ? 35   PRO A CD  1 
ATOM   206  N N   . SER A 1 36  ? -9.701  7.612   0.462   1.00 14.56 ? 36   SER A N   1 
ATOM   207  C CA  . SER A 1 36  ? -10.477 8.775   0.957   1.00 15.12 ? 36   SER A CA  1 
ATOM   208  C C   . SER A 1 36  ? -11.554 9.195   -0.053  1.00 14.76 ? 36   SER A C   1 
ATOM   209  O O   . SER A 1 36  ? -11.513 8.874   -1.258  1.00 15.10 ? 36   SER A O   1 
ATOM   210  C CB  . SER A 1 36  ? -9.554  10.008  1.267   1.00 13.84 ? 36   SER A CB  1 
ATOM   211  O OG  . SER A 1 36  ? -9.112  10.544  0.017   1.00 16.84 ? 36   SER A OG  1 
ATOM   212  N N   . GLY A 1 37  ? -12.517 10.017  0.407   1.00 16.76 ? 37   GLY A N   1 
ATOM   213  C CA  . GLY A 1 37  ? -13.492 10.572  -0.549  1.00 15.65 ? 37   GLY A CA  1 
ATOM   214  C C   . GLY A 1 37  ? -12.874 11.322  -1.662  1.00 15.25 ? 37   GLY A C   1 
ATOM   215  O O   . GLY A 1 37  ? -13.254 11.196  -2.828  1.00 17.64 ? 37   GLY A O   1 
ATOM   216  N N   . ILE A 1 38  ? -11.864 12.131  -1.347  1.00 15.16 ? 38   ILE A N   1 
ATOM   217  C CA  . ILE A 1 38  ? -11.204 12.868  -2.403  1.00 15.91 ? 38   ILE A CA  1 
ATOM   218  C C   . ILE A 1 38  ? -10.534 11.902  -3.414  1.00 15.74 ? 38   ILE A C   1 
ATOM   219  O O   . ILE A 1 38  ? -10.620 12.113  -4.626  1.00 17.30 ? 38   ILE A O   1 
ATOM   220  C CB  . ILE A 1 38  ? -10.102 13.843  -1.742  1.00 15.65 ? 38   ILE A CB  1 
ATOM   221  C CG1 . ILE A 1 38  ? -10.831 15.002  -0.999  1.00 18.02 ? 38   ILE A CG1 1 
ATOM   222  C CG2 . ILE A 1 38  ? -9.111  14.388  -2.793  1.00 17.38 ? 38   ILE A CG2 1 
ATOM   223  C CD1 . ILE A 1 38  ? -9.783  15.793  -0.078  1.00 18.13 ? 38   ILE A CD1 1 
ATOM   224  N N   . SER A 1 39  ? -9.860  10.871  -2.909  1.00 14.82 ? 39   SER A N   1 
ATOM   225  C CA  . SER A 1 39  ? -9.211  9.863   -3.777  1.00 14.10 ? 39   SER A CA  1 
ATOM   226  C C   . SER A 1 39  ? -10.235 9.135   -4.696  1.00 14.26 ? 39   SER A C   1 
ATOM   227  O O   . SER A 1 39  ? -9.997  8.976   -5.873  1.00 16.53 ? 39   SER A O   1 
ATOM   228  C CB  . SER A 1 39  ? -8.427  8.873   -2.933  1.00 14.35 ? 39   SER A CB  1 
ATOM   229  O OG  . SER A 1 39  ? -7.321  9.572   -2.313  1.00 18.88 ? 39   SER A OG  1 
ATOM   230  N N   . ALA A 1 40  ? -11.344 8.756   -4.102  1.00 15.37 ? 40   ALA A N   1 
ATOM   231  C CA  . ALA A 1 40  ? -12.429 8.064   -4.843  1.00 18.52 ? 40   ALA A CA  1 
ATOM   232  C C   . ALA A 1 40  ? -12.988 8.989   -5.939  1.00 19.12 ? 40   ALA A C   1 
ATOM   233  O O   . ALA A 1 40  ? -13.170 8.578   -7.070  1.00 18.66 ? 40   ALA A O   1 
ATOM   234  C CB  . ALA A 1 40  ? -13.497 7.659   -3.915  1.00 17.61 ? 40   ALA A CB  1 
ATOM   235  N N   . ARG A 1 41  ? -13.271 10.252  -5.591  1.00 21.51 ? 41   ARG A N   1 
ATOM   236  C CA  . ARG A 1 41  ? -13.755 11.210  -6.585  1.00 22.67 ? 41   ARG A CA  1 
ATOM   237  C C   . ARG A 1 41  ? -12.785 11.495  -7.684  1.00 22.52 ? 41   ARG A C   1 
ATOM   238  O O   . ARG A 1 41  ? -13.192 11.541  -8.842  1.00 24.33 ? 41   ARG A O   1 
ATOM   239  C CB  . ARG A 1 41  ? -14.196 12.498  -5.915  1.00 22.69 ? 41   ARG A CB  1 
ATOM   240  C CG  . ARG A 1 41  ? -15.415 12.237  -5.081  1.00 26.98 ? 41   ARG A CG  1 
ATOM   241  C CD  . ARG A 1 41  ? -16.133 13.491  -4.671  1.00 34.80 ? 41   ARG A CD  1 
ATOM   242  N NE  . ARG A 1 41  ? -15.219 14.463  -4.067  1.00 38.79 ? 41   ARG A NE  1 
ATOM   243  C CZ  . ARG A 1 41  ? -14.825 14.441  -2.798  1.00 37.44 ? 41   ARG A CZ  1 
ATOM   244  N NH1 . ARG A 1 41  ? -15.247 13.488  -1.967  1.00 34.27 ? 41   ARG A NH1 1 
ATOM   245  N NH2 . ARG A 1 41  ? -14.019 15.389  -2.361  1.00 36.76 ? 41   ARG A NH2 1 
ATOM   246  N N   . ALA A 1 42  ? -11.489 11.612  -7.350  1.00 20.78 ? 42   ALA A N   1 
ATOM   247  C CA  . ALA A 1 42  ? -10.435 11.794  -8.344  1.00 20.09 ? 42   ALA A CA  1 
ATOM   248  C C   . ALA A 1 42  ? -10.099 10.477  -9.107  1.00 17.64 ? 42   ALA A C   1 
ATOM   249  O O   . ALA A 1 42  ? -9.361  10.539  -10.069 1.00 18.71 ? 42   ALA A O   1 
ATOM   250  C CB  . ALA A 1 42  ? -9.171  12.327  -7.675  1.00 20.32 ? 42   ALA A CB  1 
ATOM   251  N N   . ARG A 1 43  ? -10.631 9.336   -8.656  1.00 18.48 ? 43   ARG A N   1 
ATOM   252  C CA  . ARG A 1 43  ? -10.265 8.037   -9.213  1.00 19.47 ? 43   ARG A CA  1 
ATOM   253  C C   . ARG A 1 43  ? -8.720  7.922   -9.181  1.00 17.90 ? 43   ARG A C   1 
ATOM   254  O O   . ARG A 1 43  ? -8.074  7.638   -10.183 1.00 19.39 ? 43   ARG A O   1 
ATOM   255  C CB  . ARG A 1 43  ? -10.810 7.849   -10.669 1.00 18.48 ? 43   ARG A CB  1 
ATOM   256  C CG  . ARG A 1 43  ? -12.336 7.590   -10.631 1.00 25.38 ? 43   ARG A CG  1 
ATOM   257  C CD  . ARG A 1 43  ? -12.880 7.320   -12.023 1.00 26.53 ? 43   ARG A CD  1 
ATOM   258  N NE  . ARG A 1 43  ? -14.328 7.518   -12.115 1.00 38.73 ? 43   ARG A NE  1 
ATOM   259  C CZ  . ARG A 1 43  ? -15.028 7.547   -13.265 1.00 40.78 ? 43   ARG A CZ  1 
ATOM   260  N NH1 . ARG A 1 43  ? -14.435 7.385   -14.441 1.00 40.66 ? 43   ARG A NH1 1 
ATOM   261  N NH2 . ARG A 1 43  ? -16.347 7.743   -13.239 1.00 45.79 ? 43   ARG A NH2 1 
ATOM   262  N N   . ALA A 1 44  ? -8.124  8.154   -8.013  1.00 16.46 ? 44   ALA A N   1 
ATOM   263  C CA  . ALA A 1 44  ? -6.654  8.075   -7.877  1.00 14.58 ? 44   ALA A CA  1 
ATOM   264  C C   . ALA A 1 44  ? -6.328  7.554   -6.451  1.00 15.09 ? 44   ALA A C   1 
ATOM   265  O O   . ALA A 1 44  ? -7.236  7.051   -5.740  1.00 14.58 ? 44   ALA A O   1 
ATOM   266  C CB  . ALA A 1 44  ? -6.025  9.480   -8.161  1.00 15.31 ? 44   ALA A CB  1 
ATOM   267  N N   . TYR A 1 45  ? -5.054  7.656   -6.036  1.00 13.08 ? 45   TYR A N   1 
ATOM   268  C CA  . TYR A 1 45  ? -4.644  7.217   -4.694  1.00 12.23 ? 45   TYR A CA  1 
ATOM   269  C C   . TYR A 1 45  ? -4.052  8.400   -3.984  1.00 11.98 ? 45   TYR A C   1 
ATOM   270  O O   . TYR A 1 45  ? -3.371  9.183   -4.652  1.00 14.16 ? 45   TYR A O   1 
ATOM   271  C CB  . TYR A 1 45  ? -3.601  6.102   -4.781  1.00 11.85 ? 45   TYR A CB  1 
ATOM   272  C CG  . TYR A 1 45  ? -4.177  4.724   -5.125  1.00 9.27  ? 45   TYR A CG  1 
ATOM   273  C CD1 . TYR A 1 45  ? -4.356  3.734   -4.135  1.00 10.61 ? 45   TYR A CD1 1 
ATOM   274  C CD2 . TYR A 1 45  ? -4.550  4.436   -6.450  1.00 12.14 ? 45   TYR A CD2 1 
ATOM   275  C CE1 . TYR A 1 45  ? -4.882  2.430   -4.497  1.00 12.93 ? 45   TYR A CE1 1 
ATOM   276  C CE2 . TYR A 1 45  ? -5.074  3.186   -6.794  1.00 13.55 ? 45   TYR A CE2 1 
ATOM   277  C CZ  . TYR A 1 45  ? -5.230  2.197   -5.807  1.00 10.27 ? 45   TYR A CZ  1 
ATOM   278  O OH  . TYR A 1 45  ? -5.715  0.937   -6.156  1.00 12.60 ? 45   TYR A OH  1 
ATOM   279  N N   . TYR A 1 46  ? -4.247  8.430   -2.661  1.00 13.37 ? 46   TYR A N   1 
ATOM   280  C CA  . TYR A 1 46  ? -3.663  9.434   -1.731  1.00 14.39 ? 46   TYR A CA  1 
ATOM   281  C C   . TYR A 1 46  ? -3.746  10.818  -2.362  1.00 16.12 ? 46   TYR A C   1 
ATOM   282  O O   . TYR A 1 46  ? -2.709  11.545  -2.470  1.00 16.06 ? 46   TYR A O   1 
ATOM   283  C CB  . TYR A 1 46  ? -2.209  9.030   -1.414  1.00 14.27 ? 46   TYR A CB  1 
ATOM   284  C CG  . TYR A 1 46  ? -2.118  7.635   -0.871  1.00 13.27 ? 46   TYR A CG  1 
ATOM   285  C CD1 . TYR A 1 46  ? -2.462  7.337   0.478   1.00 12.92 ? 46   TYR A CD1 1 
ATOM   286  C CD2 . TYR A 1 46  ? -1.709  6.592   -1.695  1.00 15.39 ? 46   TYR A CD2 1 
ATOM   287  C CE1 . TYR A 1 46  ? -2.408  6.034   0.952   1.00 12.53 ? 46   TYR A CE1 1 
ATOM   288  C CE2 . TYR A 1 46  ? -1.635  5.273   -1.239  1.00 13.48 ? 46   TYR A CE2 1 
ATOM   289  C CZ  . TYR A 1 46  ? -1.998  4.974   0.090   1.00 11.47 ? 46   TYR A CZ  1 
ATOM   290  O OH  . TYR A 1 46  ? -1.958  3.702   0.588   1.00 12.78 ? 46   TYR A OH  1 
ATOM   291  N N   . ALA A 1 47  ? -4.972  11.166  -2.811  1.00 15.72 ? 47   ALA A N   1 
ATOM   292  C CA  . ALA A 1 47  ? -5.207  12.384  -3.562  1.00 17.54 ? 47   ALA A CA  1 
ATOM   293  C C   . ALA A 1 47  ? -5.472  13.634  -2.696  1.00 19.18 ? 47   ALA A C   1 
ATOM   294  O O   . ALA A 1 47  ? -5.508  14.750  -3.236  1.00 20.41 ? 47   ALA A O   1 
ATOM   295  C CB  . ALA A 1 47  ? -6.357  12.190  -4.618  1.00 16.26 ? 47   ALA A CB  1 
ATOM   296  N N   . ASN A 1 48  ? -5.718  13.448  -1.401  1.00 19.34 ? 48   ASN A N   1 
ATOM   297  C CA  . ASN A 1 48  ? -5.879  14.582  -0.477  1.00 19.66 ? 48   ASN A CA  1 
ATOM   298  C C   . ASN A 1 48  ? -4.547  15.311  -0.502  1.00 21.18 ? 48   ASN A C   1 
ATOM   299  O O   . ASN A 1 48  ? -3.487  14.730  -0.284  1.00 19.49 ? 48   ASN A O   1 
ATOM   300  C CB  . ASN A 1 48  ? -6.214  14.100  0.921   1.00 19.46 ? 48   ASN A CB  1 
ATOM   301  C CG  . ASN A 1 48  ? -6.306  15.242  1.930   1.00 19.38 ? 48   ASN A CG  1 
ATOM   302  O OD1 . ASN A 1 48  ? -5.553  16.215  1.839   1.00 24.85 ? 48   ASN A OD1 1 
ATOM   303  N ND2 . ASN A 1 48  ? -7.213  15.127  2.872   1.00 19.94 ? 48   ASN A ND2 1 
ATOM   304  N N   . PRO A 1 49  ? -4.592  16.585  -0.857  1.00 23.43 ? 49   PRO A N   1 
ATOM   305  C CA  . PRO A 1 49  ? -3.358  17.313  -1.107  1.00 23.66 ? 49   PRO A CA  1 
ATOM   306  C C   . PRO A 1 49  ? -2.465  17.426  0.143   1.00 21.59 ? 49   PRO A C   1 
ATOM   307  O O   . PRO A 1 49  ? -1.290  17.683  -0.012  1.00 23.81 ? 49   PRO A O   1 
ATOM   308  C CB  . PRO A 1 49  ? -3.837  18.706  -1.521  1.00 24.62 ? 49   PRO A CB  1 
ATOM   309  C CG  . PRO A 1 49  ? -5.257  18.531  -1.911  1.00 26.97 ? 49   PRO A CG  1 
ATOM   310  C CD  . PRO A 1 49  ? -5.812  17.399  -1.065  1.00 24.04 ? 49   PRO A CD  1 
ATOM   311  N N   . GLU A 1 50  ? -3.010  17.241  1.347   1.00 22.19 ? 50   GLU A N   1 
ATOM   312  C CA  . GLU A 1 50  ? -2.212  17.268  2.605   1.00 21.63 ? 50   GLU A CA  1 
ATOM   313  C C   . GLU A 1 50  ? -1.705  15.866  3.018   1.00 21.39 ? 50   GLU A C   1 
ATOM   314  O O   . GLU A 1 50  ? -1.022  15.707  4.050   1.00 21.72 ? 50   GLU A O   1 
ATOM   315  C CB  . GLU A 1 50  ? -3.027  17.870  3.736   1.00 24.05 ? 50   GLU A CB  1 
ATOM   316  C CG  . GLU A 1 50  ? -3.415  19.314  3.450   1.00 26.03 ? 50   GLU A CG  1 
ATOM   317  C CD  . GLU A 1 50  ? -4.106  19.959  4.627   1.00 27.69 ? 50   GLU A CD  1 
ATOM   318  O OE1 . GLU A 1 50  ? -5.207  19.492  5.003   1.00 24.96 ? 50   GLU A OE1 1 
ATOM   319  O OE2 . GLU A 1 50  ? -3.542  20.937  5.184   1.00 30.00 ? 50   GLU A OE2 1 
ATOM   320  N N   . ASN A 1 51  ? -2.125  14.828  2.280   1.00 18.30 ? 51   ASN A N   1 
ATOM   321  C CA  . ASN A 1 51  ? -1.628  13.494  2.533   1.00 16.62 ? 51   ASN A CA  1 
ATOM   322  C C   . ASN A 1 51  ? -0.180  13.455  2.047   1.00 15.92 ? 51   ASN A C   1 
ATOM   323  O O   . ASN A 1 51  ? 0.086   13.883  0.924   1.00 17.34 ? 51   ASN A O   1 
ATOM   324  C CB  . ASN A 1 51  ? -2.477  12.416  1.778   1.00 14.78 ? 51   ASN A CB  1 
ATOM   325  C CG  . ASN A 1 51  ? -2.106  11.024  2.238   1.00 15.46 ? 51   ASN A CG  1 
ATOM   326  O OD1 . ASN A 1 51  ? -0.958  10.602  2.052   1.00 15.57 ? 51   ASN A OD1 1 
ATOM   327  N ND2 . ASN A 1 51  ? -3.038  10.315  2.893   1.00 15.35 ? 51   ASN A ND2 1 
ATOM   328  N N   . LYS A 1 52  ? 0.753   12.946  2.873   1.00 17.84 ? 52   LYS A N   1 
ATOM   329  C CA  . LYS A 1 52  ? 2.211   13.026  2.577   1.00 18.32 ? 52   LYS A CA  1 
ATOM   330  C C   . LYS A 1 52  ? 2.714   11.884  1.666   1.00 17.24 ? 52   LYS A C   1 
ATOM   331  O O   . LYS A 1 52  ? 3.898   11.802  1.376   1.00 15.13 ? 52   LYS A O   1 
ATOM   332  C CB  . LYS A 1 52  ? 3.060   12.938  3.883   1.00 20.12 ? 52   LYS A CB  1 
ATOM   333  C CG  . LYS A 1 52  ? 2.697   13.950  4.936   1.00 23.95 ? 52   LYS A CG  1 
ATOM   334  C CD  . LYS A 1 52  ? 3.739   13.898  6.111   1.00 23.61 ? 52   LYS A CD  1 
ATOM   335  C CE  . LYS A 1 52  ? 3.023   13.406  7.339   1.00 30.32 ? 52   LYS A CE  1 
ATOM   336  N NZ  . LYS A 1 52  ? 2.039   14.389  7.815   1.00 35.80 ? 52   LYS A NZ  1 
ATOM   337  N N   . PHE A 1 53  ? 1.815   10.971  1.205   1.00 13.37 ? 53   PHE A N   1 
ATOM   338  C CA  . PHE A 1 53  ? 2.289   9.788   0.513   1.00 12.89 ? 53   PHE A CA  1 
ATOM   339  C C   . PHE A 1 53  ? 3.188   10.098  -0.715  1.00 12.88 ? 53   PHE A C   1 
ATOM   340  O O   . PHE A 1 53  ? 4.295   9.517   -0.806  1.00 14.80 ? 53   PHE A O   1 
ATOM   341  C CB  . PHE A 1 53  ? 1.058   9.011   0.020   1.00 13.06 ? 53   PHE A CB  1 
ATOM   342  C CG  . PHE A 1 53  ? 1.400   7.723   -0.693  1.00 12.89 ? 53   PHE A CG  1 
ATOM   343  C CD1 . PHE A 1 53  ? 1.639   6.540   -0.004  1.00 13.34 ? 53   PHE A CD1 1 
ATOM   344  C CD2 . PHE A 1 53  ? 1.368   7.682   -2.111  1.00 14.16 ? 53   PHE A CD2 1 
ATOM   345  C CE1 . PHE A 1 53  ? 1.904   5.340   -0.712  1.00 14.47 ? 53   PHE A CE1 1 
ATOM   346  C CE2 . PHE A 1 53  ? 1.645   6.494   -2.786  1.00 13.51 ? 53   PHE A CE2 1 
ATOM   347  C CZ  . PHE A 1 53  ? 1.916   5.354   -2.108  1.00 11.99 ? 53   PHE A CZ  1 
ATOM   348  N N   . TRP A 1 54  ? 2.711   10.892  -1.674  1.00 15.16 ? 54   TRP A N   1 
ATOM   349  C CA  . TRP A 1 54  ? 3.451   11.158  -2.941  1.00 15.78 ? 54   TRP A CA  1 
ATOM   350  C C   . TRP A 1 54  ? 4.810   11.864  -2.689  1.00 16.79 ? 54   TRP A C   1 
ATOM   351  O O   . TRP A 1 54  ? 5.837   11.409  -3.199  1.00 18.25 ? 54   TRP A O   1 
ATOM   352  C CB  . TRP A 1 54  ? 2.616   11.880  -3.960  1.00 15.68 ? 54   TRP A CB  1 
ATOM   353  C CG  . TRP A 1 54  ? 1.448   11.032  -4.380  1.00 13.10 ? 54   TRP A CG  1 
ATOM   354  C CD1 . TRP A 1 54  ? 0.154   11.263  -4.090  1.00 16.35 ? 54   TRP A CD1 1 
ATOM   355  C CD2 . TRP A 1 54  ? 1.492   9.765   -5.109  1.00 17.97 ? 54   TRP A CD2 1 
ATOM   356  N NE1 . TRP A 1 54  ? -0.647  10.259  -4.617  1.00 13.80 ? 54   TRP A NE1 1 
ATOM   357  C CE2 . TRP A 1 54  ? 0.140   9.302   -5.203  1.00 14.62 ? 54   TRP A CE2 1 
ATOM   358  C CE3 . TRP A 1 54  ? 2.523   8.969   -5.652  1.00 16.36 ? 54   TRP A CE3 1 
ATOM   359  C CZ2 . TRP A 1 54  ? -0.213  8.142   -5.906  1.00 16.47 ? 54   TRP A CZ2 1 
ATOM   360  C CZ3 . TRP A 1 54  ? 2.175   7.779   -6.326  1.00 17.74 ? 54   TRP A CZ3 1 
ATOM   361  C CH2 . TRP A 1 54  ? 0.811   7.381   -6.438  1.00 13.10 ? 54   TRP A CH2 1 
ATOM   362  N N   . ARG A 1 55  ? 4.780   12.828  -1.782  1.00 17.92 ? 55   ARG A N   1 
ATOM   363  C CA  . ARG A 1 55  ? 6.044   13.493  -1.296  1.00 20.58 ? 55   ARG A CA  1 
ATOM   364  C C   . ARG A 1 55  ? 6.984   12.441  -0.712  1.00 19.41 ? 55   ARG A C   1 
ATOM   365  O O   . ARG A 1 55  ? 8.186   12.426  -1.028  1.00 19.76 ? 55   ARG A O   1 
ATOM   366  C CB  . ARG A 1 55  ? 5.678   14.488  -0.212  1.00 20.14 ? 55   ARG A CB  1 
ATOM   367  C CG  . ARG A 1 55  ? 6.810   15.290  0.455   1.00 27.35 ? 55   ARG A CG  1 
ATOM   368  C CD  . ARG A 1 55  ? 6.148   16.365  1.402   1.00 28.30 ? 55   ARG A CD  1 
ATOM   369  N NE  . ARG A 1 55  ? 4.718   16.491  1.020   1.00 38.77 ? 55   ARG A NE  1 
ATOM   370  C CZ  . ARG A 1 55  ? 3.698   16.719  1.855   1.00 43.43 ? 55   ARG A CZ  1 
ATOM   371  N NH1 . ARG A 1 55  ? 3.915   16.920  3.163   1.00 41.83 ? 55   ARG A NH1 1 
ATOM   372  N NH2 . ARG A 1 55  ? 2.449   16.778  1.377   1.00 43.42 ? 55   ARG A NH2 1 
ATOM   373  N N   . THR A 1 56  ? 6.462   11.574  0.167   1.00 17.88 ? 56   THR A N   1 
ATOM   374  C CA  . THR A 1 56  ? 7.266   10.595  0.841   1.00 18.46 ? 56   THR A CA  1 
ATOM   375  C C   . THR A 1 56  ? 7.918   9.618   -0.129  1.00 18.22 ? 56   THR A C   1 
ATOM   376  O O   . THR A 1 56  ? 9.112   9.366   -0.060  1.00 19.10 ? 56   THR A O   1 
ATOM   377  C CB  . THR A 1 56  ? 6.453   9.867   1.977   1.00 17.56 ? 56   THR A CB  1 
ATOM   378  O OG1 . THR A 1 56  ? 5.976   10.851  2.934   1.00 20.47 ? 56   THR A OG1 1 
ATOM   379  C CG2 . THR A 1 56  ? 7.298   8.832   2.737   1.00 19.41 ? 56   THR A CG2 1 
ATOM   380  N N   . LEU A 1 57  ? 7.160   9.080   -1.094  1.00 17.87 ? 57   LEU A N   1 
ATOM   381  C CA  . LEU A 1 57  ? 7.831   8.222   -2.073  1.00 18.56 ? 57   LEU A CA  1 
ATOM   382  C C   . LEU A 1 57  ? 9.026   8.909   -2.762  1.00 17.50 ? 57   LEU A C   1 
ATOM   383  O O   . LEU A 1 57  ? 10.009  8.230   -3.029  1.00 19.25 ? 57   LEU A O   1 
ATOM   384  C CB  . LEU A 1 57  ? 6.850   7.784   -3.179  1.00 17.29 ? 57   LEU A CB  1 
ATOM   385  C CG  . LEU A 1 57  ? 5.639   6.914   -2.810  1.00 20.51 ? 57   LEU A CG  1 
ATOM   386  C CD1 . LEU A 1 57  ? 5.032   6.223   -4.014  1.00 16.67 ? 57   LEU A CD1 1 
ATOM   387  C CD2 . LEU A 1 57  ? 5.644   6.021   -1.641  1.00 17.89 ? 57   LEU A CD2 1 
ATOM   388  N N   . HIS A 1 58  ? 8.874   10.182  -3.116  1.00 20.09 ? 58   HIS A N   1 
ATOM   389  C CA  . HIS A 1 58  ? 9.957   10.989  -3.746  1.00 21.99 ? 58   HIS A CA  1 
ATOM   390  C C   . HIS A 1 58  ? 11.115  11.151  -2.740  1.00 22.97 ? 58   HIS A C   1 
ATOM   391  O O   . HIS A 1 58  ? 12.288  10.875  -3.081  1.00 23.88 ? 58   HIS A O   1 
ATOM   392  C CB  . HIS A 1 58  ? 9.448   12.338  -4.146  1.00 23.48 ? 58   HIS A CB  1 
ATOM   393  C CG  . HIS A 1 58  ? 10.468  13.165  -4.869  1.00 24.86 ? 58   HIS A CG  1 
ATOM   394  N ND1 . HIS A 1 58  ? 10.417  14.546  -4.902  1.00 29.44 ? 58   HIS A ND1 1 
ATOM   395  C CD2 . HIS A 1 58  ? 11.538  12.799  -5.613  1.00 25.69 ? 58   HIS A CD2 1 
ATOM   396  C CE1 . HIS A 1 58  ? 11.435  14.993  -5.623  1.00 27.03 ? 58   HIS A CE1 1 
ATOM   397  N NE2 . HIS A 1 58  ? 12.127  13.955  -6.068  1.00 24.37 ? 58   HIS A NE2 1 
ATOM   398  N N   . ALA A 1 59  ? 10.763  11.543  -1.507  1.00 24.25 ? 59   ALA A N   1 
ATOM   399  C CA  . ALA A 1 59  ? 11.742  11.840  -0.430  1.00 24.44 ? 59   ALA A CA  1 
ATOM   400  C C   . ALA A 1 59  ? 12.674  10.666  -0.216  1.00 24.64 ? 59   ALA A C   1 
ATOM   401  O O   . ALA A 1 59  ? 13.902  10.872  -0.017  1.00 25.14 ? 59   ALA A O   1 
ATOM   402  C CB  . ALA A 1 59  ? 11.044  12.161  0.901   1.00 24.78 ? 59   ALA A CB  1 
ATOM   403  N N   . VAL A 1 60  ? 12.117  9.453   -0.232  1.00 22.14 ? 60   VAL A N   1 
ATOM   404  C CA  . VAL A 1 60  ? 12.834  8.218   0.102   1.00 22.41 ? 60   VAL A CA  1 
ATOM   405  C C   . VAL A 1 60  ? 13.390  7.439   -1.089  1.00 22.33 ? 60   VAL A C   1 
ATOM   406  O O   . VAL A 1 60  ? 13.932  6.339   -0.928  1.00 22.73 ? 60   VAL A O   1 
ATOM   407  C CB  . VAL A 1 60  ? 12.057  7.285   1.087   1.00 22.93 ? 60   VAL A CB  1 
ATOM   408  C CG1 . VAL A 1 60  ? 11.586  8.055   2.329   1.00 23.98 ? 60   VAL A CG1 1 
ATOM   409  C CG2 . VAL A 1 60  ? 10.822  6.580   0.421   1.00 23.78 ? 60   VAL A CG2 1 
ATOM   410  N N   . GLY A 1 61  ? 13.235  8.066   -2.252  1.00 24.08 ? 61   GLY A N   1 
ATOM   411  C CA  . GLY A 1 61  ? 13.703  7.598   -3.568  1.00 26.34 ? 61   GLY A CA  1 
ATOM   412  C C   . GLY A 1 61  ? 13.015  6.320   -4.016  1.00 26.75 ? 61   GLY A C   1 
ATOM   413  O O   . GLY A 1 61  ? 13.628  5.470   -4.637  1.00 28.90 ? 61   GLY A O   1 
ATOM   414  N N   . LEU A 1 62  ? 11.750  6.132   -3.651  1.00 26.29 ? 62   LEU A N   1 
ATOM   415  C CA  . LEU A 1 62  ? 10.940  5.054   -4.287  1.00 25.06 ? 62   LEU A CA  1 
ATOM   416  C C   . LEU A 1 62  ? 10.563  5.509   -5.682  1.00 26.14 ? 62   LEU A C   1 
ATOM   417  O O   . LEU A 1 62  ? 10.434  4.674   -6.621  1.00 26.20 ? 62   LEU A O   1 
ATOM   418  C CB  . LEU A 1 62  ? 9.705   4.727   -3.430  1.00 24.43 ? 62   LEU A CB  1 
ATOM   419  C CG  . LEU A 1 62  ? 9.974   3.909   -2.183  1.00 22.36 ? 62   LEU A CG  1 
ATOM   420  C CD1 . LEU A 1 62  ? 8.804   3.883   -1.191  1.00 23.98 ? 62   LEU A CD1 1 
ATOM   421  C CD2 . LEU A 1 62  ? 10.439  2.491   -2.578  1.00 29.15 ? 62   LEU A CD2 1 
ATOM   422  N N   . THR A 1 63  ? 10.388  6.818   -5.844  1.00 26.17 ? 63   THR A N   1 
ATOM   423  C CA  . THR A 1 63  ? 10.221  7.441   -7.152  1.00 27.33 ? 63   THR A CA  1 
ATOM   424  C C   . THR A 1 63  ? 11.235  8.597   -7.330  1.00 29.03 ? 63   THR A C   1 
ATOM   425  O O   . THR A 1 63  ? 11.627  9.236   -6.346  1.00 29.45 ? 63   THR A O   1 
ATOM   426  C CB  . THR A 1 63  ? 8.759   7.942   -7.377  1.00 27.38 ? 63   THR A CB  1 
ATOM   427  O OG1 . THR A 1 63  ? 8.433   9.103   -6.560  1.00 26.46 ? 63   THR A OG1 1 
ATOM   428  C CG2 . THR A 1 63  ? 7.741   6.838   -7.028  1.00 25.46 ? 63   THR A CG2 1 
ATOM   429  N N   . PRO A 1 64  ? 11.676  8.841   -8.572  1.00 30.66 ? 64   PRO A N   1 
ATOM   430  C CA  . PRO A 1 64  ? 12.639  9.924   -8.872  1.00 30.54 ? 64   PRO A CA  1 
ATOM   431  C C   . PRO A 1 64  ? 12.072  11.338  -8.970  1.00 31.13 ? 64   PRO A C   1 
ATOM   432  O O   . PRO A 1 64  ? 12.852  12.299  -9.066  1.00 31.30 ? 64   PRO A O   1 
ATOM   433  C CB  . PRO A 1 64  ? 13.190  9.524   -10.246 1.00 31.21 ? 64   PRO A CB  1 
ATOM   434  C CG  . PRO A 1 64  ? 12.038  8.790   -10.922 1.00 29.89 ? 64   PRO A CG  1 
ATOM   435  C CD  . PRO A 1 64  ? 11.371  8.027   -9.774  1.00 30.11 ? 64   PRO A CD  1 
ATOM   436  N N   . ARG A 1 65  ? 10.745  11.471  -9.017  1.00 29.21 ? 65   ARG A N   1 
ATOM   437  C CA  . ARG A 1 65  ? 10.048  12.766  -9.063  1.00 29.24 ? 65   ARG A CA  1 
ATOM   438  C C   . ARG A 1 65  ? 8.857   12.587  -8.144  1.00 27.74 ? 65   ARG A C   1 
ATOM   439  O O   . ARG A 1 65  ? 8.534   11.451  -7.832  1.00 28.75 ? 65   ARG A O   1 
ATOM   440  C CB  . ARG A 1 65  ? 9.539   13.044  -10.476 1.00 29.91 ? 65   ARG A CB  1 
ATOM   441  C CG  . ARG A 1 65  ? 10.459  13.948  -11.355 1.00 33.65 ? 65   ARG A CG  1 
ATOM   442  C CD  . ARG A 1 65  ? 10.038  13.977  -12.870 1.00 31.75 ? 65   ARG A CD  1 
ATOM   443  N NE  . ARG A 1 65  ? 8.846   13.143  -13.100 1.00 39.83 ? 65   ARG A NE  1 
ATOM   444  C CZ  . ARG A 1 65  ? 7.581   13.576  -13.043 1.00 40.21 ? 65   ARG A CZ  1 
ATOM   445  N NH1 . ARG A 1 65  ? 7.319   14.857  -12.797 1.00 38.68 ? 65   ARG A NH1 1 
ATOM   446  N NH2 . ARG A 1 65  ? 6.567   12.724  -13.242 1.00 42.50 ? 65   ARG A NH2 1 
ATOM   447  N N   . GLN A 1 66  ? 8.219   13.668  -7.700  1.00 26.65 ? 66   GLN A N   1 
ATOM   448  C CA  . GLN A 1 66  ? 6.988   13.532  -6.931  1.00 25.79 ? 66   GLN A CA  1 
ATOM   449  C C   . GLN A 1 66  ? 5.841   13.374  -7.954  1.00 24.08 ? 66   GLN A C   1 
ATOM   450  O O   . GLN A 1 66  ? 5.597   14.282  -8.798  1.00 23.51 ? 66   GLN A O   1 
ATOM   451  C CB  . GLN A 1 66  ? 6.745   14.721  -5.981  1.00 25.60 ? 66   GLN A CB  1 
ATOM   452  C CG  . GLN A 1 66  ? 5.364   14.681  -5.313  1.00 27.10 ? 66   GLN A CG  1 
ATOM   453  C CD  . GLN A 1 66  ? 5.145   15.764  -4.249  1.00 27.60 ? 66   GLN A CD  1 
ATOM   454  O OE1 . GLN A 1 66  ? 6.100   16.246  -3.627  1.00 29.78 ? 66   GLN A OE1 1 
ATOM   455  N NE2 . GLN A 1 66  ? 3.896   16.118  -4.017  1.00 29.60 ? 66   GLN A NE2 1 
ATOM   456  N N   . LEU A 1 67  ? 5.171   12.230  -7.921  1.00 21.86 ? 67   LEU A N   1 
ATOM   457  C CA  . LEU A 1 67  ? 4.060   12.039  -8.871  1.00 22.36 ? 67   LEU A CA  1 
ATOM   458  C C   . LEU A 1 67  ? 2.893   12.861  -8.386  1.00 21.92 ? 67   LEU A C   1 
ATOM   459  O O   . LEU A 1 67  ? 2.789   13.125  -7.165  1.00 22.50 ? 67   LEU A O   1 
ATOM   460  C CB  . LEU A 1 67  ? 3.602   10.583  -8.968  1.00 22.79 ? 67   LEU A CB  1 
ATOM   461  C CG  . LEU A 1 67  ? 4.481   9.349   -9.222  1.00 25.68 ? 67   LEU A CG  1 
ATOM   462  C CD1 . LEU A 1 67  ? 3.821   8.273   -10.065 1.00 27.45 ? 67   LEU A CD1 1 
ATOM   463  C CD2 . LEU A 1 67  ? 5.954   9.526   -9.545  1.00 29.57 ? 67   LEU A CD2 1 
ATOM   464  N N   . VAL A 1 68  ? 1.965   13.210  -9.296  1.00 20.28 ? 68   VAL A N   1 
ATOM   465  C CA  . VAL A 1 68  ? 0.713   13.781  -8.877  1.00 20.42 ? 68   VAL A CA  1 
ATOM   466  C C   . VAL A 1 68  ? -0.218  12.558  -8.739  1.00 18.96 ? 68   VAL A C   1 
ATOM   467  O O   . VAL A 1 68  ? 0.121   11.479  -9.293  1.00 17.53 ? 68   VAL A O   1 
ATOM   468  C CB  . VAL A 1 68  ? 0.201   14.806  -9.873  1.00 20.77 ? 68   VAL A CB  1 
ATOM   469  C CG1 . VAL A 1 68  ? 1.208   16.017  -9.929  1.00 24.53 ? 68   VAL A CG1 1 
ATOM   470  C CG2 . VAL A 1 68  ? 0.039   14.176  -11.230 1.00 22.54 ? 68   VAL A CG2 1 
ATOM   471  N N   . PRO A 1 69  ? -1.264  12.667  -7.931  1.00 20.03 ? 69   PRO A N   1 
ATOM   472  C CA  . PRO A 1 69  ? -2.151  11.511  -7.708  1.00 18.26 ? 69   PRO A CA  1 
ATOM   473  C C   . PRO A 1 69  ? -2.613  10.809  -9.006  1.00 18.07 ? 69   PRO A C   1 
ATOM   474  O O   . PRO A 1 69  ? -2.678  9.550   -9.036  1.00 16.51 ? 69   PRO A O   1 
ATOM   475  C CB  . PRO A 1 69  ? -3.292  12.100  -6.862  1.00 18.59 ? 69   PRO A CB  1 
ATOM   476  C CG  . PRO A 1 69  ? -2.534  13.190  -5.986  1.00 20.04 ? 69   PRO A CG  1 
ATOM   477  C CD  . PRO A 1 69  ? -1.660  13.820  -7.071  1.00 19.28 ? 69   PRO A CD  1 
ATOM   478  N N   . GLN A 1 70  ? -2.847  11.582  -10.064 1.00 16.15 ? 70   GLN A N   1 
ATOM   479  C CA  . GLN A 1 70  ? -3.385  10.988  -11.310 1.00 19.14 ? 70   GLN A CA  1 
ATOM   480  C C   . GLN A 1 70  ? -2.359  10.130  -12.068 1.00 18.27 ? 70   GLN A C   1 
ATOM   481  O O   . GLN A 1 70  ? -2.708  9.414   -13.008 1.00 18.75 ? 70   GLN A O   1 
ATOM   482  C CB  . GLN A 1 70  ? -4.014  12.069  -12.201 1.00 18.70 ? 70   GLN A CB  1 
ATOM   483  C CG  . GLN A 1 70  ? -5.482  12.539  -11.682 1.00 23.15 ? 70   GLN A CG  1 
ATOM   484  C CD  . GLN A 1 70  ? -6.055  13.755  -12.456 1.00 27.03 ? 70   GLN A CD  1 
ATOM   485  O OE1 . GLN A 1 70  ? -6.809  13.580  -13.461 1.00 37.87 ? 70   GLN A OE1 1 
ATOM   486  N NE2 . GLN A 1 70  ? -5.717  14.984  -12.010 1.00 33.04 ? 70   GLN A NE2 1 
ATOM   487  N N   . GLU A 1 71  ? -1.092  10.235  -11.656 1.00 16.45 ? 71   GLU A N   1 
ATOM   488  C CA  . GLU A 1 71  ? -0.009  9.434   -12.226 1.00 17.81 ? 71   GLU A CA  1 
ATOM   489  C C   . GLU A 1 71  ? 0.174   8.081   -11.543 1.00 15.11 ? 71   GLU A C   1 
ATOM   490  O O   . GLU A 1 71  ? 1.102   7.344   -11.867 1.00 15.31 ? 71   GLU A O   1 
ATOM   491  C CB  . GLU A 1 71  ? 1.273   10.279  -12.215 1.00 18.25 ? 71   GLU A CB  1 
ATOM   492  C CG  . GLU A 1 71  ? 1.297   11.324  -13.354 1.00 17.79 ? 71   GLU A CG  1 
ATOM   493  C CD  . GLU A 1 71  ? 2.471   12.299  -13.248 1.00 21.32 ? 71   GLU A CD  1 
ATOM   494  O OE1 . GLU A 1 71  ? 2.994   12.468  -12.143 1.00 22.20 ? 71   GLU A OE1 1 
ATOM   495  O OE2 . GLU A 1 71  ? 2.866   12.889  -14.298 1.00 23.57 ? 71   GLU A OE2 1 
ATOM   496  N N   . TYR A 1 72  ? -0.746  7.736   -10.626 1.00 14.41 ? 72   TYR A N   1 
ATOM   497  C CA  . TYR A 1 72  ? -0.530  6.577   -9.783  1.00 14.27 ? 72   TYR A CA  1 
ATOM   498  C C   . TYR A 1 72  ? -0.257  5.267   -10.549 1.00 12.20 ? 72   TYR A C   1 
ATOM   499  O O   . TYR A 1 72  ? 0.508   4.384   -10.097 1.00 13.82 ? 72   TYR A O   1 
ATOM   500  C CB  . TYR A 1 72  ? -1.706  6.407   -8.841  1.00 13.23 ? 72   TYR A CB  1 
ATOM   501  C CG  . TYR A 1 72  ? -2.958  5.930   -9.555  1.00 13.72 ? 72   TYR A CG  1 
ATOM   502  C CD1 . TYR A 1 72  ? -3.264  4.562   -9.551  1.00 13.39 ? 72   TYR A CD1 1 
ATOM   503  C CD2 . TYR A 1 72  ? -3.816  6.846   -10.217 1.00 15.92 ? 72   TYR A CD2 1 
ATOM   504  C CE1 . TYR A 1 72  ? -4.416  4.046   -10.226 1.00 14.14 ? 72   TYR A CE1 1 
ATOM   505  C CE2 . TYR A 1 72  ? -4.990  6.371   -10.902 1.00 17.09 ? 72   TYR A CE2 1 
ATOM   506  C CZ  . TYR A 1 72  ? -5.269  4.980   -10.877 1.00 16.25 ? 72   TYR A CZ  1 
ATOM   507  O OH  . TYR A 1 72  ? -6.398  4.473   -11.524 1.00 15.26 ? 72   TYR A OH  1 
ATOM   508  N N   . ALA A 1 73  ? -0.923  5.105   -11.699 1.00 12.40 ? 73   ALA A N   1 
ATOM   509  C CA  . ALA A 1 73  ? -0.782  3.889   -12.477 1.00 14.08 ? 73   ALA A CA  1 
ATOM   510  C C   . ALA A 1 73  ? 0.568   3.679   -13.151 1.00 12.33 ? 73   ALA A C   1 
ATOM   511  O O   . ALA A 1 73  ? 0.829   2.592   -13.669 1.00 14.98 ? 73   ALA A O   1 
ATOM   512  C CB  . ALA A 1 73  ? -1.962  3.692   -13.522 1.00 14.12 ? 73   ALA A CB  1 
ATOM   513  N N   . THR A 1 74  ? 1.440   4.714   -13.137 1.00 14.53 ? 74   THR A N   1 
ATOM   514  C CA  . THR A 1 74  ? 2.737   4.610   -13.728 1.00 16.42 ? 74   THR A CA  1 
ATOM   515  C C   . THR A 1 74  ? 3.742   3.958   -12.786 1.00 16.18 ? 74   THR A C   1 
ATOM   516  O O   . THR A 1 74  ? 4.859   3.624   -13.177 1.00 15.82 ? 74   THR A O   1 
ATOM   517  C CB  . THR A 1 74  ? 3.260   5.993   -14.164 1.00 16.73 ? 74   THR A CB  1 
ATOM   518  O OG1 . THR A 1 74  ? 3.533   6.799   -12.989 1.00 14.76 ? 74   THR A OG1 1 
ATOM   519  C CG2 . THR A 1 74  ? 2.210   6.801   -15.004 1.00 15.84 ? 74   THR A CG2 1 
ATOM   520  N N   . LEU A 1 75  ? 3.331   3.738   -11.539 1.00 15.57 ? 75   LEU A N   1 
ATOM   521  C CA  . LEU A 1 75  ? 4.261   3.218   -10.568 1.00 15.58 ? 75   LEU A CA  1 
ATOM   522  C C   . LEU A 1 75  ? 4.990   1.920   -10.957 1.00 16.99 ? 75   LEU A C   1 
ATOM   523  O O   . LEU A 1 75  ? 6.117   1.696   -10.481 1.00 16.58 ? 75   LEU A O   1 
ATOM   524  C CB  . LEU A 1 75  ? 3.576   3.021   -9.192  1.00 15.04 ? 75   LEU A CB  1 
ATOM   525  C CG  . LEU A 1 75  ? 3.318   4.299   -8.362  1.00 16.72 ? 75   LEU A CG  1 
ATOM   526  C CD1 . LEU A 1 75  ? 2.607   3.912   -7.056  1.00 13.58 ? 75   LEU A CD1 1 
ATOM   527  C CD2 . LEU A 1 75  ? 4.670   4.985   -8.066  1.00 17.04 ? 75   LEU A CD2 1 
ATOM   528  N N   . PRO A 1 76  ? 4.373   1.013   -11.726 1.00 15.96 ? 76   PRO A N   1 
ATOM   529  C CA  . PRO A 1 76  ? 5.101   -0.209  -12.080 1.00 16.85 ? 76   PRO A CA  1 
ATOM   530  C C   . PRO A 1 76  ? 6.416   -0.004  -12.831 1.00 16.64 ? 76   PRO A C   1 
ATOM   531  O O   . PRO A 1 76  ? 7.269   -0.906  -12.795 1.00 18.06 ? 76   PRO A O   1 
ATOM   532  C CB  . PRO A 1 76  ? 4.095   -1.009  -12.946 1.00 15.83 ? 76   PRO A CB  1 
ATOM   533  C CG  . PRO A 1 76  ? 2.774   -0.558  -12.427 1.00 17.65 ? 76   PRO A CG  1 
ATOM   534  C CD  . PRO A 1 76  ? 2.954   0.930   -12.175 1.00 17.07 ? 76   PRO A CD  1 
ATOM   535  N N   . GLN A 1 77  ? 6.580   1.131   -13.483 1.00 17.01 ? 77   GLN A N   1 
ATOM   536  C CA  . GLN A 1 77  ? 7.836   1.409   -14.174 1.00 19.63 ? 77   GLN A CA  1 
ATOM   537  C C   . GLN A 1 77  ? 8.995   1.535   -13.130 1.00 20.32 ? 77   GLN A C   1 
ATOM   538  O O   . GLN A 1 77  ? 10.176  1.435   -13.457 1.00 20.77 ? 77   GLN A O   1 
ATOM   539  C CB  . GLN A 1 77  ? 7.684   2.631   -15.073 1.00 19.15 ? 77   GLN A CB  1 
ATOM   540  C CG  . GLN A 1 77  ? 7.714   3.985   -14.355 1.00 16.72 ? 77   GLN A CG  1 
ATOM   541  C CD  . GLN A 1 77  ? 7.606   5.130   -15.268 1.00 12.80 ? 77   GLN A CD  1 
ATOM   542  O OE1 . GLN A 1 77  ? 8.200   5.136   -16.385 1.00 16.58 ? 77   GLN A OE1 1 
ATOM   543  N NE2 . GLN A 1 77  ? 6.878   6.161   -14.818 1.00 18.44 ? 77   GLN A NE2 1 
ATOM   544  N N   . TYR A 1 78  ? 8.618   1.727   -11.877 1.00 20.32 ? 78   TYR A N   1 
ATOM   545  C CA  . TYR A 1 78  ? 9.567   1.807   -10.748 1.00 20.73 ? 78   TYR A CA  1 
ATOM   546  C C   . TYR A 1 78  ? 9.493   0.560   -9.894  1.00 20.94 ? 78   TYR A C   1 
ATOM   547  O O   . TYR A 1 78  ? 10.088  0.500   -8.820  1.00 21.29 ? 78   TYR A O   1 
ATOM   548  C CB  . TYR A 1 78  ? 9.272   3.097   -9.928  1.00 21.83 ? 78   TYR A CB  1 
ATOM   549  C CG  . TYR A 1 78  ? 9.322   4.353   -10.771 1.00 23.30 ? 78   TYR A CG  1 
ATOM   550  C CD1 . TYR A 1 78  ? 10.416  4.613   -11.569 1.00 23.09 ? 78   TYR A CD1 1 
ATOM   551  C CD2 . TYR A 1 78  ? 8.280   5.287   -10.751 1.00 21.30 ? 78   TYR A CD2 1 
ATOM   552  C CE1 . TYR A 1 78  ? 10.493  5.765   -12.353 1.00 26.46 ? 78   TYR A CE1 1 
ATOM   553  C CE2 . TYR A 1 78  ? 8.347   6.418   -11.514 1.00 24.70 ? 78   TYR A CE2 1 
ATOM   554  C CZ  . TYR A 1 78  ? 9.449   6.651   -12.322 1.00 24.61 ? 78   TYR A CZ  1 
ATOM   555  O OH  . TYR A 1 78  ? 9.522   7.802   -13.074 1.00 27.76 ? 78   TYR A OH  1 
ATOM   556  N N   . GLY A 1 79  ? 8.756   -0.442  -10.370 1.00 18.91 ? 79   GLY A N   1 
ATOM   557  C CA  . GLY A 1 79  ? 8.526   -1.688  -9.658  1.00 17.82 ? 79   GLY A CA  1 
ATOM   558  C C   . GLY A 1 79  ? 7.542   -1.637  -8.483  1.00 15.65 ? 79   GLY A C   1 
ATOM   559  O O   . GLY A 1 79  ? 7.494   -2.546  -7.657  1.00 15.92 ? 79   GLY A O   1 
ATOM   560  N N   . LEU A 1 80  ? 6.698   -0.607  -8.476  1.00 15.49 ? 80   LEU A N   1 
ATOM   561  C CA  . LEU A 1 80  ? 5.718   -0.411  -7.408  1.00 14.55 ? 80   LEU A CA  1 
ATOM   562  C C   . LEU A 1 80  ? 4.285   -0.620  -7.940  1.00 14.11 ? 80   LEU A C   1 
ATOM   563  O O   . LEU A 1 80  ? 3.993   -0.255  -9.088  1.00 14.68 ? 80   LEU A O   1 
ATOM   564  C CB  . LEU A 1 80  ? 5.802   0.993   -6.832  1.00 13.48 ? 80   LEU A CB  1 
ATOM   565  C CG  . LEU A 1 80  ? 6.728   1.153   -5.593  1.00 13.62 ? 80   LEU A CG  1 
ATOM   566  C CD1 . LEU A 1 80  ? 8.175   0.623   -5.956  1.00 16.40 ? 80   LEU A CD1 1 
ATOM   567  C CD2 . LEU A 1 80  ? 6.725   2.579   -5.143  1.00 15.12 ? 80   LEU A CD2 1 
ATOM   568  N N   . GLY A 1 81  ? 3.448   -1.179  -7.086  1.00 12.52 ? 81   GLY A N   1 
ATOM   569  C CA  . GLY A 1 81  ? 1.989   -1.303  -7.327  1.00 12.95 ? 81   GLY A CA  1 
ATOM   570  C C   . GLY A 1 81  ? 1.172   -0.808  -6.143  1.00 13.98 ? 81   GLY A C   1 
ATOM   571  O O   . GLY A 1 81  ? 1.727   -0.377  -5.098  1.00 12.97 ? 81   GLY A O   1 
ATOM   572  N N   . LEU A 1 82  ? -0.148  -0.935  -6.261  1.00 11.84 ? 82   LEU A N   1 
ATOM   573  C CA  . LEU A 1 82  ? -1.057  -0.321  -5.318  1.00 10.38 ? 82   LEU A CA  1 
ATOM   574  C C   . LEU A 1 82  ? -2.329  -1.140  -5.220  1.00 11.80 ? 82   LEU A C   1 
ATOM   575  O O   . LEU A 1 82  ? -2.859  -1.644  -6.260  1.00 11.72 ? 82   LEU A O   1 
ATOM   576  C CB  . LEU A 1 82  ? -1.501  1.093   -5.752  1.00 10.22 ? 82   LEU A CB  1 
ATOM   577  C CG  . LEU A 1 82  ? -0.410  2.183   -5.786  1.00 11.25 ? 82   LEU A CG  1 
ATOM   578  C CD1 . LEU A 1 82  ? -0.971  3.381   -6.470  1.00 12.91 ? 82   LEU A CD1 1 
ATOM   579  C CD2 . LEU A 1 82  ? -0.033  2.457   -4.260  1.00 11.28 ? 82   LEU A CD2 1 
ATOM   580  N N   . THR A 1 83  ? -2.815  -1.249  -4.013  1.00 12.10 ? 83   THR A N   1 
ATOM   581  C CA  . THR A 1 83  ? -4.219  -1.673  -3.762  1.00 13.48 ? 83   THR A CA  1 
ATOM   582  C C   . THR A 1 83  ? -4.643  -1.199  -2.347  1.00 12.16 ? 83   THR A C   1 
ATOM   583  O O   . THR A 1 83  ? -3.876  -0.509  -1.694  1.00 11.55 ? 83   THR A O   1 
ATOM   584  C CB  . THR A 1 83  ? -4.390  -3.210  -3.949  1.00 12.79 ? 83   THR A CB  1 
ATOM   585  O OG1 . THR A 1 83  ? -5.775  -3.579  -3.780  1.00 13.79 ? 83   THR A OG1 1 
ATOM   586  C CG2 . THR A 1 83  ? -3.588  -4.019  -2.888  1.00 13.54 ? 83   THR A CG2 1 
ATOM   587  N N   . ASP A 1 84  ? -5.810  -1.619  -1.874  1.00 11.95 ? 84   ASP A N   1 
ATOM   588  C CA  . ASP A 1 84  ? -6.301  -1.279  -0.544  1.00 12.16 ? 84   ASP A CA  1 
ATOM   589  C C   . ASP A 1 84  ? -7.047  -2.463  0.038   1.00 13.86 ? 84   ASP A C   1 
ATOM   590  O O   . ASP A 1 84  ? -7.571  -3.287  -0.707  1.00 14.72 ? 84   ASP A O   1 
ATOM   591  C CB  . ASP A 1 84  ? -7.287  -0.120  -0.624  1.00 13.36 ? 84   ASP A CB  1 
ATOM   592  C CG  . ASP A 1 84  ? -6.614  1.231   -0.916  1.00 15.06 ? 84   ASP A CG  1 
ATOM   593  O OD1 . ASP A 1 84  ? -5.507  1.528   -0.370  1.00 14.05 ? 84   ASP A OD1 1 
ATOM   594  O OD2 . ASP A 1 84  ? -7.177  2.099   -1.632  1.00 14.12 ? 84   ASP A OD2 1 
ATOM   595  N N   . VAL A 1 85  ? -7.189  -2.483  1.348   1.00 12.31 ? 85   VAL A N   1 
ATOM   596  C CA  . VAL A 1 85  ? -7.949  -3.578  1.978   1.00 13.38 ? 85   VAL A CA  1 
ATOM   597  C C   . VAL A 1 85  ? -9.426  -3.470  1.626   1.00 13.15 ? 85   VAL A C   1 
ATOM   598  O O   . VAL A 1 85  ? -10.120 -4.483  1.441   1.00 15.27 ? 85   VAL A O   1 
ATOM   599  C CB  . VAL A 1 85  ? -7.716  -3.581  3.506   1.00 12.80 ? 85   VAL A CB  1 
ATOM   600  C CG1 . VAL A 1 85  ? -8.420  -4.782  4.179   1.00 15.58 ? 85   VAL A CG1 1 
ATOM   601  C CG2 . VAL A 1 85  ? -6.185  -3.580  3.837   1.00 16.45 ? 85   VAL A CG2 1 
ATOM   602  N N   . ALA A 1 86  ? -9.936  -2.243  1.553   1.00 13.47 ? 86   ALA A N   1 
ATOM   603  C CA  . ALA A 1 86  ? -11.313 -1.966  1.137   1.00 15.27 ? 86   ALA A CA  1 
ATOM   604  C C   . ALA A 1 86  ? -11.327 -1.261  -0.249  1.00 16.88 ? 86   ALA A C   1 
ATOM   605  O O   . ALA A 1 86  ? -10.774 -0.154  -0.405  1.00 15.85 ? 86   ALA A O   1 
ATOM   606  C CB  . ALA A 1 86  ? -11.999 -1.127  2.159   1.00 15.19 ? 86   ALA A CB  1 
ATOM   607  N N   . LYS A 1 87  ? -11.953 -1.896  -1.242  1.00 15.67 ? 87   LYS A N   1 
ATOM   608  C CA  . LYS A 1 87  ? -11.897 -1.386  -2.606  1.00 16.51 ? 87   LYS A CA  1 
ATOM   609  C C   . LYS A 1 87  ? -13.236 -0.793  -3.132  1.00 18.04 ? 87   LYS A C   1 
ATOM   610  O O   . LYS A 1 87  ? -13.259 -0.137  -4.145  1.00 19.00 ? 87   LYS A O   1 
ATOM   611  C CB  . LYS A 1 87  ? -11.473 -2.507  -3.532  1.00 17.00 ? 87   LYS A CB  1 
ATOM   612  C CG  . LYS A 1 87  ? -9.996  -2.882  -3.417  1.00 17.04 ? 87   LYS A CG  1 
ATOM   613  C CD  . LYS A 1 87  ? -9.018  -1.711  -3.790  1.00 14.49 ? 87   LYS A CD  1 
ATOM   614  C CE  . LYS A 1 87  ? -9.289  -1.174  -5.186  1.00 11.23 ? 87   LYS A CE  1 
ATOM   615  N NZ  . LYS A 1 87  ? -8.161  -0.317  -5.732  1.00 11.73 ? 87   LYS A NZ  1 
ATOM   616  N N   . ARG A 1 88  ? -14.335 -1.161  -2.469  1.00 18.80 ? 88   ARG A N   1 
ATOM   617  C CA  . ARG A 1 88  ? -15.682 -0.779  -2.916  1.00 19.16 ? 88   ARG A CA  1 
ATOM   618  C C   . ARG A 1 88  ? -16.325 0.324   -2.086  1.00 19.60 ? 88   ARG A C   1 
ATOM   619  O O   . ARG A 1 88  ? -17.507 0.663   -2.333  1.00 19.61 ? 88   ARG A O   1 
ATOM   620  C CB  . ARG A 1 88  ? -16.595 -2.031  -2.834  1.00 19.71 ? 88   ARG A CB  1 
ATOM   621  C CG  . ARG A 1 88  ? -16.111 -3.186  -3.760  1.00 20.59 ? 88   ARG A CG  1 
ATOM   622  C CD  . ARG A 1 88  ? -17.087 -4.392  -3.808  1.00 22.83 ? 88   ARG A CD  1 
ATOM   623  N NE  . ARG A 1 88  ? -16.648 -5.440  -4.738  1.00 23.41 ? 88   ARG A NE  1 
ATOM   624  C CZ  . ARG A 1 88  ? -15.652 -6.304  -4.477  1.00 25.32 ? 88   ARG A CZ  1 
ATOM   625  N NH1 . ARG A 1 88  ? -14.965 -6.237  -3.337  1.00 23.89 ? 88   ARG A NH1 1 
ATOM   626  N NH2 . ARG A 1 88  ? -15.343 -7.250  -5.367  1.00 25.82 ? 88   ARG A NH2 1 
ATOM   627  N N   . HIS A 1 89  ? -15.593 0.860   -1.094  1.00 19.12 ? 89   HIS A N   1 
ATOM   628  C CA  . HIS A 1 89  ? -16.109 1.902   -0.233  1.00 17.85 ? 89   HIS A CA  1 
ATOM   629  C C   . HIS A 1 89  ? -14.985 2.920   -0.025  1.00 19.11 ? 89   HIS A C   1 
ATOM   630  O O   . HIS A 1 89  ? -13.811 2.579   -0.100  1.00 16.68 ? 89   HIS A O   1 
ATOM   631  C CB  . HIS A 1 89  ? -16.489 1.332   1.152   1.00 17.40 ? 89   HIS A CB  1 
ATOM   632  C CG  . HIS A 1 89  ? -17.550 0.256   1.113   1.00 19.95 ? 89   HIS A CG  1 
ATOM   633  N ND1 . HIS A 1 89  ? -17.273 -1.060  0.797   1.00 18.48 ? 89   HIS A ND1 1 
ATOM   634  C CD2 . HIS A 1 89  ? -18.887 0.315   1.351   1.00 24.32 ? 89   HIS A CD2 1 
ATOM   635  C CE1 . HIS A 1 89  ? -18.397 -1.770  0.851   1.00 24.88 ? 89   HIS A CE1 1 
ATOM   636  N NE2 . HIS A 1 89  ? -19.392 -0.954  1.175   1.00 23.11 ? 89   HIS A NE2 1 
ATOM   637  N N   . SER A 1 90  ? -15.379 4.160   0.286   1.00 19.53 ? 90   SER A N   1 
ATOM   638  C CA  . SER A 1 90  ? -14.423 5.204   0.569   1.00 20.93 ? 90   SER A CA  1 
ATOM   639  C C   . SER A 1 90  ? -14.751 5.863   1.884   1.00 21.22 ? 90   SER A C   1 
ATOM   640  O O   . SER A 1 90  ? -15.885 5.755   2.396   1.00 21.57 ? 90   SER A O   1 
ATOM   641  C CB  . SER A 1 90  ? -14.424 6.222   -0.572  1.00 19.32 ? 90   SER A CB  1 
ATOM   642  O OG  . SER A 1 90  ? -15.643 6.988   -0.639  1.00 25.13 ? 90   SER A OG  1 
ATOM   643  N N   . GLY A 1 91  ? -13.766 6.570   2.418   1.00 22.21 ? 91   GLY A N   1 
ATOM   644  C CA  . GLY A 1 91  ? -13.959 7.383   3.613   1.00 23.71 ? 91   GLY A CA  1 
ATOM   645  C C   . GLY A 1 91  ? -12.920 6.989   4.638   1.00 23.86 ? 91   GLY A C   1 
ATOM   646  O O   . GLY A 1 91  ? -11.957 6.241   4.322   1.00 24.14 ? 91   GLY A O   1 
ATOM   647  N N   . VAL A 1 92  ? -13.087 7.469   5.863   1.00 24.08 ? 92   VAL A N   1 
ATOM   648  C CA  . VAL A 1 92  ? -12.140 7.142   6.908   1.00 24.52 ? 92   VAL A CA  1 
ATOM   649  C C   . VAL A 1 92  ? -12.419 5.764   7.468   1.00 24.05 ? 92   VAL A C   1 
ATOM   650  O O   . VAL A 1 92  ? -13.602 5.316   7.481   1.00 21.92 ? 92   VAL A O   1 
ATOM   651  C CB  . VAL A 1 92  ? -12.126 8.235   8.024   1.00 26.02 ? 92   VAL A CB  1 
ATOM   652  C CG1 . VAL A 1 92  ? -12.033 9.589   7.346   1.00 27.37 ? 92   VAL A CG1 1 
ATOM   653  C CG2 . VAL A 1 92  ? -13.385 8.189   8.907   1.00 26.51 ? 92   VAL A CG2 1 
ATOM   654  N N   . ALA A 1 93  ? -11.347 5.057   7.858   1.00 24.84 ? 93   ALA A N   1 
ATOM   655  C CA  . ALA A 1 93  ? -11.477 3.697   8.432   1.00 25.49 ? 93   ALA A CA  1 
ATOM   656  C C   . ALA A 1 93  ? -12.606 3.535   9.417   1.00 25.37 ? 93   ALA A C   1 
ATOM   657  O O   . ALA A 1 93  ? -13.399 2.596   9.289   1.00 25.74 ? 93   ALA A O   1 
ATOM   658  C CB  . ALA A 1 93  ? -10.150 3.229   9.086   1.00 25.18 ? 93   ALA A CB  1 
ATOM   659  N N   . ALA A 1 94  ? -12.695 4.437   10.403  1.00 25.85 ? 94   ALA A N   1 
ATOM   660  C CA  . ALA A 1 94  ? -13.721 4.334   11.450  1.00 25.86 ? 94   ALA A CA  1 
ATOM   661  C C   . ALA A 1 94  ? -15.146 4.370   10.946  1.00 25.53 ? 94   ALA A C   1 
ATOM   662  O O   . ALA A 1 94  ? -16.055 3.888   11.636  1.00 26.79 ? 94   ALA A O   1 
ATOM   663  C CB  . ALA A 1 94  ? -13.543 5.415   12.494  1.00 26.68 ? 94   ALA A CB  1 
ATOM   664  N N   . ALA A 1 95  ? -15.357 4.952   9.780   1.00 24.71 ? 95   ALA A N   1 
ATOM   665  C CA  . ALA A 1 95  ? -16.690 5.166   9.247   1.00 24.32 ? 95   ALA A CA  1 
ATOM   666  C C   . ALA A 1 95  ? -17.107 4.067   8.268   1.00 24.50 ? 95   ALA A C   1 
ATOM   667  O O   . ALA A 1 95  ? -18.254 3.998   7.866   1.00 23.57 ? 95   ALA A O   1 
ATOM   668  C CB  . ALA A 1 95  ? -16.756 6.507   8.585   1.00 24.76 ? 95   ALA A CB  1 
ATOM   669  N N   . LEU A 1 96  ? -16.162 3.204   7.872   1.00 22.95 ? 96   LEU A N   1 
ATOM   670  C CA  . LEU A 1 96  ? -16.459 2.245   6.828   1.00 22.48 ? 96   LEU A CA  1 
ATOM   671  C C   . LEU A 1 96  ? -17.412 1.196   7.400   1.00 21.74 ? 96   LEU A C   1 
ATOM   672  O O   . LEU A 1 96  ? -17.218 0.811   8.537   1.00 22.59 ? 96   LEU A O   1 
ATOM   673  C CB  . LEU A 1 96  ? -15.160 1.557   6.375   1.00 22.95 ? 96   LEU A CB  1 
ATOM   674  C CG  . LEU A 1 96  ? -14.196 2.424   5.512   1.00 18.70 ? 96   LEU A CG  1 
ATOM   675  C CD1 . LEU A 1 96  ? -12.956 1.617   5.142   1.00 23.46 ? 96   LEU A CD1 1 
ATOM   676  C CD2 . LEU A 1 96  ? -14.834 2.997   4.244   1.00 26.52 ? 96   LEU A CD2 1 
ATOM   677  N N   . PRO A 1 97  ? -18.375 0.716   6.621   1.00 22.17 ? 97   PRO A N   1 
ATOM   678  C CA  . PRO A 1 97  ? -19.215 -0.435  7.052   1.00 22.65 ? 97   PRO A CA  1 
ATOM   679  C C   . PRO A 1 97  ? -18.311 -1.671  7.180   1.00 22.74 ? 97   PRO A C   1 
ATOM   680  O O   . PRO A 1 97  ? -17.346 -1.768  6.459   1.00 21.27 ? 97   PRO A O   1 
ATOM   681  C CB  . PRO A 1 97  ? -20.203 -0.645  5.901   1.00 22.01 ? 97   PRO A CB  1 
ATOM   682  C CG  . PRO A 1 97  ? -19.773 0.215   4.772   1.00 24.88 ? 97   PRO A CG  1 
ATOM   683  C CD  . PRO A 1 97  ? -18.658 1.144   5.238   1.00 21.91 ? 97   PRO A CD  1 
ATOM   684  N N   . GLY A 1 98  ? -18.647 -2.597  8.068   1.00 22.70 ? 98   GLY A N   1 
ATOM   685  C CA  . GLY A 1 98  ? -17.783 -3.752  8.339   1.00 23.25 ? 98   GLY A CA  1 
ATOM   686  C C   . GLY A 1 98  ? -17.480 -4.568  7.099   1.00 22.70 ? 98   GLY A C   1 
ATOM   687  O O   . GLY A 1 98  ? -16.371 -5.045  6.923   1.00 23.20 ? 98   GLY A O   1 
ATOM   688  N N   . GLU A 1 99  ? -18.452 -4.725  6.221   1.00 22.42 ? 99   GLU A N   1 
ATOM   689  C CA  . GLU A 1 99  ? -18.280 -5.512  5.006   1.00 22.19 ? 99   GLU A CA  1 
ATOM   690  C C   . GLU A 1 99  ? -17.294 -4.870  3.998   1.00 20.54 ? 99   GLU A C   1 
ATOM   691  O O   . GLU A 1 99  ? -16.925 -5.475  3.014   1.00 20.41 ? 99   GLU A O   1 
ATOM   692  C CB  . GLU A 1 99  ? -19.647 -5.759  4.337   1.00 23.13 ? 99   GLU A CB  1 
ATOM   693  C CG  . GLU A 1 99  ? -20.388 -4.498  3.946   1.00 28.56 ? 99   GLU A CG  1 
ATOM   694  C CD  . GLU A 1 99  ? -21.336 -3.948  5.032   1.00 35.46 ? 99   GLU A CD  1 
ATOM   695  O OE1 . GLU A 1 99  ? -21.128 -4.105  6.287   1.00 36.92 ? 99   GLU A OE1 1 
ATOM   696  O OE2 . GLU A 1 99  ? -22.311 -3.322  4.604   1.00 41.30 ? 99   GLU A OE2 1 
ATOM   697  N N   . ALA A 1 100 ? -16.875 -3.624  4.273   1.00 20.11 ? 100  ALA A N   1 
ATOM   698  C CA  . ALA A 1 100 ? -15.917 -2.956  3.382   1.00 18.50 ? 100  ALA A CA  1 
ATOM   699  C C   . ALA A 1 100 ? -14.544 -3.667  3.284   1.00 19.07 ? 100  ALA A C   1 
ATOM   700  O O   . ALA A 1 100 ? -13.924 -3.641  2.219   1.00 19.36 ? 100  ALA A O   1 
ATOM   701  C CB  . ALA A 1 100 ? -15.682 -1.488  3.849   1.00 19.09 ? 100  ALA A CB  1 
ATOM   702  N N   . TRP A 1 101 ? -14.100 -4.266  4.372   1.00 19.78 ? 101  TRP A N   1 
ATOM   703  C CA  . TRP A 1 101 ? -12.755 -4.799  4.507   1.00 20.95 ? 101  TRP A CA  1 
ATOM   704  C C   . TRP A 1 101 ? -12.685 -6.181  3.885   1.00 21.67 ? 101  TRP A C   1 
ATOM   705  O O   . TRP A 1 101 ? -13.390 -7.101  4.358   1.00 22.45 ? 101  TRP A O   1 
ATOM   706  C CB  . TRP A 1 101 ? -12.386 -4.928  5.972   1.00 20.56 ? 101  TRP A CB  1 
ATOM   707  C CG  . TRP A 1 101 ? -12.566 -3.700  6.775   1.00 21.28 ? 101  TRP A CG  1 
ATOM   708  C CD1 . TRP A 1 101 ? -13.614 -3.390  7.618   1.00 20.97 ? 101  TRP A CD1 1 
ATOM   709  C CD2 . TRP A 1 101 ? -11.670 -2.576  6.818   1.00 20.24 ? 101  TRP A CD2 1 
ATOM   710  N NE1 . TRP A 1 101 ? -13.422 -2.145  8.174   1.00 23.00 ? 101  TRP A NE1 1 
ATOM   711  C CE2 . TRP A 1 101 ? -12.239 -1.615  7.707   1.00 19.69 ? 101  TRP A CE2 1 
ATOM   712  C CE3 . TRP A 1 101 ? -10.454 -2.279  6.186   1.00 22.96 ? 101  TRP A CE3 1 
ATOM   713  C CZ2 . TRP A 1 101 ? -11.620 -0.401  7.998   1.00 21.44 ? 101  TRP A CZ2 1 
ATOM   714  C CZ3 . TRP A 1 101 ? -9.817  -1.043  6.499   1.00 21.59 ? 101  TRP A CZ3 1 
ATOM   715  C CH2 . TRP A 1 101 ? -10.420 -0.124  7.372   1.00 22.63 ? 101  TRP A CH2 1 
ATOM   716  N N   . ARG A 1 102 ? -11.817 -6.349  2.877   1.00 20.58 ? 102  ARG A N   1 
ATOM   717  C CA  . ARG A 1 102 ? -11.654 -7.655  2.193   1.00 20.86 ? 102  ARG A CA  1 
ATOM   718  C C   . ARG A 1 102 ? -10.198 -8.136  2.118   1.00 20.73 ? 102  ARG A C   1 
ATOM   719  O O   . ARG A 1 102 ? -9.635  -8.245  1.009   1.00 21.37 ? 102  ARG A O   1 
ATOM   720  C CB  . ARG A 1 102 ? -12.345 -7.675  0.806   1.00 20.41 ? 102  ARG A CB  1 
ATOM   721  C CG  . ARG A 1 102 ? -13.848 -7.319  0.824   1.00 23.20 ? 102  ARG A CG  1 
ATOM   722  C CD  . ARG A 1 102 ? -14.687 -8.374  1.585   1.00 25.27 ? 102  ARG A CD  1 
ATOM   723  N NE  . ARG A 1 102 ? -14.388 -9.686  0.990   1.00 32.33 ? 102  ARG A NE  1 
ATOM   724  C CZ  . ARG A 1 102 ? -14.992 -10.162 -0.125  1.00 36.57 ? 102  ARG A CZ  1 
ATOM   725  N NH1 . ARG A 1 102 ? -15.950 -9.454  -0.741  1.00 41.15 ? 102  ARG A NH1 1 
ATOM   726  N NH2 . ARG A 1 102 ? -14.617 -11.327 -0.640  1.00 39.23 ? 102  ARG A NH2 1 
ATOM   727  N N   . PRO A 1 103 ? -9.567  -8.386  3.286   1.00 20.61 ? 103  PRO A N   1 
ATOM   728  C CA  . PRO A 1 103 ? -8.186  -8.851  3.353   1.00 21.48 ? 103  PRO A CA  1 
ATOM   729  C C   . PRO A 1 103 ? -8.018  -10.216 2.613   1.00 22.02 ? 103  PRO A C   1 
ATOM   730  O O   . PRO A 1 103 ? -6.909  -10.569 2.215   1.00 22.57 ? 103  PRO A O   1 
ATOM   731  C CB  . PRO A 1 103 ? -7.909  -9.002  4.869   1.00 21.52 ? 103  PRO A CB  1 
ATOM   732  C CG  . PRO A 1 103 ? -9.254  -9.097  5.530   1.00 20.62 ? 103  PRO A CG  1 
ATOM   733  C CD  . PRO A 1 103 ? -10.197 -8.329  4.621   1.00 22.17 ? 103  PRO A CD  1 
ATOM   734  N N   . ASP A 1 104 ? -9.129  -10.931 2.444   1.00 24.25 ? 104  ASP A N   1 
ATOM   735  C CA  . ASP A 1 104 ? -9.204  -12.193 1.726   1.00 25.49 ? 104  ASP A CA  1 
ATOM   736  C C   . ASP A 1 104 ? -8.937  -11.976 0.243   1.00 24.47 ? 104  ASP A C   1 
ATOM   737  O O   . ASP A 1 104 ? -8.071  -12.629 -0.305  1.00 23.18 ? 104  ASP A O   1 
ATOM   738  C CB  . ASP A 1 104 ? -10.552 -12.895 1.980   1.00 27.18 ? 104  ASP A CB  1 
ATOM   739  C CG  . ASP A 1 104 ? -11.770 -12.063 1.555   1.00 30.53 ? 104  ASP A CG  1 
ATOM   740  O OD1 . ASP A 1 104 ? -11.854 -10.864 1.962   1.00 30.89 ? 104  ASP A OD1 1 
ATOM   741  O OD2 . ASP A 1 104 ? -12.692 -12.514 0.823   1.00 36.01 ? 104  ASP A OD2 1 
ATOM   742  N N   . GLU A 1 105 ? -9.606  -10.989 -0.365  1.00 22.38 ? 105  GLU A N   1 
ATOM   743  C CA  . GLU A 1 105 ? -9.298  -10.582 -1.746  1.00 22.02 ? 105  GLU A CA  1 
ATOM   744  C C   . GLU A 1 105 ? -7.875  -10.058 -1.897  1.00 20.32 ? 105  GLU A C   1 
ATOM   745  O O   . GLU A 1 105 ? -7.226  -10.320 -2.906  1.00 19.70 ? 105  GLU A O   1 
ATOM   746  C CB  . GLU A 1 105 ? -10.315 -9.555  -2.244  1.00 22.02 ? 105  GLU A CB  1 
ATOM   747  C CG  . GLU A 1 105 ? -11.707 -10.138 -2.463  1.00 26.72 ? 105  GLU A CG  1 
ATOM   748  C CD  . GLU A 1 105 ? -12.669 -9.170  -3.089  1.00 32.36 ? 105  GLU A CD  1 
ATOM   749  O OE1 . GLU A 1 105 ? -12.629 -7.951  -2.773  1.00 29.36 ? 105  GLU A OE1 1 
ATOM   750  O OE2 . GLU A 1 105 ? -13.485 -9.636  -3.912  1.00 32.39 ? 105  GLU A OE2 1 
ATOM   751  N N   . LEU A 1 106 ? -7.377  -9.332  -0.894  1.00 18.54 ? 106  LEU A N   1 
ATOM   752  C CA  . LEU A 1 106 ? -5.984  -8.875  -0.913  1.00 18.37 ? 106  LEU A CA  1 
ATOM   753  C C   . LEU A 1 106 ? -5.060  -10.104 -0.958  1.00 19.00 ? 106  LEU A C   1 
ATOM   754  O O   . LEU A 1 106 ? -4.144  -10.161 -1.740  1.00 16.63 ? 106  LEU A O   1 
ATOM   755  C CB  . LEU A 1 106 ? -5.663  -8.044  0.343   1.00 18.94 ? 106  LEU A CB  1 
ATOM   756  C CG  . LEU A 1 106 ? -4.212  -7.630  0.592   1.00 16.40 ? 106  LEU A CG  1 
ATOM   757  C CD1 . LEU A 1 106 ? -3.639  -6.883  -0.625  1.00 19.31 ? 106  LEU A CD1 1 
ATOM   758  C CD2 . LEU A 1 106 ? -4.196  -6.764  1.872   1.00 16.92 ? 106  LEU A CD2 1 
ATOM   759  N N   . ARG A 1 107 ? -5.320  -11.057 -0.070  1.00 20.09 ? 107  ARG A N   1 
ATOM   760  C CA  . ARG A 1 107 ? -4.432  -12.217 0.032   1.00 21.61 ? 107  ARG A CA  1 
ATOM   761  C C   . ARG A 1 107 ? -4.403  -12.993 -1.259  1.00 22.10 ? 107  ARG A C   1 
ATOM   762  O O   . ARG A 1 107 ? -3.337  -13.404 -1.683  1.00 21.50 ? 107  ARG A O   1 
ATOM   763  C CB  . ARG A 1 107 ? -4.857  -13.068 1.200   1.00 22.84 ? 107  ARG A CB  1 
ATOM   764  C CG  . ARG A 1 107 ? -4.286  -12.589 2.548   1.00 25.10 ? 107  ARG A CG  1 
ATOM   765  C CD  . ARG A 1 107 ? -4.875  -13.408 3.740   1.00 25.06 ? 107  ARG A CD  1 
ATOM   766  N NE  . ARG A 1 107 ? -4.463  -12.931 5.071   1.00 30.09 ? 107  ARG A NE  1 
ATOM   767  C CZ  . ARG A 1 107 ? -3.312  -13.218 5.673   1.00 32.38 ? 107  ARG A CZ  1 
ATOM   768  N NH1 . ARG A 1 107 ? -2.389  -13.981 5.070   1.00 34.03 ? 107  ARG A NH1 1 
ATOM   769  N NH2 . ARG A 1 107 ? -3.056  -12.717 6.889   1.00 31.72 ? 107  ARG A NH2 1 
ATOM   770  N N   . ARG A 1 108 ? -5.544  -13.139 -1.918  1.00 21.94 ? 108  ARG A N   1 
ATOM   771  C CA  . ARG A 1 108 ? -5.585  -13.802 -3.242  1.00 24.09 ? 108  ARG A CA  1 
ATOM   772  C C   . ARG A 1 108 ? -4.752  -13.094 -4.306  1.00 21.70 ? 108  ARG A C   1 
ATOM   773  O O   . ARG A 1 108 ? -4.074  -13.729 -5.100  1.00 20.31 ? 108  ARG A O   1 
ATOM   774  C CB  . ARG A 1 108 ? -7.004  -13.950 -3.742  1.00 22.58 ? 108  ARG A CB  1 
ATOM   775  C CG  . ARG A 1 108 ? -7.805  -14.928 -2.916  1.00 29.03 ? 108  ARG A CG  1 
ATOM   776  C CD  . ARG A 1 108 ? -9.350  -14.828 -3.099  1.00 29.52 ? 108  ARG A CD  1 
ATOM   777  N NE  . ARG A 1 108 ? -9.803  -14.916 -4.486  1.00 37.65 ? 108  ARG A NE  1 
ATOM   778  C CZ  . ARG A 1 108 ? -10.551 -13.995 -5.097  1.00 43.39 ? 108  ARG A CZ  1 
ATOM   779  N NH1 . ARG A 1 108 ? -10.932 -12.898 -4.431  1.00 45.98 ? 108  ARG A NH1 1 
ATOM   780  N NH2 . ARG A 1 108 ? -10.919 -14.161 -6.376  1.00 43.45 ? 108  ARG A NH2 1 
ATOM   781  N N   . LYS A 1 109 ? -4.806  -11.758 -4.309  1.00 18.64 ? 109  LYS A N   1 
ATOM   782  C CA  . LYS A 1 109 ? -3.986  -10.987 -5.188  1.00 16.80 ? 109  LYS A CA  1 
ATOM   783  C C   . LYS A 1 109 ? -2.476  -11.192 -4.894  1.00 17.24 ? 109  LYS A C   1 
ATOM   784  O O   . LYS A 1 109 ? -1.681  -11.227 -5.787  1.00 17.99 ? 109  LYS A O   1 
ATOM   785  C CB  . LYS A 1 109 ? -4.375  -9.501  -5.088  1.00 16.80 ? 109  LYS A CB  1 
ATOM   786  C CG  . LYS A 1 109 ? -5.782  -9.201  -5.629  1.00 15.51 ? 109  LYS A CG  1 
ATOM   787  C CD  . LYS A 1 109 ? -6.242  -7.799  -5.170  1.00 16.63 ? 109  LYS A CD  1 
ATOM   788  C CE  . LYS A 1 109 ? -7.692  -7.641  -5.406  1.00 16.46 ? 109  LYS A CE  1 
ATOM   789  N NZ  . LYS A 1 109 ? -8.212  -6.301  -4.873  1.00 15.53 ? 109  LYS A NZ  1 
ATOM   790  N N   . VAL A 1 110 ? -2.095  -11.193 -3.618  1.00 17.68 ? 110  VAL A N   1 
ATOM   791  C CA  . VAL A 1 110 ? -0.701  -11.300 -3.261  1.00 19.31 ? 110  VAL A CA  1 
ATOM   792  C C   . VAL A 1 110 ? -0.154  -12.662 -3.730  1.00 20.52 ? 110  VAL A C   1 
ATOM   793  O O   . VAL A 1 110 ? 0.966   -12.745 -4.204  1.00 20.55 ? 110  VAL A O   1 
ATOM   794  C CB  . VAL A 1 110 ? -0.509  -11.118 -1.770  1.00 19.56 ? 110  VAL A CB  1 
ATOM   795  C CG1 . VAL A 1 110 ? 0.931   -11.400 -1.374  1.00 18.39 ? 110  VAL A CG1 1 
ATOM   796  C CG2 . VAL A 1 110 ? -0.839  -9.664  -1.389  1.00 18.55 ? 110  VAL A CG2 1 
ATOM   797  N N   . GLU A 1 111 ? -0.993  -13.671 -3.591  1.00 21.95 ? 111  GLU A N   1 
ATOM   798  C CA  . GLU A 1 111 ? -0.642  -15.064 -3.947  1.00 24.13 ? 111  GLU A CA  1 
ATOM   799  C C   . GLU A 1 111 ? -0.459  -15.158 -5.452  1.00 24.14 ? 111  GLU A C   1 
ATOM   800  O O   . GLU A 1 111 ? 0.408   -15.872 -5.937  1.00 24.62 ? 111  GLU A O   1 
ATOM   801  C CB  . GLU A 1 111 ? -1.751  -16.023 -3.513  1.00 24.21 ? 111  GLU A CB  1 
ATOM   802  C CG  . GLU A 1 111 ? -1.562  -17.463 -4.049  1.00 29.28 ? 111  GLU A CG  1 
ATOM   803  C CD  . GLU A 1 111 ? -0.177  -18.058 -3.769  1.00 34.89 ? 111  GLU A CD  1 
ATOM   804  O OE1 . GLU A 1 111 ? 0.387   -17.825 -2.666  1.00 33.99 ? 111  GLU A OE1 1 
ATOM   805  O OE2 . GLU A 1 111 ? 0.367   -18.778 -4.652  1.00 36.16 ? 111  GLU A OE2 1 
ATOM   806  N N   . HIS A 1 112 ? -1.344  -14.481 -6.174  1.00 24.44 ? 112  HIS A N   1 
ATOM   807  C CA  . HIS A 1 112 ? -1.293  -14.454 -7.621  1.00 23.16 ? 112  HIS A CA  1 
ATOM   808  C C   . HIS A 1 112 ? -0.102  -13.673 -8.165  1.00 22.83 ? 112  HIS A C   1 
ATOM   809  O O   . HIS A 1 112 ? 0.711   -14.203 -8.946  1.00 23.66 ? 112  HIS A O   1 
ATOM   810  C CB  . HIS A 1 112 ? -2.635  -13.963 -8.208  1.00 23.47 ? 112  HIS A CB  1 
ATOM   811  C CG  . HIS A 1 112 ? -2.602  -13.858 -9.696  1.00 25.70 ? 112  HIS A CG  1 
ATOM   812  N ND1 . HIS A 1 112 ? -2.737  -14.962 -10.525 1.00 28.06 ? 112  HIS A ND1 1 
ATOM   813  C CD2 . HIS A 1 112 ? -2.338  -12.812 -10.509 1.00 26.87 ? 112  HIS A CD2 1 
ATOM   814  C CE1 . HIS A 1 112 ? -2.602  -14.580 -11.783 1.00 28.05 ? 112  HIS A CE1 1 
ATOM   815  N NE2 . HIS A 1 112 ? -2.375  -13.279 -11.799 1.00 27.35 ? 112  HIS A NE2 1 
ATOM   816  N N   . TYR A 1 113 ? 0.067   -12.412 -7.747  1.00 19.52 ? 113  TYR A N   1 
ATOM   817  C CA  . TYR A 1 113 ? 1.092   -11.532 -8.314  1.00 18.72 ? 113  TYR A CA  1 
ATOM   818  C C   . TYR A 1 113 ? 2.483   -11.661 -7.666  1.00 18.01 ? 113  TYR A C   1 
ATOM   819  O O   . TYR A 1 113 ? 3.472   -11.231 -8.262  1.00 18.30 ? 113  TYR A O   1 
ATOM   820  C CB  . TYR A 1 113 ? 0.604   -10.094 -8.157  1.00 18.73 ? 113  TYR A CB  1 
ATOM   821  C CG  . TYR A 1 113 ? -0.595  -9.798  -9.002  1.00 17.18 ? 113  TYR A CG  1 
ATOM   822  C CD1 . TYR A 1 113 ? -0.455  -9.724  -10.405 1.00 17.58 ? 113  TYR A CD1 1 
ATOM   823  C CD2 . TYR A 1 113 ? -1.861  -9.557  -8.428  1.00 15.51 ? 113  TYR A CD2 1 
ATOM   824  C CE1 . TYR A 1 113 ? -1.571  -9.446  -11.206 1.00 22.26 ? 113  TYR A CE1 1 
ATOM   825  C CE2 . TYR A 1 113 ? -2.962  -9.279  -9.232  1.00 16.99 ? 113  TYR A CE2 1 
ATOM   826  C CZ  . TYR A 1 113 ? -2.802  -9.213  -10.594 1.00 19.07 ? 113  TYR A CZ  1 
ATOM   827  O OH  . TYR A 1 113 ? -3.869  -8.930  -11.438 1.00 21.90 ? 113  TYR A OH  1 
ATOM   828  N N   . ARG A 1 114 ? 2.536   -12.208 -6.442  1.00 18.69 ? 114  ARG A N   1 
ATOM   829  C CA  . ARG A 1 114 ? 3.848   -12.457 -5.812  1.00 19.84 ? 114  ARG A CA  1 
ATOM   830  C C   . ARG A 1 114 ? 4.813   -11.244 -5.805  1.00 19.55 ? 114  ARG A C   1 
ATOM   831  O O   . ARG A 1 114 ? 5.987   -11.356 -6.165  1.00 17.98 ? 114  ARG A O   1 
ATOM   832  C CB  . ARG A 1 114 ? 4.534   -13.665 -6.499  1.00 21.23 ? 114  ARG A CB  1 
ATOM   833  C CG  . ARG A 1 114 ? 3.760   -14.957 -6.394  1.00 25.07 ? 114  ARG A CG  1 
ATOM   834  C CD  . ARG A 1 114 ? 3.505   -15.419 -4.975  1.00 30.00 ? 114  ARG A CD  1 
ATOM   835  N NE  . ARG A 1 114 ? 2.840   -16.721 -4.922  1.00 33.12 ? 114  ARG A NE  1 
ATOM   836  C CZ  . ARG A 1 114 ? 3.468   -17.904 -5.080  1.00 37.56 ? 114  ARG A CZ  1 
ATOM   837  N NH1 . ARG A 1 114 ? 4.774   -17.961 -5.291  1.00 39.16 ? 114  ARG A NH1 1 
ATOM   838  N NH2 . ARG A 1 114 ? 2.779   -19.043 -5.036  1.00 39.58 ? 114  ARG A NH2 1 
ATOM   839  N N   . PRO A 1 115 ? 4.370   -10.064 -5.347  1.00 18.57 ? 115  PRO A N   1 
ATOM   840  C CA  . PRO A 1 115 ? 5.315   -8.928  -5.242  1.00 17.85 ? 115  PRO A CA  1 
ATOM   841  C C   . PRO A 1 115 ? 6.423   -9.249  -4.206  1.00 17.02 ? 115  PRO A C   1 
ATOM   842  O O   . PRO A 1 115 ? 6.173   -10.083 -3.313  1.00 17.51 ? 115  PRO A O   1 
ATOM   843  C CB  . PRO A 1 115 ? 4.425   -7.788  -4.728  1.00 18.09 ? 115  PRO A CB  1 
ATOM   844  C CG  . PRO A 1 115 ? 3.338   -8.508  -3.952  1.00 18.46 ? 115  PRO A CG  1 
ATOM   845  C CD  . PRO A 1 115 ? 3.045   -9.771  -4.779  1.00 19.49 ? 115  PRO A CD  1 
ATOM   846  N N   . ARG A 1 116 ? 7.587   -8.610  -4.309  1.00 17.32 ? 116  ARG A N   1 
ATOM   847  C CA  . ARG A 1 116 ? 8.684   -8.909  -3.341  1.00 17.40 ? 116  ARG A CA  1 
ATOM   848  C C   . ARG A 1 116 ? 8.331   -8.394  -1.935  1.00 17.33 ? 116  ARG A C   1 
ATOM   849  O O   . ARG A 1 116 ? 8.726   -9.012  -0.929  1.00 18.22 ? 116  ARG A O   1 
ATOM   850  C CB  . ARG A 1 116 ? 10.020  -8.336  -3.811  1.00 17.05 ? 116  ARG A CB  1 
ATOM   851  C CG  . ARG A 1 116 ? 10.613  -9.016  -5.117  1.00 17.78 ? 116  ARG A CG  1 
ATOM   852  C CD  . ARG A 1 116 ? 10.630  -10.557 -5.109  1.00 19.06 ? 116  ARG A CD  1 
ATOM   853  N NE  . ARG A 1 116 ? 11.138  -11.105 -3.868  1.00 19.31 ? 116  ARG A NE  1 
ATOM   854  C CZ  . ARG A 1 116 ? 12.438  -11.203 -3.558  1.00 21.29 ? 116  ARG A CZ  1 
ATOM   855  N NH1 . ARG A 1 116 ? 13.381  -10.802 -4.438  1.00 20.29 ? 116  ARG A NH1 1 
ATOM   856  N NH2 . ARG A 1 116 ? 12.779  -11.672 -2.349  1.00 20.33 ? 116  ARG A NH2 1 
ATOM   857  N N   . ILE A 1 117 ? 7.585   -7.281  -1.885  1.00 17.12 ? 117  ILE A N   1 
ATOM   858  C CA  . ILE A 1 117 ? 7.217   -6.664  -0.604  1.00 16.10 ? 117  ILE A CA  1 
ATOM   859  C C   . ILE A 1 117 ? 5.761   -6.249  -0.671  1.00 16.22 ? 117  ILE A C   1 
ATOM   860  O O   . ILE A 1 117 ? 5.319   -5.774  -1.729  1.00 15.51 ? 117  ILE A O   1 
ATOM   861  C CB  . ILE A 1 117 ? 8.067   -5.429  -0.287  1.00 18.05 ? 117  ILE A CB  1 
ATOM   862  C CG1 . ILE A 1 117 ? 9.593   -5.788  -0.274  1.00 17.03 ? 117  ILE A CG1 1 
ATOM   863  C CG2 . ILE A 1 117 ? 7.598   -4.859  1.068   1.00 17.15 ? 117  ILE A CG2 1 
ATOM   864  C CD1 . ILE A 1 117 ? 10.439  -4.567  -0.449  1.00 19.50 ? 117  ILE A CD1 1 
ATOM   865  N N   . VAL A 1 118 ? 5.018   -6.529  0.407   1.00 14.34 ? 118  VAL A N   1 
ATOM   866  C CA  . VAL A 1 118 ? 3.704   -5.861  0.619   1.00 14.46 ? 118  VAL A CA  1 
ATOM   867  C C   . VAL A 1 118 ? 3.892   -4.924  1.817   1.00 14.36 ? 118  VAL A C   1 
ATOM   868  O O   . VAL A 1 118 ? 4.251   -5.396  2.890   1.00 14.86 ? 118  VAL A O   1 
ATOM   869  C CB  . VAL A 1 118 ? 2.581   -6.901  0.869   1.00 15.87 ? 118  VAL A CB  1 
ATOM   870  C CG1 . VAL A 1 118 ? 1.221   -6.170  1.287   1.00 13.16 ? 118  VAL A CG1 1 
ATOM   871  C CG2 . VAL A 1 118 ? 2.366   -7.662  -0.413  1.00 14.90 ? 118  VAL A CG2 1 
ATOM   872  N N   . ALA A 1 119 ? 3.673   -3.617  1.631   1.00 15.22 ? 119  ALA A N   1 
ATOM   873  C CA  . ALA A 1 119 ? 3.886   -2.672  2.745   1.00 13.96 ? 119  ALA A CA  1 
ATOM   874  C C   . ALA A 1 119 ? 2.539   -1.978  3.005   1.00 14.50 ? 119  ALA A C   1 
ATOM   875  O O   . ALA A 1 119 ? 1.989   -1.344  2.114   1.00 13.67 ? 119  ALA A O   1 
ATOM   876  C CB  . ALA A 1 119 ? 4.971   -1.649  2.442   1.00 13.69 ? 119  ALA A CB  1 
ATOM   877  N N   . PHE A 1 120 ? 1.956   -2.245  4.176   1.00 12.52 ? 120  PHE A N   1 
ATOM   878  C CA  . PHE A 1 120 ? 0.739   -1.528  4.602   1.00 13.84 ? 120  PHE A CA  1 
ATOM   879  C C   . PHE A 1 120 ? 1.095   -0.094  4.931   1.00 15.13 ? 120  PHE A C   1 
ATOM   880  O O   . PHE A 1 120 ? 2.092   0.174   5.634   1.00 15.28 ? 120  PHE A O   1 
ATOM   881  C CB  . PHE A 1 120 ? 0.070   -2.209  5.808   1.00 15.71 ? 120  PHE A CB  1 
ATOM   882  C CG  . PHE A 1 120 ? -0.443  -3.574  5.460   1.00 16.60 ? 120  PHE A CG  1 
ATOM   883  C CD1 . PHE A 1 120 ? -1.723  -3.709  4.908   1.00 19.65 ? 120  PHE A CD1 1 
ATOM   884  C CD2 . PHE A 1 120 ? 0.390   -4.695  5.538   1.00 16.39 ? 120  PHE A CD2 1 
ATOM   885  C CE1 . PHE A 1 120 ? -2.230  -4.939  4.516   1.00 16.88 ? 120  PHE A CE1 1 
ATOM   886  C CE2 . PHE A 1 120 ? -0.130  -5.946  5.136   1.00 20.67 ? 120  PHE A CE2 1 
ATOM   887  C CZ  . PHE A 1 120 ? -1.423  -6.054  4.644   1.00 17.46 ? 120  PHE A CZ  1 
ATOM   888  N N   . THR A 1 121 ? 0.341   0.841   4.368   1.00 12.61 ? 121  THR A N   1 
ATOM   889  C CA  . THR A 1 121 ? 0.635   2.286   4.603   1.00 14.15 ? 121  THR A CA  1 
ATOM   890  C C   . THR A 1 121 ? -0.030  2.834   5.862   1.00 14.38 ? 121  THR A C   1 
ATOM   891  O O   . THR A 1 121 ? -0.074  4.037   6.062   1.00 15.82 ? 121  THR A O   1 
ATOM   892  C CB  . THR A 1 121 ? 0.230   3.136   3.373   1.00 14.70 ? 121  THR A CB  1 
ATOM   893  O OG1 . THR A 1 121 ? -1.212  3.011   3.181   1.00 15.02 ? 121  THR A OG1 1 
ATOM   894  C CG2 . THR A 1 121 ? 0.897   2.532   2.087   1.00 13.26 ? 121  THR A CG2 1 
ATOM   895  N N   . SER A 1 122 ? -0.602  1.955   6.659   1.00 13.70 ? 122  SER A N   1 
ATOM   896  C CA  . SER A 1 122 ? -1.049  2.325   8.013   1.00 16.37 ? 122  SER A CA  1 
ATOM   897  C C   . SER A 1 122 ? -1.157  1.077   8.877   1.00 17.09 ? 122  SER A C   1 
ATOM   898  O O   . SER A 1 122 ? -1.342  -0.038  8.394   1.00 18.37 ? 122  SER A O   1 
ATOM   899  C CB  . SER A 1 122 ? -2.408  3.043   7.968   1.00 17.39 ? 122  SER A CB  1 
ATOM   900  O OG  . SER A 1 122 ? -3.390  2.139   7.456   1.00 16.77 ? 122  SER A OG  1 
ATOM   901  N N   . LYS A 1 123 ? -1.024  1.249   10.187  1.00 18.43 ? 123  LYS A N   1 
ATOM   902  C CA  . LYS A 1 123 ? -1.373  0.142   11.079  1.00 18.61 ? 123  LYS A CA  1 
ATOM   903  C C   . LYS A 1 123 ? -2.758  -0.476  10.883  1.00 18.67 ? 123  LYS A C   1 
ATOM   904  O O   . LYS A 1 123 ? -2.884  -1.690  10.895  1.00 19.07 ? 123  LYS A O   1 
ATOM   905  C CB  . LYS A 1 123 ? -1.204  0.610   12.525  1.00 19.19 ? 123  LYS A CB  1 
ATOM   906  C CG  . LYS A 1 123 ? 0.224   0.938   12.816  1.00 19.92 ? 123  LYS A CG  1 
ATOM   907  C CD  . LYS A 1 123 ? 0.455   0.643   14.313  1.00 23.28 ? 123  LYS A CD  1 
ATOM   908  C CE  . LYS A 1 123 ? 1.847   1.065   14.704  1.00 23.75 ? 123  LYS A CE  1 
ATOM   909  N NZ  . LYS A 1 123 ? 2.025   0.763   16.168  1.00 28.92 ? 123  LYS A NZ  1 
ATOM   910  N N   . ARG A 1 124 ? -3.794  0.348   10.674  1.00 18.11 ? 124  ARG A N   1 
ATOM   911  C CA  . ARG A 1 124 ? -5.128  -0.167  10.528  1.00 17.76 ? 124  ARG A CA  1 
ATOM   912  C C   . ARG A 1 124 ? -5.314  -1.174  9.388   1.00 17.33 ? 124  ARG A C   1 
ATOM   913  O O   . ARG A 1 124 ? -5.966  -2.204  9.564   1.00 18.60 ? 124  ARG A O   1 
ATOM   914  C CB  . ARG A 1 124 ? -6.097  1.013   10.317  1.00 16.57 ? 124  ARG A CB  1 
ATOM   915  C CG  . ARG A 1 124 ? -7.577  0.566   10.238  1.00 20.18 ? 124  ARG A CG  1 
ATOM   916  C CD  . ARG A 1 124 ? -8.048  -0.178  11.498  1.00 16.86 ? 124  ARG A CD  1 
ATOM   917  N NE  . ARG A 1 124 ? -9.443  -0.696  11.384  1.00 21.52 ? 124  ARG A NE  1 
ATOM   918  C CZ  . ARG A 1 124 ? -10.558 -0.037  11.760  1.00 22.94 ? 124  ARG A CZ  1 
ATOM   919  N NH1 . ARG A 1 124 ? -10.483 1.209   12.215  1.00 25.26 ? 124  ARG A NH1 1 
ATOM   920  N NH2 . ARG A 1 124 ? -11.755 -0.610  11.627  1.00 24.62 ? 124  ARG A NH2 1 
ATOM   921  N N   . GLY A 1 125 ? -4.779  -0.866  8.220   1.00 17.25 ? 125  GLY A N   1 
ATOM   922  C CA  . GLY A 1 125 ? -4.817  -1.806  7.115   1.00 17.87 ? 125  GLY A CA  1 
ATOM   923  C C   . GLY A 1 125 ? -4.109  -3.108  7.486   1.00 17.85 ? 125  GLY A C   1 
ATOM   924  O O   . GLY A 1 125 ? -4.648  -4.184  7.233   1.00 17.80 ? 125  GLY A O   1 
ATOM   925  N N   . ALA A 1 126 ? -2.926  -3.008  8.101   1.00 17.45 ? 126  ALA A N   1 
ATOM   926  C CA  . ALA A 1 126 ? -2.148  -4.190  8.492   1.00 18.64 ? 126  ALA A CA  1 
ATOM   927  C C   . ALA A 1 126 ? -2.957  -5.000  9.534   1.00 20.37 ? 126  ALA A C   1 
ATOM   928  O O   . ALA A 1 126 ? -3.096  -6.215  9.434   1.00 22.03 ? 126  ALA A O   1 
ATOM   929  C CB  . ALA A 1 126 ? -0.774  -3.784  9.048   1.00 18.31 ? 126  ALA A CB  1 
ATOM   930  N N   . SER A 1 127 ? -3.585  -4.287  10.464  1.00 21.78 ? 127  SER A N   1 
ATOM   931  C CA  . SER A 1 127 ? -4.368  -4.905  11.552  1.00 24.04 ? 127  SER A CA  1 
ATOM   932  C C   . SER A 1 127 ? -5.609  -5.619  11.022  1.00 23.89 ? 127  SER A C   1 
ATOM   933  O O   . SER A 1 127 ? -5.874  -6.739  11.428  1.00 25.13 ? 127  SER A O   1 
ATOM   934  C CB  . SER A 1 127 ? -4.701  -3.868  12.659  1.00 24.06 ? 127  SER A CB  1 
ATOM   935  O OG  . SER A 1 127 ? -5.747  -4.346  13.501  1.00 26.47 ? 127  SER A OG  1 
ATOM   936  N N   . GLU A 1 128 ? -6.311  -5.030  10.054  1.00 25.10 ? 128  GLU A N   1 
ATOM   937  C CA  . GLU A 1 128 ? -7.470  -5.699  9.413   1.00 24.85 ? 128  GLU A CA  1 
ATOM   938  C C   . GLU A 1 128 ? -7.033  -6.986  8.696   1.00 26.37 ? 128  GLU A C   1 
ATOM   939  O O   . GLU A 1 128 ? -7.795  -7.943  8.665   1.00 28.46 ? 128  GLU A O   1 
ATOM   940  C CB  . GLU A 1 128 ? -8.192  -4.779  8.435   1.00 24.40 ? 128  GLU A CB  1 
ATOM   941  C CG  . GLU A 1 128 ? -8.955  -3.621  9.086   1.00 25.13 ? 128  GLU A CG  1 
ATOM   942  C CD  . GLU A 1 128 ? -10.147 -4.034  9.981   1.00 26.13 ? 128  GLU A CD  1 
ATOM   943  O OE1 . GLU A 1 128 ? -10.646 -5.164  9.840   1.00 24.28 ? 128  GLU A OE1 1 
ATOM   944  O OE2 . GLU A 1 128 ? -10.610 -3.192  10.821  1.00 24.77 ? 128  GLU A OE2 1 
ATOM   945  N N   . THR A 1 129 ? -5.821  -6.999  8.145   1.00 25.44 ? 129  THR A N   1 
ATOM   946  C CA  . THR A 1 129 ? -5.280  -8.143  7.379   1.00 26.38 ? 129  THR A CA  1 
ATOM   947  C C   . THR A 1 129 ? -4.642  -9.225  8.245   1.00 28.29 ? 129  THR A C   1 
ATOM   948  O O   . THR A 1 129 ? -4.913  -10.415 8.042   1.00 29.64 ? 129  THR A O   1 
ATOM   949  C CB  . THR A 1 129 ? -4.276  -7.625  6.317   1.00 25.46 ? 129  THR A CB  1 
ATOM   950  O OG1 . THR A 1 129 ? -4.958  -6.686  5.472   1.00 21.14 ? 129  THR A OG1 1 
ATOM   951  C CG2 . THR A 1 129 ? -3.762  -8.777  5.351   1.00 23.16 ? 129  THR A CG2 1 
ATOM   952  N N   . LEU A 1 130 ? -3.823  -8.814  9.204   1.00 29.23 ? 130  LEU A N   1 
ATOM   953  C CA  . LEU A 1 130 ? -2.986  -9.731  9.976   1.00 31.52 ? 130  LEU A CA  1 
ATOM   954  C C   . LEU A 1 130 ? -3.702  -10.255 11.217  1.00 33.78 ? 130  LEU A C   1 
ATOM   955  O O   . LEU A 1 130 ? -3.232  -11.221 11.833  1.00 34.50 ? 130  LEU A O   1 
ATOM   956  C CB  . LEU A 1 130 ? -1.635  -9.083  10.348  1.00 31.19 ? 130  LEU A CB  1 
ATOM   957  C CG  . LEU A 1 130 ? -0.726  -8.612  9.204   1.00 29.93 ? 130  LEU A CG  1 
ATOM   958  C CD1 . LEU A 1 130 ? 0.467   -7.781  9.711   1.00 31.74 ? 130  LEU A CD1 1 
ATOM   959  C CD2 . LEU A 1 130 ? -0.242  -9.784  8.348   1.00 31.27 ? 130  LEU A CD2 1 
ATOM   960  N N   . GLY A 1 131 ? -4.832  -9.634  11.569  1.00 35.42 ? 131  GLY A N   1 
ATOM   961  C CA  . GLY A 1 131 ? -5.629  -10.024 12.736  1.00 37.87 ? 131  GLY A CA  1 
ATOM   962  C C   . GLY A 1 131 ? -4.982  -9.676  14.078  1.00 39.00 ? 131  GLY A C   1 
ATOM   963  O O   . GLY A 1 131 ? -5.341  -10.248 15.114  1.00 39.94 ? 131  GLY A O   1 
ATOM   964  N N   . VAL A 1 132 ? -4.012  -8.768  14.066  1.00 39.34 ? 132  VAL A N   1 
ATOM   965  C CA  . VAL A 1 132 ? -3.387  -8.306  15.292  1.00 39.57 ? 132  VAL A CA  1 
ATOM   966  C C   . VAL A 1 132 ? -3.748  -6.822  15.509  1.00 40.02 ? 132  VAL A C   1 
ATOM   967  O O   . VAL A 1 132 ? -3.707  -6.028  14.560  1.00 39.19 ? 132  VAL A O   1 
ATOM   968  C CB  . VAL A 1 132 ? -1.856  -8.559  15.290  1.00 40.18 ? 132  VAL A CB  1 
ATOM   969  C CG1 . VAL A 1 132 ? -1.561  -10.062 15.200  1.00 40.50 ? 132  VAL A CG1 1 
ATOM   970  C CG2 . VAL A 1 132 ? -1.166  -7.846  14.146  1.00 40.94 ? 132  VAL A CG2 1 
ATOM   971  N N   . PRO A 1 133 ? -4.138  -6.452  16.735  1.00 40.09 ? 133  PRO A N   1 
ATOM   972  C CA  . PRO A 1 133 ? -4.449  -5.058  17.051  1.00 39.60 ? 133  PRO A CA  1 
ATOM   973  C C   . PRO A 1 133 ? -3.281  -4.144  16.706  1.00 39.53 ? 133  PRO A C   1 
ATOM   974  O O   . PRO A 1 133 ? -2.102  -4.547  16.831  1.00 39.79 ? 133  PRO A O   1 
ATOM   975  C CB  . PRO A 1 133 ? -4.684  -5.078  18.580  1.00 40.27 ? 133  PRO A CB  1 
ATOM   976  C CG  . PRO A 1 133 ? -4.104  -6.365  19.046  1.00 39.69 ? 133  PRO A CG  1 
ATOM   977  C CD  . PRO A 1 133 ? -4.338  -7.334  17.905  1.00 40.14 ? 133  PRO A CD  1 
ATOM   978  N N   . THR A 1 134 ? -3.602  -2.929  16.262  1.00 38.76 ? 134  THR A N   1 
ATOM   979  C CA  . THR A 1 134 ? -2.587  -1.951  15.882  1.00 38.18 ? 134  THR A CA  1 
ATOM   980  C C   . THR A 1 134 ? -1.533  -1.771  16.974  1.00 39.32 ? 134  THR A C   1 
ATOM   981  O O   . THR A 1 134 ? -0.352  -1.574  16.672  1.00 39.33 ? 134  THR A O   1 
ATOM   982  C CB  . THR A 1 134 ? -3.235  -0.595  15.523  1.00 37.89 ? 134  THR A CB  1 
ATOM   983  O OG1 . THR A 1 134 ? -4.019  -0.127  16.635  1.00 38.02 ? 134  THR A OG1 1 
ATOM   984  C CG2 . THR A 1 134 ? -4.240  -0.755  14.382  1.00 32.98 ? 134  THR A CG2 1 
ATOM   985  N N   . GLY A 1 135 ? -1.958  -1.869  18.240  1.00 40.46 ? 135  GLY A N   1 
ATOM   986  C CA  . GLY A 1 135 ? -1.062  -1.652  19.382  1.00 41.57 ? 135  GLY A CA  1 
ATOM   987  C C   . GLY A 1 135 ? 0.072   -2.648  19.442  1.00 42.43 ? 135  GLY A C   1 
ATOM   988  O O   . GLY A 1 135 ? 1.130   -2.359  20.016  1.00 43.63 ? 135  GLY A O   1 
ATOM   989  N N   . LYS A 1 136 ? -0.144  -3.811  18.822  1.00 42.73 ? 136  LYS A N   1 
ATOM   990  C CA  . LYS A 1 136 ? 0.857   -4.876  18.701  1.00 42.59 ? 136  LYS A CA  1 
ATOM   991  C C   . LYS A 1 136 ? 1.791   -4.826  17.470  1.00 41.82 ? 136  LYS A C   1 
ATOM   992  O O   . LYS A 1 136 ? 2.732   -5.644  17.356  1.00 42.68 ? 136  LYS A O   1 
ATOM   993  C CB  . LYS A 1 136 ? 0.140   -6.236  18.747  1.00 43.34 ? 136  LYS A CB  1 
ATOM   994  C CG  . LYS A 1 136 ? 0.008   -6.830  20.159  1.00 46.52 ? 136  LYS A CG  1 
ATOM   995  C CD  . LYS A 1 136 ? -0.701  -5.895  21.133  1.00 50.02 ? 136  LYS A CD  1 
ATOM   996  C CE  . LYS A 1 136 ? -0.565  -6.416  22.567  1.00 53.33 ? 136  LYS A CE  1 
ATOM   997  N NZ  . LYS A 1 136 ? -0.583  -5.299  23.549  1.00 54.85 ? 136  LYS A NZ  1 
ATOM   998  N N   . LEU A 1 137 ? 1.558   -3.900  16.542  1.00 39.63 ? 137  LEU A N   1 
ATOM   999  C CA  . LEU A 1 137 ? 2.349   -3.884  15.315  1.00 37.36 ? 137  LEU A CA  1 
ATOM   1000 C C   . LEU A 1 137 ? 3.463   -2.858  15.373  1.00 36.17 ? 137  LEU A C   1 
ATOM   1001 O O   . LEU A 1 137 ? 3.195   -1.660  15.523  1.00 36.79 ? 137  LEU A O   1 
ATOM   1002 C CB  . LEU A 1 137 ? 1.445   -3.598  14.098  1.00 37.18 ? 137  LEU A CB  1 
ATOM   1003 C CG  . LEU A 1 137 ? 0.422   -4.686  13.792  1.00 36.52 ? 137  LEU A CG  1 
ATOM   1004 C CD1 . LEU A 1 137 ? -0.686  -4.211  12.867  1.00 36.68 ? 137  LEU A CD1 1 
ATOM   1005 C CD2 . LEU A 1 137 ? 1.123   -5.930  13.272  1.00 35.56 ? 137  LEU A CD2 1 
ATOM   1006 N N   . PRO A 1 138 ? 4.718   -3.289  15.255  1.00 34.35 ? 138  PRO A N   1 
ATOM   1007 C CA  . PRO A 1 138 ? 5.803   -2.323  15.068  1.00 33.02 ? 138  PRO A CA  1 
ATOM   1008 C C   . PRO A 1 138 ? 5.802   -1.824  13.618  1.00 30.69 ? 138  PRO A C   1 
ATOM   1009 O O   . PRO A 1 138 ? 5.246   -2.499  12.759  1.00 31.44 ? 138  PRO A O   1 
ATOM   1010 C CB  . PRO A 1 138 ? 7.059   -3.155  15.377  1.00 32.53 ? 138  PRO A CB  1 
ATOM   1011 C CG  . PRO A 1 138 ? 6.686   -4.537  14.899  1.00 34.03 ? 138  PRO A CG  1 
ATOM   1012 C CD  . PRO A 1 138 ? 5.225   -4.676  15.302  1.00 34.74 ? 138  PRO A CD  1 
ATOM   1013 N N   . TYR A 1 139 ? 6.395   -0.662  13.378  1.00 28.78 ? 139  TYR A N   1 
ATOM   1014 C CA  . TYR A 1 139 ? 6.685   -0.176  12.037  1.00 27.53 ? 139  TYR A CA  1 
ATOM   1015 C C   . TYR A 1 139 ? 7.906   -0.905  11.460  1.00 28.07 ? 139  TYR A C   1 
ATOM   1016 O O   . TYR A 1 139 ? 8.813   -1.300  12.203  1.00 27.85 ? 139  TYR A O   1 
ATOM   1017 C CB  . TYR A 1 139 ? 6.974   1.307   12.100  1.00 26.52 ? 139  TYR A CB  1 
ATOM   1018 C CG  . TYR A 1 139 ? 5.745   2.134   12.416  1.00 26.53 ? 139  TYR A CG  1 
ATOM   1019 C CD1 . TYR A 1 139 ? 4.612   2.050   11.618  1.00 27.31 ? 139  TYR A CD1 1 
ATOM   1020 C CD2 . TYR A 1 139 ? 5.703   2.976   13.543  1.00 27.64 ? 139  TYR A CD2 1 
ATOM   1021 C CE1 . TYR A 1 139 ? 3.474   2.793   11.888  1.00 24.03 ? 139  TYR A CE1 1 
ATOM   1022 C CE2 . TYR A 1 139 ? 4.565   3.737   13.831  1.00 25.53 ? 139  TYR A CE2 1 
ATOM   1023 C CZ  . TYR A 1 139 ? 3.455   3.648   12.978  1.00 26.70 ? 139  TYR A CZ  1 
ATOM   1024 O OH  . TYR A 1 139 ? 2.318   4.368   13.222  1.00 25.27 ? 139  TYR A OH  1 
ATOM   1025 N N   . GLY A 1 140 ? 7.955   -1.056  10.138  1.00 27.05 ? 140  GLY A N   1 
ATOM   1026 C CA  . GLY A 1 140 ? 9.059   -1.761  9.480   1.00 26.34 ? 140  GLY A CA  1 
ATOM   1027 C C   . GLY A 1 140 ? 8.712   -3.186  9.088   1.00 27.32 ? 140  GLY A C   1 
ATOM   1028 O O   . GLY A 1 140 ? 7.532   -3.598  9.091   1.00 26.48 ? 140  GLY A O   1 
ATOM   1029 N N   . PRO A 1 141 ? 9.738   -3.995  8.781   1.00 28.04 ? 141  PRO A N   1 
ATOM   1030 C CA  . PRO A 1 141 ? 9.483   -5.339  8.343   1.00 28.66 ? 141  PRO A CA  1 
ATOM   1031 C C   . PRO A 1 141 ? 8.864   -6.087  9.442   1.00 29.81 ? 141  PRO A C   1 
ATOM   1032 O O   . PRO A 1 141 ? 9.193   -5.855  10.611  1.00 32.23 ? 141  PRO A O   1 
ATOM   1033 C CB  . PRO A 1 141 ? 10.872  -5.936  8.042   1.00 28.01 ? 141  PRO A CB  1 
ATOM   1034 C CG  . PRO A 1 141 ? 11.785  -4.889  8.125   1.00 29.57 ? 141  PRO A CG  1 
ATOM   1035 C CD  . PRO A 1 141 ? 11.171  -3.680  8.831   1.00 29.01 ? 141  PRO A CD  1 
ATOM   1036 N N   . GLN A 1 142 ? 7.968   -6.975  9.094   1.00 28.96 ? 142  GLN A N   1 
ATOM   1037 C CA  . GLN A 1 142 ? 7.337   -7.812  10.073  1.00 30.51 ? 142  GLN A CA  1 
ATOM   1038 C C   . GLN A 1 142 ? 7.991   -9.185  10.024  1.00 33.24 ? 142  GLN A C   1 
ATOM   1039 O O   . GLN A 1 142 ? 8.519   -9.576  8.985   1.00 30.95 ? 142  GLN A O   1 
ATOM   1040 C CB  . GLN A 1 142 ? 5.864   -7.916  9.784   1.00 29.86 ? 142  GLN A CB  1 
ATOM   1041 C CG  . GLN A 1 142 ? 5.187   -6.541  9.655   1.00 29.33 ? 142  GLN A CG  1 
ATOM   1042 C CD  . GLN A 1 142 ? 5.055   -5.823  11.020  1.00 28.62 ? 142  GLN A CD  1 
ATOM   1043 O OE1 . GLN A 1 142 ? 4.353   -6.303  11.923  1.00 32.30 ? 142  GLN A OE1 1 
ATOM   1044 N NE2 . GLN A 1 142 ? 5.715   -4.694  11.154  1.00 28.98 ? 142  GLN A NE2 1 
ATOM   1045 N N   . PRO A 1 143 ? 8.038   -9.893  11.158  1.00 35.88 ? 143  PRO A N   1 
ATOM   1046 C CA  . PRO A 1 143 ? 8.331   -11.327 11.113  1.00 37.90 ? 143  PRO A CA  1 
ATOM   1047 C C   . PRO A 1 143 ? 7.485   -11.963 10.012  1.00 39.52 ? 143  PRO A C   1 
ATOM   1048 O O   . PRO A 1 143 ? 6.306   -11.613 9.862   1.00 39.86 ? 143  PRO A O   1 
ATOM   1049 C CB  . PRO A 1 143 ? 7.891   -11.806 12.503  1.00 37.78 ? 143  PRO A CB  1 
ATOM   1050 C CG  . PRO A 1 143 ? 8.273   -10.650 13.382  1.00 37.62 ? 143  PRO A CG  1 
ATOM   1051 C CD  . PRO A 1 143 ? 7.910   -9.411  12.554  1.00 37.04 ? 143  PRO A CD  1 
ATOM   1052 N N   . GLN A 1 144 ? 8.108   -12.840 9.226   1.00 40.73 ? 144  GLN A N   1 
ATOM   1053 C CA  . GLN A 1 144 ? 7.445   -13.580 8.155   1.00 43.46 ? 144  GLN A CA  1 
ATOM   1054 C C   . GLN A 1 144 ? 6.280   -14.487 8.678   1.00 44.92 ? 144  GLN A C   1 
ATOM   1055 O O   . GLN A 1 144 ? 6.554   -15.509 9.315   1.00 45.80 ? 144  GLN A O   1 
ATOM   1056 C CB  . GLN A 1 144 ? 8.526   -14.390 7.397   1.00 42.56 ? 144  GLN A CB  1 
ATOM   1057 C CG  . GLN A 1 144 ? 8.181   -14.798 5.974   1.00 39.19 ? 144  GLN A CG  1 
ATOM   1058 C CD  . GLN A 1 144 ? 7.851   -13.626 5.054   1.00 35.06 ? 144  GLN A CD  1 
ATOM   1059 O OE1 . GLN A 1 144 ? 8.485   -12.540 5.170   1.00 32.61 ? 144  GLN A OE1 1 
ATOM   1060 N NE2 . GLN A 1 144 ? 6.946   -13.818 4.217   1.00 30.98 ? 144  GLN A NE2 1 
ATOM   1061 N N   . PRO A 1 145 ? 5.013   -14.113 8.407   1.00 46.35 ? 145  PRO A N   1 
ATOM   1062 C CA  . PRO A 1 145 ? 3.790   -14.700 9.055   1.00 47.31 ? 145  PRO A CA  1 
ATOM   1063 C C   . PRO A 1 145 ? 3.061   -15.976 8.511   1.00 49.00 ? 145  PRO A C   1 
ATOM   1064 O O   . PRO A 1 145 ? 3.691   -17.056 8.397   1.00 48.93 ? 145  PRO A O   1 
ATOM   1065 C CB  . PRO A 1 145 ? 2.805   -13.524 9.015   1.00 47.59 ? 145  PRO A CB  1 
ATOM   1066 C CG  . PRO A 1 145 ? 3.606   -12.373 8.436   1.00 47.01 ? 145  PRO A CG  1 
ATOM   1067 C CD  . PRO A 1 145 ? 4.629   -13.009 7.509   1.00 46.69 ? 145  PRO A CD  1 
ATOM   1068 N N   . LEU A 1 146 ? 1.739   -15.849 8.234   1.00 49.85 ? 146  LEU A N   1 
ATOM   1069 C CA  . LEU A 1 146 ? 0.806   -17.004 8.004   1.00 50.09 ? 146  LEU A CA  1 
ATOM   1070 C C   . LEU A 1 146 ? -0.555  -16.746 7.284   1.00 50.24 ? 146  LEU A C   1 
ATOM   1071 O O   . LEU A 1 146 ? -1.426  -16.022 7.773   1.00 50.48 ? 146  LEU A O   1 
ATOM   1072 C CB  . LEU A 1 146 ? 0.489   -17.750 9.314   1.00 50.79 ? 146  LEU A CB  1 
ATOM   1073 C CG  . LEU A 1 146 ? 1.515   -18.502 10.187  1.00 53.87 ? 146  LEU A CG  1 
ATOM   1074 C CD1 . LEU A 1 146 ? 0.814   -19.044 11.456  1.00 54.52 ? 146  LEU A CD1 1 
ATOM   1075 C CD2 . LEU A 1 146 ? 2.303   -19.632 9.429   1.00 55.41 ? 146  LEU A CD2 1 
ATOM   1076 N N   . ASP A 1 147 ? -0.695  -17.303 6.087   1.00 49.66 ? 147  ASP A N   1 
ATOM   1077 C CA  . ASP A 1 147 ? 0.501   -17.591 5.321   1.00 48.73 ? 147  ASP A CA  1 
ATOM   1078 C C   . ASP A 1 147 ? 0.586   -16.853 3.986   1.00 46.95 ? 147  ASP A C   1 
ATOM   1079 O O   . ASP A 1 147 ? -0.386  -16.259 3.532   1.00 46.43 ? 147  ASP A O   1 
ATOM   1080 C CB  . ASP A 1 147 ? 0.825   -19.072 5.200   1.00 49.61 ? 147  ASP A CB  1 
ATOM   1081 C CG  . ASP A 1 147 ? 2.309   -19.291 5.213   1.00 51.51 ? 147  ASP A CG  1 
ATOM   1082 O OD1 . ASP A 1 147 ? 2.822   -20.120 4.418   1.00 56.35 ? 147  ASP A OD1 1 
ATOM   1083 O OD2 . ASP A 1 147 ? 3.046   -18.620 5.970   1.00 51.54 ? 147  ASP A OD2 1 
ATOM   1084 N N   . TRP A 1 148 ? 1.764   -16.916 3.366   1.00 44.05 ? 148  TRP A N   1 
ATOM   1085 C CA  . TRP A 1 148 ? 2.241   -15.797 2.603   1.00 41.70 ? 148  TRP A CA  1 
ATOM   1086 C C   . TRP A 1 148 ? 3.439   -16.306 1.807   1.00 38.90 ? 148  TRP A C   1 
ATOM   1087 O O   . TRP A 1 148 ? 4.263   -17.098 2.333   1.00 38.64 ? 148  TRP A O   1 
ATOM   1088 C CB  . TRP A 1 148 ? 2.674   -14.742 3.655   1.00 43.75 ? 148  TRP A CB  1 
ATOM   1089 C CG  . TRP A 1 148 ? 2.639   -13.318 3.272   1.00 44.76 ? 148  TRP A CG  1 
ATOM   1090 C CD1 . TRP A 1 148 ? 3.706   -12.569 2.871   1.00 47.37 ? 148  TRP A CD1 1 
ATOM   1091 C CD2 . TRP A 1 148 ? 1.505   -12.429 3.281   1.00 45.94 ? 148  TRP A CD2 1 
ATOM   1092 N NE1 . TRP A 1 148 ? 3.308   -11.282 2.604   1.00 48.39 ? 148  TRP A NE1 1 
ATOM   1093 C CE2 . TRP A 1 148 ? 1.964   -11.163 2.851   1.00 48.09 ? 148  TRP A CE2 1 
ATOM   1094 C CE3 . TRP A 1 148 ? 0.150   -12.571 3.596   1.00 48.40 ? 148  TRP A CE3 1 
ATOM   1095 C CZ2 . TRP A 1 148 ? 1.107   -10.042 2.723   1.00 46.96 ? 148  TRP A CZ2 1 
ATOM   1096 C CZ3 . TRP A 1 148 ? -0.706  -11.456 3.461   1.00 47.64 ? 148  TRP A CZ3 1 
ATOM   1097 C CH2 . TRP A 1 148 ? -0.225  -10.222 3.018   1.00 46.36 ? 148  TRP A CH2 1 
ATOM   1098 N N   . PRO A 1 149 ? 3.570   -15.876 0.554   1.00 35.48 ? 149  PRO A N   1 
ATOM   1099 C CA  . PRO A 1 149 ? 4.729   -16.285 -0.235  1.00 33.85 ? 149  PRO A CA  1 
ATOM   1100 C C   . PRO A 1 149 ? 5.974   -15.834 0.553   1.00 32.56 ? 149  PRO A C   1 
ATOM   1101 O O   . PRO A 1 149 ? 6.053   -14.654 0.983   1.00 31.07 ? 149  PRO A O   1 
ATOM   1102 C CB  . PRO A 1 149 ? 4.562   -15.509 -1.557  1.00 34.07 ? 149  PRO A CB  1 
ATOM   1103 C CG  . PRO A 1 149 ? 3.033   -15.167 -1.612  1.00 33.96 ? 149  PRO A CG  1 
ATOM   1104 C CD  . PRO A 1 149 ? 2.693   -14.930 -0.171  1.00 35.46 ? 149  PRO A CD  1 
ATOM   1105 N N   . ALA A 1 150 ? 6.918   -16.756 0.749   1.00 30.03 ? 150  ALA A N   1 
ATOM   1106 C CA  . ALA A 1 150 ? 8.061   -16.522 1.618   1.00 29.49 ? 150  ALA A CA  1 
ATOM   1107 C C   . ALA A 1 150 ? 8.932   -15.430 1.034   1.00 29.16 ? 150  ALA A C   1 
ATOM   1108 O O   . ALA A 1 150 ? 9.730   -14.787 1.750   1.00 29.10 ? 150  ALA A O   1 
ATOM   1109 C CB  . ALA A 1 150 ? 8.906   -17.790 1.714   1.00 29.91 ? 150  ALA A CB  1 
ATOM   1110 N N   . GLU A 1 151 ? 8.809   -15.237 -0.280  1.00 27.90 ? 151  GLU A N   1 
ATOM   1111 C CA  . GLU A 1 151 ? 9.700   -14.261 -0.923  1.00 28.81 ? 151  GLU A CA  1 
ATOM   1112 C C   . GLU A 1 151 ? 8.970   -12.932 -0.946  1.00 27.28 ? 151  GLU A C   1 
ATOM   1113 O O   . GLU A 1 151 ? 9.511   -11.931 -1.483  1.00 29.03 ? 151  GLU A O   1 
ATOM   1114 C CB  . GLU A 1 151 ? 10.162  -14.731 -2.306  1.00 29.51 ? 151  GLU A CB  1 
ATOM   1115 C CG  . GLU A 1 151 ? 11.306  -15.763 -2.181  1.00 29.95 ? 151  GLU A CG  1 
ATOM   1116 C CD  . GLU A 1 151 ? 11.546  -16.582 -3.440  1.00 30.96 ? 151  GLU A CD  1 
ATOM   1117 O OE1 . GLU A 1 151 ? 10.547  -16.932 -4.126  1.00 22.32 ? 151  GLU A OE1 1 
ATOM   1118 O OE2 . GLU A 1 151 ? 12.762  -16.886 -3.717  1.00 29.88 ? 151  GLU A OE2 1 
ATOM   1119 N N   . THR A 1 152 ? 7.800   -12.935 -0.304  1.00 25.80 ? 152  THR A N   1 
ATOM   1120 C CA  . THR A 1 152 ? 6.955   -11.691 -0.105  1.00 24.42 ? 152  THR A CA  1 
ATOM   1121 C C   . THR A 1 152 ? 7.060   -11.212 1.355   1.00 22.30 ? 152  THR A C   1 
ATOM   1122 O O   . THR A 1 152 ? 6.416   -11.731 2.221   1.00 22.63 ? 152  THR A O   1 
ATOM   1123 C CB  . THR A 1 152 ? 5.435   -11.926 -0.417  1.00 24.74 ? 152  THR A CB  1 
ATOM   1124 O OG1 . THR A 1 152 ? 5.257   -12.269 -1.803  1.00 26.44 ? 152  THR A OG1 1 
ATOM   1125 C CG2 . THR A 1 152 ? 4.622   -10.572 -0.239  1.00 24.56 ? 152  THR A CG2 1 
ATOM   1126 N N   . GLU A 1 153 ? 7.908   -10.238 1.571   1.00 22.25 ? 153  GLU A N   1 
ATOM   1127 C CA  . GLU A 1 153 ? 8.102   -9.621  2.891   1.00 21.72 ? 153  GLU A CA  1 
ATOM   1128 C C   . GLU A 1 153 ? 6.931   -8.689  3.180   1.00 21.20 ? 153  GLU A C   1 
ATOM   1129 O O   . GLU A 1 153 ? 6.307   -8.152  2.262   1.00 19.26 ? 153  GLU A O   1 
ATOM   1130 C CB  . GLU A 1 153 ? 9.299   -8.697  2.825   1.00 22.85 ? 153  GLU A CB  1 
ATOM   1131 C CG  . GLU A 1 153 ? 10.685  -9.248  2.663   1.00 27.42 ? 153  GLU A CG  1 
ATOM   1132 C CD  . GLU A 1 153 ? 11.669  -8.081  2.471   1.00 25.52 ? 153  GLU A CD  1 
ATOM   1133 O OE1 . GLU A 1 153 ? 12.390  -8.112  1.489   1.00 28.62 ? 153  GLU A OE1 1 
ATOM   1134 O OE2 . GLU A 1 153 ? 11.742  -7.092  3.309   1.00 30.76 ? 153  GLU A OE2 1 
ATOM   1135 N N   . LEU A 1 154 ? 6.681   -8.433  4.467   1.00 20.23 ? 154  LEU A N   1 
ATOM   1136 C CA  . LEU A 1 154 ? 5.477   -7.659  4.859   1.00 21.45 ? 154  LEU A CA  1 
ATOM   1137 C C   . LEU A 1 154 ? 5.958   -6.523  5.755   1.00 21.98 ? 154  LEU A C   1 
ATOM   1138 O O   . LEU A 1 154 ? 6.796   -6.718  6.654   1.00 22.25 ? 154  LEU A O   1 
ATOM   1139 C CB  . LEU A 1 154 ? 4.538   -8.582  5.590   1.00 22.17 ? 154  LEU A CB  1 
ATOM   1140 C CG  . LEU A 1 154 ? 3.034   -8.393  5.814   1.00 28.03 ? 154  LEU A CG  1 
ATOM   1141 C CD1 . LEU A 1 154 ? 2.552   -9.745  6.241   1.00 32.13 ? 154  LEU A CD1 1 
ATOM   1142 C CD2 . LEU A 1 154 ? 2.710   -7.322  6.868   1.00 34.07 ? 154  LEU A CD2 1 
ATOM   1143 N N   . TRP A 1 155 ? 5.447   -5.317  5.519   1.00 20.95 ? 155  TRP A N   1 
ATOM   1144 C CA  . TRP A 1 155 ? 5.969   -4.136  6.193   1.00 18.87 ? 155  TRP A CA  1 
ATOM   1145 C C   . TRP A 1 155 ? 4.758   -3.359  6.652   1.00 19.34 ? 155  TRP A C   1 
ATOM   1146 O O   . TRP A 1 155 ? 3.665   -3.460  6.054   1.00 17.91 ? 155  TRP A O   1 
ATOM   1147 C CB  . TRP A 1 155 ? 6.777   -3.243  5.221   1.00 20.90 ? 155  TRP A CB  1 
ATOM   1148 C CG  . TRP A 1 155 ? 8.238   -3.700  4.977   1.00 19.95 ? 155  TRP A CG  1 
ATOM   1149 C CD1 . TRP A 1 155 ? 8.663   -4.905  4.484   1.00 21.55 ? 155  TRP A CD1 1 
ATOM   1150 C CD2 . TRP A 1 155 ? 9.424   -2.932  5.216   1.00 22.75 ? 155  TRP A CD2 1 
ATOM   1151 N NE1 . TRP A 1 155 ? 10.038  -4.930  4.369   1.00 21.88 ? 155  TRP A NE1 1 
ATOM   1152 C CE2 . TRP A 1 155 ? 10.539  -3.740  4.833   1.00 22.34 ? 155  TRP A CE2 1 
ATOM   1153 C CE3 . TRP A 1 155 ? 9.669   -1.644  5.728   1.00 23.87 ? 155  TRP A CE3 1 
ATOM   1154 C CZ2 . TRP A 1 155 ? 11.876  -3.292  4.945   1.00 22.88 ? 155  TRP A CZ2 1 
ATOM   1155 C CZ3 . TRP A 1 155 ? 11.002  -1.195  5.829   1.00 23.01 ? 155  TRP A CZ3 1 
ATOM   1156 C CH2 . TRP A 1 155 ? 12.092  -2.046  5.466   1.00 22.65 ? 155  TRP A CH2 1 
ATOM   1157 N N   . VAL A 1 156 ? 4.967   -2.568  7.710   1.00 18.38 ? 156  VAL A N   1 
ATOM   1158 C CA  . VAL A 1 156 ? 3.891   -1.714  8.240   1.00 18.95 ? 156  VAL A CA  1 
ATOM   1159 C C   . VAL A 1 156 ? 4.470   -0.327  8.358   1.00 18.73 ? 156  VAL A C   1 
ATOM   1160 O O   . VAL A 1 156 ? 5.608   -0.156  8.840   1.00 18.59 ? 156  VAL A O   1 
ATOM   1161 C CB  . VAL A 1 156 ? 3.332   -2.242  9.580   1.00 19.42 ? 156  VAL A CB  1 
ATOM   1162 C CG1 . VAL A 1 156 ? 2.321   -1.251  10.195  1.00 20.37 ? 156  VAL A CG1 1 
ATOM   1163 C CG2 . VAL A 1 156 ? 2.633   -3.625  9.413   1.00 19.20 ? 156  VAL A CG2 1 
ATOM   1164 N N   . LEU A 1 157 ? 3.751   0.677   7.833   1.00 16.73 ? 157  LEU A N   1 
ATOM   1165 C CA  . LEU A 1 157 ? 4.330   1.999   7.733   1.00 14.98 ? 157  LEU A CA  1 
ATOM   1166 C C   . LEU A 1 157 ? 3.479   3.012   8.458   1.00 15.67 ? 157  LEU A C   1 
ATOM   1167 O O   . LEU A 1 157 ? 2.292   2.798   8.574   1.00 17.23 ? 157  LEU A O   1 
ATOM   1168 C CB  . LEU A 1 157 ? 4.506   2.458   6.277   1.00 16.11 ? 157  LEU A CB  1 
ATOM   1169 C CG  . LEU A 1 157 ? 5.296   1.476   5.382   1.00 15.70 ? 157  LEU A CG  1 
ATOM   1170 C CD1 . LEU A 1 157 ? 5.097   1.903   3.864   1.00 16.86 ? 157  LEU A CD1 1 
ATOM   1171 C CD2 . LEU A 1 157 ? 6.737   1.478   5.710   1.00 17.58 ? 157  LEU A CD2 1 
ATOM   1172 N N   . PRO A 1 158 ? 4.095   4.095   8.972   1.00 17.33 ? 158  PRO A N   1 
ATOM   1173 C CA  . PRO A 1 158 ? 3.321   5.181   9.623   1.00 17.74 ? 158  PRO A CA  1 
ATOM   1174 C C   . PRO A 1 158 ? 2.425   5.833   8.594   1.00 17.17 ? 158  PRO A C   1 
ATOM   1175 O O   . PRO A 1 158 ? 2.884   6.175   7.506   1.00 16.84 ? 158  PRO A O   1 
ATOM   1176 C CB  . PRO A 1 158 ? 4.411   6.164   10.108  1.00 19.53 ? 158  PRO A CB  1 
ATOM   1177 C CG  . PRO A 1 158 ? 5.673   5.294   10.272  1.00 20.32 ? 158  PRO A CG  1 
ATOM   1178 C CD  . PRO A 1 158 ? 5.550   4.373   9.012   1.00 17.44 ? 158  PRO A CD  1 
ATOM   1179 N N   . SER A 1 159 ? 1.148   5.997   8.947   1.00 18.32 ? 159  SER A N   1 
ATOM   1180 C CA  . SER A 1 159 ? 0.191   6.691   8.027   1.00 18.99 ? 159  SER A CA  1 
ATOM   1181 C C   . SER A 1 159 ? 0.678   8.081   7.560   1.00 18.65 ? 159  SER A C   1 
ATOM   1182 O O   . SER A 1 159 ? 1.210   8.876   8.360   1.00 18.60 ? 159  SER A O   1 
ATOM   1183 C CB  . SER A 1 159 ? -1.204  6.737   8.660   1.00 19.76 ? 159  SER A CB  1 
ATOM   1184 O OG  . SER A 1 159 ? -2.039  7.539   7.890   1.00 18.63 ? 159  SER A OG  1 
ATOM   1185 N N   . THR A 1 160 ? 0.518   8.366   6.264   1.00 16.44 ? 160  THR A N   1 
ATOM   1186 C CA  . THR A 1 160 ? 0.818   9.656   5.683   1.00 16.50 ? 160  THR A CA  1 
ATOM   1187 C C   . THR A 1 160 ? -0.415  10.565  5.715   1.00 16.61 ? 160  THR A C   1 
ATOM   1188 O O   . THR A 1 160 ? -0.390  11.644  5.155   1.00 16.56 ? 160  THR A O   1 
ATOM   1189 C CB  . THR A 1 160 ? 1.338   9.504   4.253   1.00 16.39 ? 160  THR A CB  1 
ATOM   1190 O OG1 . THR A 1 160 ? 0.370   8.740   3.498   1.00 16.99 ? 160  THR A OG1 1 
ATOM   1191 C CG2 . THR A 1 160 ? 2.659   8.682   4.225   1.00 16.38 ? 160  THR A CG2 1 
ATOM   1192 N N   . SER A 1 161 ? -1.507  10.097  6.332   1.00 18.39 ? 161  SER A N   1 
ATOM   1193 C CA  . SER A 1 161 ? -2.722  10.881  6.385   1.00 21.68 ? 161  SER A CA  1 
ATOM   1194 C C   . SER A 1 161 ? -2.536  12.109  7.298   1.00 24.23 ? 161  SER A C   1 
ATOM   1195 O O   . SER A 1 161 ? -1.721  12.039  8.233   1.00 22.70 ? 161  SER A O   1 
ATOM   1196 C CB  . SER A 1 161 ? -3.859  9.959   6.782   1.00 23.75 ? 161  SER A CB  1 
ATOM   1197 O OG  . SER A 1 161 ? -4.424  10.439  7.973   1.00 32.92 ? 161  SER A OG  1 
ATOM   1198 N N   . PRO A 1 162 ? -3.219  13.225  6.993   1.00 26.84 ? 162  PRO A N   1 
ATOM   1199 C CA  . PRO A 1 162 ? -2.986  14.496  7.701   1.00 30.01 ? 162  PRO A CA  1 
ATOM   1200 C C   . PRO A 1 162 ? -3.206  14.366  9.202   1.00 32.89 ? 162  PRO A C   1 
ATOM   1201 O O   . PRO A 1 162 ? -2.415  14.937  9.971   1.00 35.42 ? 162  PRO A O   1 
ATOM   1202 C CB  . PRO A 1 162 ? -3.976  15.472  7.037   1.00 29.37 ? 162  PRO A CB  1 
ATOM   1203 C CG  . PRO A 1 162 ? -4.308  14.877  5.742   1.00 28.27 ? 162  PRO A CG  1 
ATOM   1204 C CD  . PRO A 1 162 ? -4.216  13.370  5.911   1.00 26.59 ? 162  PRO A CD  1 
ATOM   1205 N N   . LEU A 1 163 ? -4.207  13.582  9.594   1.00 35.36 ? 163  LEU A N   1 
ATOM   1206 C CA  . LEU A 1 163 ? -4.511  13.222  10.985  1.00 39.01 ? 163  LEU A CA  1 
ATOM   1207 C C   . LEU A 1 163 ? -3.361  12.492  11.720  1.00 40.46 ? 163  LEU A C   1 
ATOM   1208 O O   . LEU A 1 163 ? -3.532  12.063  12.889  1.00 42.42 ? 163  LEU A O   1 
ATOM   1209 C CB  . LEU A 1 163 ? -5.738  12.278  11.007  1.00 39.69 ? 163  LEU A CB  1 
ATOM   1210 C CG  . LEU A 1 163 ? -7.197  12.767  11.006  1.00 42.31 ? 163  LEU A CG  1 
ATOM   1211 C CD1 . LEU A 1 163 ? -7.989  12.009  9.951   1.00 44.66 ? 163  LEU A CD1 1 
ATOM   1212 C CD2 . LEU A 1 163 ? -7.890  12.616  12.385  1.00 43.81 ? 163  LEU A CD2 1 
ATOM   1213 N N   . GLY A 1 164 ? -2.224  12.288  11.045  1.00 40.23 ? 164  GLY A N   1 
ATOM   1214 C CA  . GLY A 1 164 ? -1.145  11.495  11.630  1.00 39.60 ? 164  GLY A CA  1 
ATOM   1215 C C   . GLY A 1 164 ? 0.193   12.195  11.601  1.00 40.29 ? 164  GLY A C   1 
ATOM   1216 O O   . GLY A 1 164 ? 1.197   11.557  11.872  1.00 39.57 ? 164  GLY A O   1 
ATOM   1217 N N   . HIS A 1 165 ? 0.202   13.490  11.265  1.00 40.75 ? 165  HIS A N   1 
ATOM   1218 C CA  . HIS A 1 165 ? 1.428   14.307  11.061  1.00 42.31 ? 165  HIS A CA  1 
ATOM   1219 C C   . HIS A 1 165 ? 2.368   14.191  12.292  1.00 42.57 ? 165  HIS A C   1 
ATOM   1220 O O   . HIS A 1 165 ? 3.592   14.047  12.158  1.00 42.15 ? 165  HIS A O   1 
ATOM   1221 C CB  . HIS A 1 165 ? 1.001   15.764  10.748  1.00 43.08 ? 165  HIS A CB  1 
ATOM   1222 C CG  . HIS A 1 165 ? 2.133   16.709  10.467  1.00 45.79 ? 165  HIS A CG  1 
ATOM   1223 N ND1 . HIS A 1 165 ? 2.653   16.905  9.202   1.00 49.96 ? 165  HIS A ND1 1 
ATOM   1224 C CD2 . HIS A 1 165 ? 2.811   17.555  11.281  1.00 48.79 ? 165  HIS A CD2 1 
ATOM   1225 C CE1 . HIS A 1 165 ? 3.618   17.808  9.254   1.00 50.10 ? 165  HIS A CE1 1 
ATOM   1226 N NE2 . HIS A 1 165 ? 3.735   18.219  10.504  1.00 49.82 ? 165  HIS A NE2 1 
ATOM   1227 N N   . ASN A 1 166 ? 1.761   14.451  13.448  1.00 42.59 ? 166  ASN A N   1 
ATOM   1228 C CA  . ASN A 1 166 ? 1.663   13.570  14.604  1.00 42.60 ? 166  ASN A CA  1 
ATOM   1229 C C   . ASN A 1 166 ? 2.729   12.471  14.775  1.00 40.90 ? 166  ASN A C   1 
ATOM   1230 O O   . ASN A 1 166 ? 3.932   12.715  15.087  1.00 40.25 ? 166  ASN A O   1 
ATOM   1231 C CB  . ASN A 1 166 ? 0.282   12.890  14.390  1.00 43.19 ? 166  ASN A CB  1 
ATOM   1232 C CG  . ASN A 1 166 ? -0.405  12.411  15.654  1.00 47.79 ? 166  ASN A CG  1 
ATOM   1233 O OD1 . ASN A 1 166 ? -1.165  11.422  15.588  1.00 50.51 ? 166  ASN A OD1 1 
ATOM   1234 N ND2 . ASN A 1 166 ? -0.199  13.110  16.798  1.00 51.34 ? 166  ASN A ND2 1 
ATOM   1235 N N   . HIS A 1 167 ? 2.205   11.259  14.575  1.00 38.44 ? 167  HIS A N   1 
ATOM   1236 C CA  . HIS A 1 167 ? 2.863   9.979   14.762  1.00 35.98 ? 167  HIS A CA  1 
ATOM   1237 C C   . HIS A 1 167 ? 3.678   9.565   13.537  1.00 32.12 ? 167  HIS A C   1 
ATOM   1238 O O   . HIS A 1 167 ? 4.367   8.543   13.545  1.00 31.07 ? 167  HIS A O   1 
ATOM   1239 C CB  . HIS A 1 167 ? 1.798   8.926   14.998  1.00 36.56 ? 167  HIS A CB  1 
ATOM   1240 C CG  . HIS A 1 167 ? 1.096   9.057   16.308  1.00 41.98 ? 167  HIS A CG  1 
ATOM   1241 N ND1 . HIS A 1 167 ? -0.270  8.904   16.439  1.00 46.44 ? 167  HIS A ND1 1 
ATOM   1242 C CD2 . HIS A 1 167 ? 1.571   9.319   17.552  1.00 45.83 ? 167  HIS A CD2 1 
ATOM   1243 C CE1 . HIS A 1 167 ? -0.606  9.069   17.709  1.00 47.92 ? 167  HIS A CE1 1 
ATOM   1244 N NE2 . HIS A 1 167 ? 0.493   9.317   18.405  1.00 47.57 ? 167  HIS A NE2 1 
ATOM   1245 N N   . PHE A 1 168 ? 3.609   10.374  12.493  1.00 28.94 ? 168  PHE A N   1 
ATOM   1246 C CA  . PHE A 1 168 ? 4.328   10.077  11.291  1.00 26.81 ? 168  PHE A CA  1 
ATOM   1247 C C   . PHE A 1 168 ? 5.834   10.002  11.565  1.00 26.53 ? 168  PHE A C   1 
ATOM   1248 O O   . PHE A 1 168 ? 6.374   10.814  12.336  1.00 26.28 ? 168  PHE A O   1 
ATOM   1249 C CB  . PHE A 1 168 ? 4.032   11.134  10.226  1.00 26.16 ? 168  PHE A CB  1 
ATOM   1250 C CG  . PHE A 1 168 ? 4.738   10.877  8.962   1.00 26.35 ? 168  PHE A CG  1 
ATOM   1251 C CD1 . PHE A 1 168 ? 4.352   9.779   8.154   1.00 26.27 ? 168  PHE A CD1 1 
ATOM   1252 C CD2 . PHE A 1 168 ? 5.813   11.664  8.573   1.00 25.48 ? 168  PHE A CD2 1 
ATOM   1253 C CE1 . PHE A 1 168 ? 5.035   9.512   6.991   1.00 21.47 ? 168  PHE A CE1 1 
ATOM   1254 C CE2 . PHE A 1 168 ? 6.514   11.412  7.390   1.00 28.28 ? 168  PHE A CE2 1 
ATOM   1255 C CZ  . PHE A 1 168 ? 6.116   10.322  6.577   1.00 26.14 ? 168  PHE A CZ  1 
ATOM   1256 N N   . ARG A 1 169 ? 6.506   9.008   10.981  1.00 24.48 ? 169  ARG A N   1 
ATOM   1257 C CA  . ARG A 1 169 ? 7.968   8.911   11.105  1.00 23.87 ? 169  ARG A CA  1 
ATOM   1258 C C   . ARG A 1 169 ? 8.520   8.459   9.773   1.00 24.34 ? 169  ARG A C   1 
ATOM   1259 O O   . ARG A 1 169 ? 7.974   7.522   9.191   1.00 23.07 ? 169  ARG A O   1 
ATOM   1260 C CB  . ARG A 1 169 ? 8.378   7.879   12.149  1.00 23.11 ? 169  ARG A CB  1 
ATOM   1261 C CG  . ARG A 1 169 ? 8.154   8.310   13.605  1.00 23.53 ? 169  ARG A CG  1 
ATOM   1262 C CD  . ARG A 1 169 ? 8.965   9.535   14.002  1.00 23.27 ? 169  ARG A CD  1 
ATOM   1263 N NE  . ARG A 1 169 ? 8.703   9.878   15.411  1.00 24.36 ? 169  ARG A NE  1 
ATOM   1264 C CZ  . ARG A 1 169 ? 7.623   10.521  15.890  1.00 25.27 ? 169  ARG A CZ  1 
ATOM   1265 N NH1 . ARG A 1 169 ? 6.606   10.894  15.106  1.00 23.62 ? 169  ARG A NH1 1 
ATOM   1266 N NH2 . ARG A 1 169 ? 7.565   10.778  17.208  1.00 23.52 ? 169  ARG A NH2 1 
ATOM   1267 N N   . LEU A 1 170 ? 9.602   9.087   9.328   1.00 23.50 ? 170  LEU A N   1 
ATOM   1268 C CA  . LEU A 1 170 ? 10.190  8.773   8.023   1.00 23.96 ? 170  LEU A CA  1 
ATOM   1269 C C   . LEU A 1 170 ? 11.007  7.506   8.065   1.00 24.91 ? 170  LEU A C   1 
ATOM   1270 O O   . LEU A 1 170 ? 11.189  6.835   7.030   1.00 25.23 ? 170  LEU A O   1 
ATOM   1271 C CB  . LEU A 1 170 ? 11.025  9.935   7.488   1.00 23.97 ? 170  LEU A CB  1 
ATOM   1272 C CG  . LEU A 1 170 ? 10.337  11.092  6.765   1.00 24.93 ? 170  LEU A CG  1 
ATOM   1273 C CD1 . LEU A 1 170 ? 11.230  12.343  6.628   1.00 25.98 ? 170  LEU A CD1 1 
ATOM   1274 C CD2 . LEU A 1 170 ? 9.893   10.592  5.321   1.00 23.88 ? 170  LEU A CD2 1 
ATOM   1275 N N   . GLU A 1 171 ? 11.553  7.164   9.238   1.00 24.35 ? 171  GLU A N   1 
ATOM   1276 C CA  . GLU A 1 171 ? 12.479  6.029   9.285   1.00 24.85 ? 171  GLU A CA  1 
ATOM   1277 C C   . GLU A 1 171 ? 11.946  4.778   8.553   1.00 24.21 ? 171  GLU A C   1 
ATOM   1278 O O   . GLU A 1 171 ? 12.694  4.223   7.742   1.00 23.10 ? 171  GLU A O   1 
ATOM   1279 C CB  . GLU A 1 171 ? 12.873  5.632   10.715  1.00 25.09 ? 171  GLU A CB  1 
ATOM   1280 C CG  . GLU A 1 171 ? 14.072  4.686   10.738  1.00 28.18 ? 171  GLU A CG  1 
ATOM   1281 C CD  . GLU A 1 171 ? 14.548  4.406   12.162  1.00 37.39 ? 171  GLU A CD  1 
ATOM   1282 O OE1 . GLU A 1 171 ? 13.763  4.662   13.127  1.00 38.67 ? 171  GLU A OE1 1 
ATOM   1283 O OE2 . GLU A 1 171 ? 15.694  3.906   12.311  1.00 40.10 ? 171  GLU A OE2 1 
ATOM   1284 N N   . PRO A 1 172 ? 10.714  4.315   8.857   1.00 23.97 ? 172  PRO A N   1 
ATOM   1285 C CA  . PRO A 1 172 ? 10.213  3.070   8.229   1.00 22.99 ? 172  PRO A CA  1 
ATOM   1286 C C   . PRO A 1 172 ? 10.100  3.167   6.697   1.00 22.07 ? 172  PRO A C   1 
ATOM   1287 O O   . PRO A 1 172 ? 10.446  2.170   5.994   1.00 20.22 ? 172  PRO A O   1 
ATOM   1288 C CB  . PRO A 1 172 ? 8.849   2.859   8.914   1.00 24.02 ? 172  PRO A CB  1 
ATOM   1289 C CG  . PRO A 1 172 ? 9.002   3.623   10.257  1.00 24.81 ? 172  PRO A CG  1 
ATOM   1290 C CD  . PRO A 1 172 ? 9.727   4.830   9.846   1.00 23.07 ? 172  PRO A CD  1 
ATOM   1291 N N   . TRP A 1 173 ? 9.693   4.337   6.201   1.00 19.17 ? 173  TRP A N   1 
ATOM   1292 C CA  . TRP A 1 173 ? 9.570   4.640   4.773   1.00 19.89 ? 173  TRP A CA  1 
ATOM   1293 C C   . TRP A 1 173 ? 10.972  4.717   4.088   1.00 20.31 ? 173  TRP A C   1 
ATOM   1294 O O   . TRP A 1 173 ? 11.168  4.320   2.952   1.00 20.22 ? 173  TRP A O   1 
ATOM   1295 C CB  . TRP A 1 173 ? 8.828   5.984   4.553   1.00 18.46 ? 173  TRP A CB  1 
ATOM   1296 C CG  . TRP A 1 173 ? 7.390   5.930   4.884   1.00 19.81 ? 173  TRP A CG  1 
ATOM   1297 C CD1 . TRP A 1 173 ? 6.790   6.138   6.107   1.00 20.36 ? 173  TRP A CD1 1 
ATOM   1298 C CD2 . TRP A 1 173 ? 6.325   5.632   3.960   1.00 19.78 ? 173  TRP A CD2 1 
ATOM   1299 N NE1 . TRP A 1 173 ? 5.418   5.970   6.012   1.00 19.79 ? 173  TRP A NE1 1 
ATOM   1300 C CE2 . TRP A 1 173 ? 5.095   5.696   4.700   1.00 21.90 ? 173  TRP A CE2 1 
ATOM   1301 C CE3 . TRP A 1 173 ? 6.279   5.354   2.571   1.00 20.95 ? 173  TRP A CE3 1 
ATOM   1302 C CZ2 . TRP A 1 173 ? 3.834   5.420   4.118   1.00 21.49 ? 173  TRP A CZ2 1 
ATOM   1303 C CZ3 . TRP A 1 173 ? 4.991   5.091   1.975   1.00 19.01 ? 173  TRP A CZ3 1 
ATOM   1304 C CH2 . TRP A 1 173 ? 3.805   5.147   2.752   1.00 19.29 ? 173  TRP A CH2 1 
ATOM   1305 N N   . GLN A 1 174 ? 11.952  5.327   4.764   1.00 21.10 ? 174  GLN A N   1 
ATOM   1306 C CA  . GLN A 1 174 ? 13.256  5.386   4.172   1.00 20.59 ? 174  GLN A CA  1 
ATOM   1307 C C   . GLN A 1 174 ? 13.900  3.993   4.148   1.00 20.34 ? 174  GLN A C   1 
ATOM   1308 O O   . GLN A 1 174 ? 14.597  3.650   3.170   1.00 22.10 ? 174  GLN A O   1 
ATOM   1309 C CB  . GLN A 1 174 ? 14.158  6.331   4.981   1.00 20.73 ? 174  GLN A CB  1 
ATOM   1310 C CG  . GLN A 1 174 ? 15.505  6.464   4.351   1.00 23.16 ? 174  GLN A CG  1 
ATOM   1311 C CD  . GLN A 1 174 ? 15.508  7.191   3.046   1.00 27.43 ? 174  GLN A CD  1 
ATOM   1312 O OE1 . GLN A 1 174 ? 15.029  8.327   2.932   1.00 27.40 ? 174  GLN A OE1 1 
ATOM   1313 N NE2 . GLN A 1 174 ? 16.066  6.546   2.031   1.00 31.97 ? 174  GLN A NE2 1 
ATOM   1314 N N   . ALA A 1 175 ? 13.685  3.203   5.200   1.00 20.23 ? 175  ALA A N   1 
ATOM   1315 C CA  . ALA A 1 175 ? 14.223  1.830   5.269   1.00 21.06 ? 175  ALA A CA  1 
ATOM   1316 C C   . ALA A 1 175 ? 13.620  0.977   4.132   1.00 21.08 ? 175  ALA A C   1 
ATOM   1317 O O   . ALA A 1 175 ? 14.259  0.054   3.572   1.00 20.37 ? 175  ALA A O   1 
ATOM   1318 C CB  . ALA A 1 175 ? 13.910  1.200   6.608   1.00 21.53 ? 175  ALA A CB  1 
ATOM   1319 N N   . LEU A 1 176 ? 12.355  1.256   3.860   1.00 20.81 ? 176  LEU A N   1 
ATOM   1320 C CA  . LEU A 1 176 ? 11.664  0.561   2.787   1.00 19.11 ? 176  LEU A CA  1 
ATOM   1321 C C   . LEU A 1 176 ? 12.275  0.951   1.476   1.00 20.01 ? 176  LEU A C   1 
ATOM   1322 O O   . LEU A 1 176 ? 12.581  0.055   0.638   1.00 20.28 ? 176  LEU A O   1 
ATOM   1323 C CB  . LEU A 1 176 ? 10.145  0.874   2.835   1.00 18.69 ? 176  LEU A CB  1 
ATOM   1324 C CG  . LEU A 1 176 ? 9.363   0.166   1.737   1.00 17.73 ? 176  LEU A CG  1 
ATOM   1325 C CD1 . LEU A 1 176 ? 9.509   -1.339  1.774   1.00 17.40 ? 176  LEU A CD1 1 
ATOM   1326 C CD2 . LEU A 1 176 ? 7.887   0.590   1.841   1.00 18.07 ? 176  LEU A CD2 1 
ATOM   1327 N N   . GLY A 1 177 ? 12.464  2.256   1.275   1.00 19.63 ? 177  GLY A N   1 
ATOM   1328 C CA  . GLY A 1 177 ? 13.113  2.823   0.078   1.00 21.51 ? 177  GLY A CA  1 
ATOM   1329 C C   . GLY A 1 177 ? 14.475  2.142   -0.179  1.00 22.51 ? 177  GLY A C   1 
ATOM   1330 O O   . GLY A 1 177 ? 14.823  1.798   -1.320  1.00 23.34 ? 177  GLY A O   1 
ATOM   1331 N N   . ASP A 1 178 ? 15.221  1.968   0.887   1.00 24.06 ? 178  ASP A N   1 
ATOM   1332 C CA  . ASP A 1 178 ? 16.574  1.394   0.825   1.00 25.47 ? 178  ASP A CA  1 
ATOM   1333 C C   . ASP A 1 178 ? 16.481  -0.061  0.441   1.00 25.73 ? 178  ASP A C   1 
ATOM   1334 O O   . ASP A 1 178 ? 17.295  -0.543  -0.373  1.00 27.49 ? 178  ASP A O   1 
ATOM   1335 C CB  . ASP A 1 178 ? 17.151  1.430   2.226   1.00 25.80 ? 178  ASP A CB  1 
ATOM   1336 C CG  . ASP A 1 178 ? 17.605  2.815   2.623   1.00 26.71 ? 178  ASP A CG  1 
ATOM   1337 O OD1 . ASP A 1 178 ? 17.651  3.764   1.764   1.00 27.72 ? 178  ASP A OD1 1 
ATOM   1338 O OD2 . ASP A 1 178 ? 17.950  3.006   3.789   1.00 30.58 ? 178  ASP A OD2 1 
ATOM   1339 N N   . ARG A 1 179 ? 15.529  -0.751  1.067   1.00 25.02 ? 179  ARG A N   1 
ATOM   1340 C CA  . ARG A 1 179 ? 15.234  -2.172  0.788   1.00 24.23 ? 179  ARG A CA  1 
ATOM   1341 C C   . ARG A 1 179 ? 14.812  -2.440  -0.668  1.00 24.07 ? 179  ARG A C   1 
ATOM   1342 O O   . ARG A 1 179 ? 15.243  -3.443  -1.271  1.00 23.71 ? 179  ARG A O   1 
ATOM   1343 C CB  . ARG A 1 179 ? 14.176  -2.718  1.730   1.00 23.32 ? 179  ARG A CB  1 
ATOM   1344 C CG  . ARG A 1 179 ? 13.877  -4.213  1.492   1.00 23.17 ? 179  ARG A CG  1 
ATOM   1345 C CD  . ARG A 1 179 ? 15.101  -5.119  1.731   1.00 24.91 ? 179  ARG A CD  1 
ATOM   1346 N NE  . ARG A 1 179 ? 14.768  -6.510  1.533   1.00 22.46 ? 179  ARG A NE  1 
ATOM   1347 C CZ  . ARG A 1 179 ? 15.596  -7.398  0.967   1.00 24.69 ? 179  ARG A CZ  1 
ATOM   1348 N NH1 . ARG A 1 179 ? 16.817  -7.029  0.577   1.00 21.76 ? 179  ARG A NH1 1 
ATOM   1349 N NH2 . ARG A 1 179 ? 15.191  -8.649  0.804   1.00 23.41 ? 179  ARG A NH2 1 
ATOM   1350 N N   . VAL A 1 180 ? 13.993  -1.544  -1.225  1.00 22.95 ? 180  VAL A N   1 
ATOM   1351 C CA  . VAL A 1 180 ? 13.606  -1.621  -2.632  1.00 23.14 ? 180  VAL A CA  1 
ATOM   1352 C C   . VAL A 1 180 ? 14.830  -1.384  -3.544  1.00 24.70 ? 180  VAL A C   1 
ATOM   1353 O O   . VAL A 1 180 ? 15.060  -2.145  -4.512  1.00 23.24 ? 180  VAL A O   1 
ATOM   1354 C CB  . VAL A 1 180 ? 12.424  -0.644  -2.953  1.00 22.42 ? 180  VAL A CB  1 
ATOM   1355 C CG1 . VAL A 1 180 ? 12.246  -0.446  -4.464  1.00 20.00 ? 180  VAL A CG1 1 
ATOM   1356 C CG2 . VAL A 1 180 ? 11.177  -1.159  -2.303  1.00 20.78 ? 180  VAL A CG2 1 
ATOM   1357 N N   . ARG A 1 181 ? 15.606  -0.337  -3.235  1.00 25.23 ? 181  ARG A N   1 
ATOM   1358 C CA  . ARG A 1 181 ? 16.884  -0.082  -3.921  1.00 28.22 ? 181  ARG A CA  1 
ATOM   1359 C C   . ARG A 1 181 ? 17.796  -1.322  -3.897  1.00 27.03 ? 181  ARG A C   1 
ATOM   1360 O O   . ARG A 1 181 ? 18.379  -1.704  -4.904  1.00 27.56 ? 181  ARG A O   1 
ATOM   1361 C CB  . ARG A 1 181 ? 17.565  1.066   -3.177  1.00 27.25 ? 181  ARG A CB  1 
ATOM   1362 C CG  . ARG A 1 181 ? 18.698  1.788   -3.870  1.00 32.31 ? 181  ARG A CG  1 
ATOM   1363 C CD  . ARG A 1 181 ? 18.864  3.239   -3.281  1.00 32.00 ? 181  ARG A CD  1 
ATOM   1364 N NE  . ARG A 1 181 ? 17.595  3.981   -3.392  1.00 37.75 ? 181  ARG A NE  1 
ATOM   1365 C CZ  . ARG A 1 181 ? 16.810  4.413   -2.374  1.00 42.95 ? 181  ARG A CZ  1 
ATOM   1366 N NH1 . ARG A 1 181 ? 17.133  4.247   -1.079  1.00 44.81 ? 181  ARG A NH1 1 
ATOM   1367 N NH2 . ARG A 1 181 ? 15.669  5.038   -2.664  1.00 39.54 ? 181  ARG A NH2 1 
ATOM   1368 N N   . GLU A 1 182 ? 17.902  -1.937  -2.731  1.00 26.13 ? 182  GLU A N   1 
ATOM   1369 C CA  . GLU A 1 182 ? 18.740  -3.122  -2.506  1.00 26.56 ? 182  GLU A CA  1 
ATOM   1370 C C   . GLU A 1 182 ? 18.252  -4.329  -3.326  1.00 25.84 ? 182  GLU A C   1 
ATOM   1371 O O   . GLU A 1 182 ? 19.043  -5.112  -3.859  1.00 25.00 ? 182  GLU A O   1 
ATOM   1372 C CB  . GLU A 1 182 ? 18.639  -3.453  -1.034  1.00 26.29 ? 182  GLU A CB  1 
ATOM   1373 C CG  . GLU A 1 182 ? 19.323  -4.712  -0.560  1.00 29.61 ? 182  GLU A CG  1 
ATOM   1374 C CD  . GLU A 1 182 ? 19.280  -4.858  0.956   1.00 29.92 ? 182  GLU A CD  1 
ATOM   1375 O OE1 . GLU A 1 182 ? 20.371  -4.974  1.579   1.00 39.60 ? 182  GLU A OE1 1 
ATOM   1376 O OE2 . GLU A 1 182 ? 18.187  -4.880  1.559   1.00 33.58 ? 182  GLU A OE2 1 
ATOM   1377 N N   . LEU A 1 183 ? 16.940  -4.504  -3.398  1.00 24.30 ? 183  LEU A N   1 
ATOM   1378 C CA  . LEU A 1 183 ? 16.390  -5.607  -4.193  1.00 24.06 ? 183  LEU A CA  1 
ATOM   1379 C C   . LEU A 1 183 ? 16.601  -5.367  -5.681  1.00 25.17 ? 183  LEU A C   1 
ATOM   1380 O O   . LEU A 1 183 ? 17.043  -6.270  -6.391  1.00 25.36 ? 183  LEU A O   1 
ATOM   1381 C CB  . LEU A 1 183 ? 14.901  -5.798  -3.893  1.00 23.43 ? 183  LEU A CB  1 
ATOM   1382 C CG  . LEU A 1 183 ? 14.593  -6.582  -2.633  1.00 22.09 ? 183  LEU A CG  1 
ATOM   1383 C CD1 . LEU A 1 183 ? 13.116  -6.372  -2.237  1.00 23.28 ? 183  LEU A CD1 1 
ATOM   1384 C CD2 . LEU A 1 183 ? 14.949  -8.089  -2.771  1.00 26.32 ? 183  LEU A CD2 1 
ATOM   1385 N N   . ARG A 1 184 ? 16.253  -4.177  -6.160  1.00 26.17 ? 184  ARG A N   1 
ATOM   1386 C CA  . ARG A 1 184 ? 16.348  -3.838  -7.572  1.00 28.89 ? 184  ARG A CA  1 
ATOM   1387 C C   . ARG A 1 184 ? 17.828  -3.826  -7.988  1.00 30.26 ? 184  ARG A C   1 
ATOM   1388 O O   . ARG A 1 184 ? 18.150  -4.061  -9.145  1.00 32.30 ? 184  ARG A O   1 
ATOM   1389 C CB  . ARG A 1 184 ? 15.624  -2.508  -7.878  1.00 28.18 ? 184  ARG A CB  1 
ATOM   1390 C CG  . ARG A 1 184 ? 14.102  -2.582  -7.616  1.00 29.05 ? 184  ARG A CG  1 
ATOM   1391 C CD  . ARG A 1 184 ? 13.319  -1.333  -7.999  1.00 30.51 ? 184  ARG A CD  1 
ATOM   1392 N NE  . ARG A 1 184 ? 13.227  -1.128  -9.440  1.00 34.24 ? 184  ARG A NE  1 
ATOM   1393 C CZ  . ARG A 1 184 ? 12.508  -1.884  -10.288 1.00 35.60 ? 184  ARG A CZ  1 
ATOM   1394 N NH1 . ARG A 1 184 ? 11.813  -2.964  -9.866  1.00 33.21 ? 184  ARG A NH1 1 
ATOM   1395 N NH2 . ARG A 1 184 ? 12.502  -1.558  -11.579 1.00 37.05 ? 184  ARG A NH2 1 
ATOM   1396 N N   . GLY A 1 185 ? 18.718  -3.604  -7.030  1.00 31.02 ? 185  GLY A N   1 
ATOM   1397 C CA  . GLY A 1 185 ? 20.156  -3.638  -7.328  1.00 32.34 ? 185  GLY A CA  1 
ATOM   1398 C C   . GLY A 1 185 ? 20.723  -5.053  -7.354  1.00 32.90 ? 185  GLY A C   1 
ATOM   1399 O O   . GLY A 1 185 ? 21.632  -5.349  -8.144  1.00 33.22 ? 185  GLY A O   1 
ATOM   1400 N N   . ALA A 1 186 ? 20.237  -5.920  -6.457  1.00 32.85 ? 186  ALA A N   1 
ATOM   1401 C CA  . ALA A 1 186 ? 20.607  -7.346  -6.502  1.00 34.37 ? 186  ALA A CA  1 
ATOM   1402 C C   . ALA A 1 186 ? 20.085  -7.908  -7.846  1.00 36.34 ? 186  ALA A C   1 
ATOM   1403 O O   . ALA A 1 186 ? 20.802  -8.639  -8.534  1.00 36.71 ? 186  ALA A O   1 
ATOM   1404 C CB  . ALA A 1 186 ? 20.005  -8.106  -5.335  1.00 33.13 ? 186  ALA A CB  1 
ATOM   1405 N N   . ALA A 1 187 ? 18.845  -7.542  -8.206  1.00 38.06 ? 187  ALA A N   1 
ATOM   1406 C CA  . ALA A 1 187 ? 18.230  -7.958  -9.470  1.00 41.32 ? 187  ALA A CA  1 
ATOM   1407 C C   . ALA A 1 187 ? 19.202  -7.743  -10.619 1.00 43.37 ? 187  ALA A C   1 
ATOM   1408 O O   . ALA A 1 187 ? 19.485  -8.673  -11.387 1.00 43.97 ? 187  ALA A O   1 
ATOM   1409 C CB  . ALA A 1 187 ? 16.932  -7.200  -9.731  1.00 40.88 ? 187  ALA A CB  1 
ATOM   1410 N N   . GLU A 1 188 ? 19.725  -6.521  -10.718 1.00 45.55 ? 188  GLU A N   1 
ATOM   1411 C CA  . GLU A 1 188 ? 20.640  -6.162  -11.811 1.00 47.46 ? 188  GLU A CA  1 
ATOM   1412 C C   . GLU A 1 188 ? 21.991  -6.880  -11.741 1.00 48.10 ? 188  GLU A C   1 
ATOM   1413 O O   . GLU A 1 188 ? 22.522  -7.267  -12.786 1.00 48.65 ? 188  GLU A O   1 
ATOM   1414 C CB  . GLU A 1 188 ? 20.827  -4.642  -11.878 1.00 47.98 ? 188  GLU A CB  1 
ATOM   1415 C CG  . GLU A 1 188 ? 19.517  -3.869  -12.054 1.00 50.94 ? 188  GLU A CG  1 
ATOM   1416 C CD  . GLU A 1 188 ? 18.685  -4.362  -13.238 1.00 54.70 ? 188  GLU A CD  1 
ATOM   1417 O OE1 . GLU A 1 188 ? 19.161  -4.241  -14.395 1.00 56.71 ? 188  GLU A OE1 1 
ATOM   1418 O OE2 . GLU A 1 188 ? 17.554  -4.872  -13.015 1.00 55.20 ? 188  GLU A OE2 1 
ATOM   1419 N N   . ALA A 1 189 ? 22.532  -7.062  -10.530 1.00 48.70 ? 189  ALA A N   1 
ATOM   1420 C CA  . ALA A 1 189 ? 23.830  -7.742  -10.341 1.00 49.42 ? 189  ALA A CA  1 
ATOM   1421 C C   . ALA A 1 189 ? 23.808  -9.264  -10.598 1.00 49.72 ? 189  ALA A C   1 
ATOM   1422 O O   . ALA A 1 189 ? 22.776  -9.941  -10.428 1.00 50.40 ? 189  ALA A O   1 
ATOM   1423 C CB  . ALA A 1 189 ? 24.428  -7.422  -8.944  1.00 49.41 ? 189  ALA A CB  1 
HETATM 1424 C C   . ACT B 2 .   ? -5.789  4.861   -1.034  1.00 25.67 ? 1190 ACT A C   1 
HETATM 1425 O O   . ACT B 2 .   ? -6.609  4.500   -1.943  1.00 23.31 ? 1190 ACT A O   1 
HETATM 1426 O OXT . ACT B 2 .   ? -5.237  4.169   -0.066  1.00 24.86 ? 1190 ACT A OXT 1 
HETATM 1427 C CH3 . ACT B 2 .   ? -5.420  6.305   -1.187  1.00 22.16 ? 1190 ACT A CH3 1 
HETATM 1428 O O   . HOH C 3 .   ? -6.057  -8.561  -10.144 1.00 26.64 ? 2001 HOH A O   1 
HETATM 1429 O O   . HOH C 3 .   ? -10.845 -4.755  -14.905 1.00 27.12 ? 2002 HOH A O   1 
HETATM 1430 O O   . HOH C 3 .   ? -13.919 -9.392  -8.716  1.00 37.49 ? 2003 HOH A O   1 
HETATM 1431 O O   . HOH C 3 .   ? -16.063 -7.741  -8.096  1.00 29.84 ? 2004 HOH A O   1 
HETATM 1432 O O   . HOH C 3 .   ? -13.039 -9.201  -11.065 1.00 24.27 ? 2005 HOH A O   1 
HETATM 1433 O O   . HOH C 3 .   ? -16.707 6.793   -5.966  1.00 33.95 ? 2006 HOH A O   1 
HETATM 1434 O O   . HOH C 3 .   ? -16.336 0.514   -12.135 1.00 55.71 ? 2007 HOH A O   1 
HETATM 1435 O O   . HOH C 3 .   ? -19.616 -7.329  -4.673  1.00 49.87 ? 2008 HOH A O   1 
HETATM 1436 O O   . HOH C 3 .   ? -1.150  -9.471  -15.025 1.00 46.76 ? 2009 HOH A O   1 
HETATM 1437 O O   . HOH C 3 .   ? -12.700 -8.368  -6.215  1.00 27.23 ? 2010 HOH A O   1 
HETATM 1438 O O   . HOH C 3 .   ? -14.579 6.260   -7.807  1.00 26.10 ? 2011 HOH A O   1 
HETATM 1439 O O   . HOH C 3 .   ? -12.449 3.641   -11.223 1.00 28.19 ? 2012 HOH A O   1 
HETATM 1440 O O   . HOH C 3 .   ? -4.293  0.148   -13.074 1.00 15.09 ? 2013 HOH A O   1 
HETATM 1441 O O   . HOH C 3 .   ? -7.085  -6.562  -8.808  1.00 16.90 ? 2014 HOH A O   1 
HETATM 1442 O O   . HOH C 3 .   ? -2.557  -7.069  -14.165 1.00 35.79 ? 2015 HOH A O   1 
HETATM 1443 O O   . HOH C 3 .   ? -15.069 16.633  -7.314  1.00 40.61 ? 2016 HOH A O   1 
HETATM 1444 O O   . HOH C 3 .   ? 6.437   -5.886  -13.285 1.00 29.56 ? 2017 HOH A O   1 
HETATM 1445 O O   . HOH C 3 .   ? 4.078   -8.556  -8.372  1.00 17.88 ? 2018 HOH A O   1 
HETATM 1446 O O   . HOH C 3 .   ? 5.933   -2.812  -16.228 1.00 35.76 ? 2019 HOH A O   1 
HETATM 1447 O O   . HOH C 3 .   ? -2.353  16.491  -4.583  1.00 38.36 ? 2020 HOH A O   1 
HETATM 1448 O O   . HOH C 3 .   ? 8.251   -9.929  -7.980  1.00 27.22 ? 2021 HOH A O   1 
HETATM 1449 O O   . HOH C 3 .   ? -2.811  -0.201  5.313   1.00 17.15 ? 2022 HOH A O   1 
HETATM 1450 O O   . HOH C 3 .   ? 14.106  1.951   -6.189  1.00 30.59 ? 2023 HOH A O   1 
HETATM 1451 O O   . HOH C 3 .   ? 12.041  16.382  -9.111  1.00 45.90 ? 2024 HOH A O   1 
HETATM 1452 O O   . HOH C 3 .   ? -6.951  8.012   0.049   1.00 18.73 ? 2025 HOH A O   1 
HETATM 1453 O O   . HOH C 3 .   ? -6.062  10.909  0.360   1.00 11.86 ? 2026 HOH A O   1 
HETATM 1454 O O   . HOH C 3 .   ? -12.499 10.487  3.352   1.00 23.03 ? 2027 HOH A O   1 
HETATM 1455 O O   . HOH C 3 .   ? -11.214 14.587  -5.595  1.00 25.45 ? 2028 HOH A O   1 
HETATM 1456 O O   . HOH C 3 .   ? 13.735  9.833   -13.351 1.00 41.66 ? 2029 HOH A O   1 
HETATM 1457 O O   . HOH C 3 .   ? -12.680 16.419  -4.837  1.00 33.63 ? 2030 HOH A O   1 
HETATM 1458 O O   . HOH C 3 .   ? -15.335 13.595  0.715   1.00 36.78 ? 2031 HOH A O   1 
HETATM 1459 O O   . HOH C 3 .   ? -8.754  13.160  -10.875 1.00 33.96 ? 2032 HOH A O   1 
HETATM 1460 O O   . HOH C 3 .   ? -6.654  9.786   -11.797 1.00 33.28 ? 2033 HOH A O   1 
HETATM 1461 O O   . HOH C 3 .   ? -14.728 4.861   -12.351 1.00 41.43 ? 2034 HOH A O   1 
HETATM 1462 O O   . HOH C 3 .   ? -13.618 8.163   -16.778 1.00 26.62 ? 2035 HOH A O   1 
HETATM 1463 O O   . HOH C 3 .   ? -16.117 8.624   -16.882 1.00 41.39 ? 2036 HOH A O   1 
HETATM 1464 O O   . HOH C 3 .   ? -10.126 4.905   13.537  1.00 36.30 ? 2037 HOH A O   1 
HETATM 1465 O O   . HOH C 3 .   ? -1.998  14.140  -2.596  1.00 21.03 ? 2038 HOH A O   1 
HETATM 1466 O O   . HOH C 3 .   ? -2.468  2.071   -1.417  1.00 14.44 ? 2039 HOH A O   1 
HETATM 1467 O O   . HOH C 3 .   ? -6.502  18.481  2.864   1.00 31.40 ? 2040 HOH A O   1 
HETATM 1468 O O   . HOH C 3 .   ? -4.888  -17.961 -3.454  1.00 43.66 ? 2041 HOH A O   1 
HETATM 1469 O O   . HOH C 3 .   ? 3.537   -17.231 -9.891  1.00 39.62 ? 2042 HOH A O   1 
HETATM 1470 O O   . HOH C 3 .   ? -4.012  19.413  7.586   1.00 46.60 ? 2043 HOH A O   1 
HETATM 1471 O O   . HOH C 3 .   ? -6.975  17.294  4.698   1.00 34.58 ? 2044 HOH A O   1 
HETATM 1472 O O   . HOH C 3 .   ? 5.198   -14.651 -13.605 1.00 41.61 ? 2045 HOH A O   1 
HETATM 1473 O O   . HOH C 3 .   ? -5.754  11.483  3.258   1.00 20.62 ? 2046 HOH A O   1 
HETATM 1474 O O   . HOH C 3 .   ? -3.113  7.719   4.163   1.00 16.29 ? 2047 HOH A O   1 
HETATM 1475 O O   . HOH C 3 .   ? 0.006   11.862  -1.077  1.00 21.42 ? 2048 HOH A O   1 
HETATM 1476 O O   . HOH C 3 .   ? -5.726  7.975   2.355   1.00 34.56 ? 2049 HOH A O   1 
HETATM 1477 O O   . HOH C 3 .   ? 5.920   10.282  -5.833  1.00 20.24 ? 2050 HOH A O   1 
HETATM 1478 O O   . HOH C 3 .   ? 2.387   13.982  -0.850  1.00 20.93 ? 2051 HOH A O   1 
HETATM 1479 O O   . HOH C 3 .   ? 7.648   13.135  3.506   1.00 30.53 ? 2052 HOH A O   1 
HETATM 1480 O O   . HOH C 3 .   ? 8.966   16.257  -3.483  1.00 33.58 ? 2053 HOH A O   1 
HETATM 1481 O O   . HOH C 3 .   ? 13.826  2.977   -3.621  1.00 35.84 ? 2054 HOH A O   1 
HETATM 1482 O O   . HOH C 3 .   ? 11.464  2.255   -7.234  1.00 27.79 ? 2055 HOH A O   1 
HETATM 1483 O O   . HOH C 3 .   ? 5.113   13.961  -11.763 1.00 34.20 ? 2056 HOH A O   1 
HETATM 1484 O O   . HOH C 3 .   ? 9.246   16.321  -7.993  1.00 35.02 ? 2057 HOH A O   1 
HETATM 1485 O O   . HOH C 3 .   ? 0.603   14.993  -3.055  1.00 27.76 ? 2058 HOH A O   1 
HETATM 1486 O O   . HOH C 3 .   ? 1.757   15.062  -5.418  1.00 24.97 ? 2059 HOH A O   1 
HETATM 1487 O O   . HOH C 3 .   ? 7.644   5.310   15.793  1.00 30.17 ? 2060 HOH A O   1 
HETATM 1488 O O   . HOH C 3 .   ? -2.339  6.822   -13.577 1.00 18.43 ? 2061 HOH A O   1 
HETATM 1489 O O   . HOH C 3 .   ? -5.728  8.764   -13.962 0.50 20.36 ? 2062 HOH A O   1 
HETATM 1490 O O   . HOH C 3 .   ? -7.975  15.702  -14.218 1.00 40.92 ? 2063 HOH A O   1 
HETATM 1491 O O   . HOH C 3 .   ? -2.185  11.864  -14.972 1.00 31.42 ? 2064 HOH A O   1 
HETATM 1492 O O   . HOH C 3 .   ? 9.084   4.890   13.426  1.00 28.18 ? 2065 HOH A O   1 
HETATM 1493 O O   . HOH C 3 .   ? 1.893   12.527  -16.934 1.00 25.46 ? 2066 HOH A O   1 
HETATM 1494 O O   . HOH C 3 .   ? -8.187  6.007   -12.401 1.00 20.74 ? 2067 HOH A O   1 
HETATM 1495 O O   . HOH C 3 .   ? -5.113  6.085   -14.109 0.50 12.16 ? 2068 HOH A O   1 
HETATM 1496 O O   . HOH C 3 .   ? -5.723  2.454   -13.526 1.00 13.50 ? 2069 HOH A O   1 
HETATM 1497 O O   . HOH C 3 .   ? 0.805   1.936   -16.654 1.00 34.86 ? 2070 HOH A O   1 
HETATM 1498 O O   . HOH C 3 .   ? 5.602   8.667   -13.008 1.00 31.98 ? 2071 HOH A O   1 
HETATM 1499 O O   . HOH C 3 .   ? 10.216  3.934   -17.497 1.00 37.45 ? 2072 HOH A O   1 
HETATM 1500 O O   . HOH C 3 .   ? 11.423  8.154   -14.502 1.00 30.77 ? 2073 HOH A O   1 
HETATM 1501 O O   . HOH C 3 .   ? -8.398  1.862   -3.977  1.00 14.51 ? 2074 HOH A O   1 
HETATM 1502 O O   . HOH C 3 .   ? -11.120 1.686   -4.744  1.00 17.25 ? 2075 HOH A O   1 
HETATM 1503 O O   . HOH C 3 .   ? -12.549 -4.621  -1.169  1.00 23.66 ? 2076 HOH A O   1 
HETATM 1504 O O   . HOH C 3 .   ? -19.218 2.512   -1.566  1.00 35.98 ? 2077 HOH A O   1 
HETATM 1505 O O   . HOH C 3 .   ? -15.456 -4.791  -1.066  1.00 23.46 ? 2078 HOH A O   1 
HETATM 1506 O O   . HOH C 3 .   ? -22.000 -2.212  0.879   1.00 40.56 ? 2079 HOH A O   1 
HETATM 1507 O O   . HOH C 3 .   ? -17.289 7.007   -3.007  1.00 33.96 ? 2080 HOH A O   1 
HETATM 1508 O O   . HOH C 3 .   ? -18.316 4.384   0.358   1.00 30.88 ? 2081 HOH A O   1 
HETATM 1509 O O   . HOH C 3 .   ? -18.400 3.885   2.957   1.00 32.69 ? 2082 HOH A O   1 
HETATM 1510 O O   . HOH C 3 .   ? -16.327 8.983   1.191   1.00 26.18 ? 2083 HOH A O   1 
HETATM 1511 O O   . HOH C 3 .   ? -17.455 6.757   4.465   1.00 40.36 ? 2084 HOH A O   1 
HETATM 1512 O O   . HOH C 3 .   ? -9.537  6.240   3.837   1.00 28.41 ? 2085 HOH A O   1 
HETATM 1513 O O   . HOH C 3 .   ? -15.771 8.578   6.033   1.00 21.13 ? 2086 HOH A O   1 
HETATM 1514 O O   . HOH C 3 .   ? -14.302 0.701   11.050  1.00 33.42 ? 2087 HOH A O   1 
HETATM 1515 O O   . HOH C 3 .   ? -8.819  5.922   7.457   1.00 37.11 ? 2088 HOH A O   1 
HETATM 1516 O O   . HOH C 3 .   ? -10.853 6.298   11.360  1.00 34.14 ? 2089 HOH A O   1 
HETATM 1517 O O   . HOH C 3 .   ? -19.266 4.959   5.314   1.00 33.26 ? 2090 HOH A O   1 
HETATM 1518 O O   . HOH C 3 .   ? -15.735 -1.136  9.670   1.00 30.15 ? 2091 HOH A O   1 
HETATM 1519 O O   . HOH C 3 .   ? -17.273 -6.127  0.488   1.00 33.50 ? 2092 HOH A O   1 
HETATM 1520 O O   . HOH C 3 .   ? -14.899 -2.295  0.062   1.00 19.37 ? 2093 HOH A O   1 
HETATM 1521 O O   . HOH C 3 .   ? -15.584 -7.270  5.731   1.00 19.39 ? 2094 HOH A O   1 
HETATM 1522 O O   . HOH C 3 .   ? -9.154  -6.149  -0.682  1.00 21.86 ? 2095 HOH A O   1 
HETATM 1523 O O   . HOH C 3 .   ? -12.193 -14.169 -1.406  1.00 41.41 ? 2096 HOH A O   1 
HETATM 1524 O O   . HOH C 3 .   ? -8.077  -15.414 0.301   1.00 44.03 ? 2097 HOH A O   1 
HETATM 1525 O O   . HOH C 3 .   ? -10.846 -6.162  -2.896  1.00 19.46 ? 2098 HOH A O   1 
HETATM 1526 O O   . HOH C 3 .   ? -1.085  -14.408 0.105   1.00 32.71 ? 2099 HOH A O   1 
HETATM 1527 O O   . HOH C 3 .   ? -4.773  -16.305 -5.646  1.00 33.71 ? 2100 HOH A O   1 
HETATM 1528 O O   . HOH C 3 .   ? -7.019  -5.816  -2.471  1.00 16.33 ? 2101 HOH A O   1 
HETATM 1529 O O   . HOH C 3 .   ? -0.274  -18.895 -7.248  1.00 39.69 ? 2102 HOH A O   1 
HETATM 1530 O O   . HOH C 3 .   ? 1.506   -16.963 -8.412  1.00 36.60 ? 2103 HOH A O   1 
HETATM 1531 O O   . HOH C 3 .   ? 3.695   -14.226 -10.606 1.00 34.59 ? 2104 HOH A O   1 
HETATM 1532 O O   . HOH C 3 .   ? 1.529   -13.372 -11.418 1.00 36.60 ? 2105 HOH A O   1 
HETATM 1533 O O   . HOH C 3 .   ? 5.475   -12.407 -9.694  1.00 28.04 ? 2106 HOH A O   1 
HETATM 1534 O O   . HOH C 3 .   ? 8.199   -12.819 -5.828  1.00 34.70 ? 2107 HOH A O   1 
HETATM 1535 O O   . HOH C 3 .   ? 3.804   -21.632 -3.052  1.00 33.22 ? 2108 HOH A O   1 
HETATM 1536 O O   . HOH C 3 .   ? 3.148   -18.977 -2.185  1.00 34.61 ? 2109 HOH A O   1 
HETATM 1537 O O   . HOH C 3 .   ? 13.205  -10.314 -7.216  1.00 32.00 ? 2110 HOH A O   1 
HETATM 1538 O O   . HOH C 3 .   ? -0.825  6.241   4.582   1.00 14.92 ? 2111 HOH A O   1 
HETATM 1539 O O   . HOH C 3 .   ? -3.488  3.300   4.906   1.00 21.58 ? 2112 HOH A O   1 
HETATM 1540 O O   . HOH C 3 .   ? -0.546  4.101   11.185  1.00 23.95 ? 2113 HOH A O   1 
HETATM 1541 O O   . HOH C 3 .   ? -3.691  3.198   11.377  1.00 19.62 ? 2114 HOH A O   1 
HETATM 1542 O O   . HOH C 3 .   ? -8.432  3.117   12.255  1.00 29.05 ? 2115 HOH A O   1 
HETATM 1543 O O   . HOH C 3 .   ? -12.472 1.867   13.709  1.00 36.53 ? 2116 HOH A O   1 
HETATM 1544 O O   . HOH C 3 .   ? -7.795  -2.816  13.210  1.00 36.67 ? 2117 HOH A O   1 
HETATM 1545 O O   . HOH C 3 .   ? -8.163  -6.774  13.395  1.00 36.53 ? 2118 HOH A O   1 
HETATM 1546 O O   . HOH C 3 .   ? -10.665 -7.120  12.126  1.00 38.66 ? 2119 HOH A O   1 
HETATM 1547 O O   . HOH C 3 .   ? -10.884 -7.333  8.182   1.00 31.36 ? 2120 HOH A O   1 
HETATM 1548 O O   . HOH C 3 .   ? -6.728  -2.591  16.712  1.00 38.61 ? 2121 HOH A O   1 
HETATM 1549 O O   . HOH C 3 .   ? 7.508   0.801   15.753  1.00 41.82 ? 2122 HOH A O   1 
HETATM 1550 O O   . HOH C 3 .   ? 2.721   5.947   15.734  1.00 45.53 ? 2123 HOH A O   1 
HETATM 1551 O O   . HOH C 3 .   ? 10.163  -3.915  12.188  1.00 29.94 ? 2124 HOH A O   1 
HETATM 1552 O O   . HOH C 3 .   ? 3.371   -8.371  12.669  1.00 46.00 ? 2125 HOH A O   1 
HETATM 1553 O O   . HOH C 3 .   ? 7.916   -10.201 6.303   1.00 29.29 ? 2126 HOH A O   1 
HETATM 1554 O O   . HOH C 3 .   ? 11.255  -12.145 5.001   1.00 39.39 ? 2127 HOH A O   1 
HETATM 1555 O O   . HOH C 3 .   ? 4.450   -16.197 6.351   1.00 32.70 ? 2128 HOH A O   1 
HETATM 1556 O O   . HOH C 3 .   ? -0.280  -13.575 8.120   1.00 45.34 ? 2129 HOH A O   1 
HETATM 1557 O O   . HOH C 3 .   ? -1.926  -15.000 2.493   1.00 27.95 ? 2130 HOH A O   1 
HETATM 1558 O O   . HOH C 3 .   ? 6.013   -16.808 4.348   1.00 31.35 ? 2131 HOH A O   1 
HETATM 1559 O O   . HOH C 3 .   ? 5.155   -19.727 2.442   1.00 35.41 ? 2132 HOH A O   1 
HETATM 1560 O O   . HOH C 3 .   ? 10.659  -12.502 2.069   1.00 36.65 ? 2133 HOH A O   1 
HETATM 1561 O O   . HOH C 3 .   ? 6.624   -19.098 -1.209  1.00 37.33 ? 2134 HOH A O   1 
HETATM 1562 O O   . HOH C 3 .   ? 11.190  -16.314 3.777   1.00 50.15 ? 2135 HOH A O   1 
HETATM 1563 O O   . HOH C 3 .   ? 11.125  -10.562 -0.254  1.00 40.33 ? 2136 HOH A O   1 
HETATM 1564 O O   . HOH C 3 .   ? 7.727   -16.490 -2.550  1.00 40.55 ? 2137 HOH A O   1 
HETATM 1565 O O   . HOH C 3 .   ? 11.702  -18.858 -0.985  1.00 44.28 ? 2138 HOH A O   1 
HETATM 1566 O O   . HOH C 3 .   ? 6.981   -14.089 -3.728  1.00 32.19 ? 2139 HOH A O   1 
HETATM 1567 O O   . HOH C 3 .   ? 13.555  -6.580  5.269   1.00 34.58 ? 2140 HOH A O   1 
HETATM 1568 O O   . HOH C 3 .   ? 1.348   8.676   11.145  1.00 27.23 ? 2141 HOH A O   1 
HETATM 1569 O O   . HOH C 3 .   ? -3.814  6.075   6.654   1.00 30.06 ? 2142 HOH A O   1 
HETATM 1570 O O   . HOH C 3 .   ? 0.865   11.592  8.715   1.00 26.38 ? 2143 HOH A O   1 
HETATM 1571 O O   . HOH C 3 .   ? -6.292  12.537  8.028   1.00 32.59 ? 2144 HOH A O   1 
HETATM 1572 O O   . HOH C 3 .   ? -0.637  15.900  13.380  1.00 57.75 ? 2145 HOH A O   1 
HETATM 1573 O O   . HOH C 3 .   ? 5.016   7.329   15.564  1.00 29.98 ? 2146 HOH A O   1 
HETATM 1574 O O   . HOH C 3 .   ? 5.173   11.563  18.307  1.00 35.10 ? 2147 HOH A O   1 
HETATM 1575 O O   . HOH C 3 .   ? 11.971  8.544   11.664  1.00 22.10 ? 2148 HOH A O   1 
HETATM 1576 O O   . HOH C 3 .   ? 11.563  6.525   13.458  1.00 27.99 ? 2149 HOH A O   1 
HETATM 1577 O O   . HOH C 3 .   ? 16.891  4.028   14.517  1.00 34.44 ? 2150 HOH A O   1 
HETATM 1578 O O   . HOH C 3 .   ? 15.674  3.527   8.265   1.00 52.73 ? 2151 HOH A O   1 
HETATM 1579 O O   . HOH C 3 .   ? 11.969  0.540   9.910   1.00 44.81 ? 2152 HOH A O   1 
HETATM 1580 O O   . HOH C 3 .   ? 16.234  -1.330  4.714   1.00 27.30 ? 2153 HOH A O   1 
HETATM 1581 O O   . HOH C 3 .   ? 19.738  0.278   -0.542  1.00 27.37 ? 2154 HOH A O   1 
HETATM 1582 O O   . HOH C 3 .   ? 21.688  -5.158  -3.632  1.00 36.09 ? 2155 HOH A O   1 
HETATM 1583 O O   . HOH C 3 .   ? 16.292  -8.838  -6.423  1.00 37.24 ? 2156 HOH A O   1 
HETATM 1584 O O   . HOH C 3 .   ? 16.242  -4.305  -10.943 1.00 46.39 ? 2157 HOH A O   1 
HETATM 1585 O O   . HOH C 3 .   ? 21.977  -12.523 -12.483 1.00 40.84 ? 2158 HOH A O   1 
HETATM 1586 O O   . HOH C 3 .   ? -7.509  4.623   -4.382  1.00 17.81 ? 2159 HOH A O   1 
HETATM 1587 O O   . HOH C 3 .   ? -5.282  4.441   2.884   1.00 29.70 ? 2160 HOH A O   1 
# 
loop_
_pdbx_poly_seq_scheme.asym_id 
_pdbx_poly_seq_scheme.entity_id 
_pdbx_poly_seq_scheme.seq_id 
_pdbx_poly_seq_scheme.mon_id 
_pdbx_poly_seq_scheme.ndb_seq_num 
_pdbx_poly_seq_scheme.pdb_seq_num 
_pdbx_poly_seq_scheme.auth_seq_num 
_pdbx_poly_seq_scheme.pdb_mon_id 
_pdbx_poly_seq_scheme.auth_mon_id 
_pdbx_poly_seq_scheme.pdb_strand_id 
_pdbx_poly_seq_scheme.pdb_ins_code 
_pdbx_poly_seq_scheme.hetero 
A 1 1   MET 1   1   ?   ?   ?   A . n 
A 1 2   THR 2   2   ?   ?   ?   A . n 
A 1 3   ALA 3   3   ?   ?   ?   A . n 
A 1 4   PRO 4   4   ?   ?   ?   A . n 
A 1 5   HIS 5   5   ?   ?   ?   A . n 
A 1 6   ASP 6   6   ?   ?   ?   A . n 
A 1 7   VAL 7   7   7   VAL VAL A . n 
A 1 8   PRO 8   8   8   PRO PRO A . n 
A 1 9   ASP 9   9   9   ASP ASP A . n 
A 1 10  LEU 10  10  10  LEU LEU A . n 
A 1 11  THR 11  11  11  THR THR A . n 
A 1 12  GLY 12  12  12  GLY GLY A . n 
A 1 13  SER 13  13  13  SER SER A . n 
A 1 14  GLY 14  14  14  GLY GLY A . n 
A 1 15  GLU 15  15  15  GLU GLU A . n 
A 1 16  TYR 16  16  16  TYR TYR A . n 
A 1 17  LEU 17  17  17  LEU LEU A . n 
A 1 18  VAL 18  18  18  VAL VAL A . n 
A 1 19  PRO 19  19  19  PRO PRO A . n 
A 1 20  ASP 20  20  20  ASP ASP A . n 
A 1 21  VAL 21  21  21  VAL VAL A . n 
A 1 22  LEU 22  22  22  LEU LEU A . n 
A 1 23  GLN 23  23  23  GLN GLN A . n 
A 1 24  PRO 24  24  24  PRO PRO A . n 
A 1 25  GLY 25  25  25  GLY GLY A . n 
A 1 26  LEU 26  26  26  LEU LEU A . n 
A 1 27  THR 27  27  27  THR THR A . n 
A 1 28  LEU 28  28  28  LEU LEU A . n 
A 1 29  VAL 29  29  29  VAL VAL A . n 
A 1 30  LEU 30  30  30  LEU LEU A . n 
A 1 31  VAL 31  31  31  VAL VAL A . n 
A 1 32  GLY 32  32  32  GLY GLY A . n 
A 1 33  THR 33  33  33  THR THR A . n 
A 1 34  ALA 34  34  34  ALA ALA A . n 
A 1 35  PRO 35  35  35  PRO PRO A . n 
A 1 36  SER 36  36  36  SER SER A . n 
A 1 37  GLY 37  37  37  GLY GLY A . n 
A 1 38  ILE 38  38  38  ILE ILE A . n 
A 1 39  SER 39  39  39  SER SER A . n 
A 1 40  ALA 40  40  40  ALA ALA A . n 
A 1 41  ARG 41  41  41  ARG ARG A . n 
A 1 42  ALA 42  42  42  ALA ALA A . n 
A 1 43  ARG 43  43  43  ARG ARG A . n 
A 1 44  ALA 44  44  44  ALA ALA A . n 
A 1 45  TYR 45  45  45  TYR TYR A . n 
A 1 46  TYR 46  46  46  TYR TYR A . n 
A 1 47  ALA 47  47  47  ALA ALA A . n 
A 1 48  ASN 48  48  48  ASN ASN A . n 
A 1 49  PRO 49  49  49  PRO PRO A . n 
A 1 50  GLU 50  50  50  GLU GLU A . n 
A 1 51  ASN 51  51  51  ASN ASN A . n 
A 1 52  LYS 52  52  52  LYS LYS A . n 
A 1 53  PHE 53  53  53  PHE PHE A . n 
A 1 54  TRP 54  54  54  TRP TRP A . n 
A 1 55  ARG 55  55  55  ARG ARG A . n 
A 1 56  THR 56  56  56  THR THR A . n 
A 1 57  LEU 57  57  57  LEU LEU A . n 
A 1 58  HIS 58  58  58  HIS HIS A . n 
A 1 59  ALA 59  59  59  ALA ALA A . n 
A 1 60  VAL 60  60  60  VAL VAL A . n 
A 1 61  GLY 61  61  61  GLY GLY A . n 
A 1 62  LEU 62  62  62  LEU LEU A . n 
A 1 63  THR 63  63  63  THR THR A . n 
A 1 64  PRO 64  64  64  PRO PRO A . n 
A 1 65  ARG 65  65  65  ARG ARG A . n 
A 1 66  GLN 66  66  66  GLN GLN A . n 
A 1 67  LEU 67  67  67  LEU LEU A . n 
A 1 68  VAL 68  68  68  VAL VAL A . n 
A 1 69  PRO 69  69  69  PRO PRO A . n 
A 1 70  GLN 70  70  70  GLN GLN A . n 
A 1 71  GLU 71  71  71  GLU GLU A . n 
A 1 72  TYR 72  72  72  TYR TYR A . n 
A 1 73  ALA 73  73  73  ALA ALA A . n 
A 1 74  THR 74  74  74  THR THR A . n 
A 1 75  LEU 75  75  75  LEU LEU A . n 
A 1 76  PRO 76  76  76  PRO PRO A . n 
A 1 77  GLN 77  77  77  GLN GLN A . n 
A 1 78  TYR 78  78  78  TYR TYR A . n 
A 1 79  GLY 79  79  79  GLY GLY A . n 
A 1 80  LEU 80  80  80  LEU LEU A . n 
A 1 81  GLY 81  81  81  GLY GLY A . n 
A 1 82  LEU 82  82  82  LEU LEU A . n 
A 1 83  THR 83  83  83  THR THR A . n 
A 1 84  ASP 84  84  84  ASP ASP A . n 
A 1 85  VAL 85  85  85  VAL VAL A . n 
A 1 86  ALA 86  86  86  ALA ALA A . n 
A 1 87  LYS 87  87  87  LYS LYS A . n 
A 1 88  ARG 88  88  88  ARG ARG A . n 
A 1 89  HIS 89  89  89  HIS HIS A . n 
A 1 90  SER 90  90  90  SER SER A . n 
A 1 91  GLY 91  91  91  GLY GLY A . n 
A 1 92  VAL 92  92  92  VAL VAL A . n 
A 1 93  ALA 93  93  93  ALA ALA A . n 
A 1 94  ALA 94  94  94  ALA ALA A . n 
A 1 95  ALA 95  95  95  ALA ALA A . n 
A 1 96  LEU 96  96  96  LEU LEU A . n 
A 1 97  PRO 97  97  97  PRO PRO A . n 
A 1 98  GLY 98  98  98  GLY GLY A . n 
A 1 99  GLU 99  99  99  GLU GLU A . n 
A 1 100 ALA 100 100 100 ALA ALA A . n 
A 1 101 TRP 101 101 101 TRP TRP A . n 
A 1 102 ARG 102 102 102 ARG ARG A . n 
A 1 103 PRO 103 103 103 PRO PRO A . n 
A 1 104 ASP 104 104 104 ASP ASP A . n 
A 1 105 GLU 105 105 105 GLU GLU A . n 
A 1 106 LEU 106 106 106 LEU LEU A . n 
A 1 107 ARG 107 107 107 ARG ARG A . n 
A 1 108 ARG 108 108 108 ARG ARG A . n 
A 1 109 LYS 109 109 109 LYS LYS A . n 
A 1 110 VAL 110 110 110 VAL VAL A . n 
A 1 111 GLU 111 111 111 GLU GLU A . n 
A 1 112 HIS 112 112 112 HIS HIS A . n 
A 1 113 TYR 113 113 113 TYR TYR A . n 
A 1 114 ARG 114 114 114 ARG ARG A . n 
A 1 115 PRO 115 115 115 PRO PRO A . n 
A 1 116 ARG 116 116 116 ARG ARG A . n 
A 1 117 ILE 117 117 117 ILE ILE A . n 
A 1 118 VAL 118 118 118 VAL VAL A . n 
A 1 119 ALA 119 119 119 ALA ALA A . n 
A 1 120 PHE 120 120 120 PHE PHE A . n 
A 1 121 THR 121 121 121 THR THR A . n 
A 1 122 SER 122 122 122 SER SER A . n 
A 1 123 LYS 123 123 123 LYS LYS A . n 
A 1 124 ARG 124 124 124 ARG ARG A . n 
A 1 125 GLY 125 125 125 GLY GLY A . n 
A 1 126 ALA 126 126 126 ALA ALA A . n 
A 1 127 SER 127 127 127 SER SER A . n 
A 1 128 GLU 128 128 128 GLU GLU A . n 
A 1 129 THR 129 129 129 THR THR A . n 
A 1 130 LEU 130 130 130 LEU LEU A . n 
A 1 131 GLY 131 131 131 GLY GLY A . n 
A 1 132 VAL 132 132 132 VAL VAL A . n 
A 1 133 PRO 133 133 133 PRO PRO A . n 
A 1 134 THR 134 134 134 THR THR A . n 
A 1 135 GLY 135 135 135 GLY GLY A . n 
A 1 136 LYS 136 136 136 LYS LYS A . n 
A 1 137 LEU 137 137 137 LEU LEU A . n 
A 1 138 PRO 138 138 138 PRO PRO A . n 
A 1 139 TYR 139 139 139 TYR TYR A . n 
A 1 140 GLY 140 140 140 GLY GLY A . n 
A 1 141 PRO 141 141 141 PRO PRO A . n 
A 1 142 GLN 142 142 142 GLN GLN A . n 
A 1 143 PRO 143 143 143 PRO PRO A . n 
A 1 144 GLN 144 144 144 GLN GLN A . n 
A 1 145 PRO 145 145 145 PRO PRO A . n 
A 1 146 LEU 146 146 146 LEU LEU A . n 
A 1 147 ASP 147 147 147 ASP ASP A . n 
A 1 148 TRP 148 148 148 TRP TRP A . n 
A 1 149 PRO 149 149 149 PRO PRO A . n 
A 1 150 ALA 150 150 150 ALA ALA A . n 
A 1 151 GLU 151 151 151 GLU GLU A . n 
A 1 152 THR 152 152 152 THR THR A . n 
A 1 153 GLU 153 153 153 GLU GLU A . n 
A 1 154 LEU 154 154 154 LEU LEU A . n 
A 1 155 TRP 155 155 155 TRP TRP A . n 
A 1 156 VAL 156 156 156 VAL VAL A . n 
A 1 157 LEU 157 157 157 LEU LEU A . n 
A 1 158 PRO 158 158 158 PRO PRO A . n 
A 1 159 SER 159 159 159 SER SER A . n 
A 1 160 THR 160 160 160 THR THR A . n 
A 1 161 SER 161 161 161 SER SER A . n 
A 1 162 PRO 162 162 162 PRO PRO A . n 
A 1 163 LEU 163 163 163 LEU LEU A . n 
A 1 164 GLY 164 164 164 GLY GLY A . n 
A 1 165 HIS 165 165 165 HIS HIS A . n 
A 1 166 ASN 166 166 166 ASN ASN A . n 
A 1 167 HIS 167 167 167 HIS HIS A . n 
A 1 168 PHE 168 168 168 PHE PHE A . n 
A 1 169 ARG 169 169 169 ARG ARG A . n 
A 1 170 LEU 170 170 170 LEU LEU A . n 
A 1 171 GLU 171 171 171 GLU GLU A . n 
A 1 172 PRO 172 172 172 PRO PRO A . n 
A 1 173 TRP 173 173 173 TRP TRP A . n 
A 1 174 GLN 174 174 174 GLN GLN A . n 
A 1 175 ALA 175 175 175 ALA ALA A . n 
A 1 176 LEU 176 176 176 LEU LEU A . n 
A 1 177 GLY 177 177 177 GLY GLY A . n 
A 1 178 ASP 178 178 178 ASP ASP A . n 
A 1 179 ARG 179 179 179 ARG ARG A . n 
A 1 180 VAL 180 180 180 VAL VAL A . n 
A 1 181 ARG 181 181 181 ARG ARG A . n 
A 1 182 GLU 182 182 182 GLU GLU A . n 
A 1 183 LEU 183 183 183 LEU LEU A . n 
A 1 184 ARG 184 184 184 ARG ARG A . n 
A 1 185 GLY 185 185 185 GLY GLY A . n 
A 1 186 ALA 186 186 186 ALA ALA A . n 
A 1 187 ALA 187 187 187 ALA ALA A . n 
A 1 188 GLU 188 188 188 GLU GLU A . n 
A 1 189 ALA 189 189 189 ALA ALA A . n 
A 1 190 GLY 190 190 ?   ?   ?   A . n 
A 1 191 ASN 191 191 ?   ?   ?   A . n 
A 1 192 PRO 192 192 ?   ?   ?   A . n 
A 1 193 SER 193 193 ?   ?   ?   A . n 
A 1 194 PRO 194 194 ?   ?   ?   A . n 
A 1 195 GLU 195 195 ?   ?   ?   A . n 
A 1 196 THR 196 196 ?   ?   ?   A . n 
A 1 197 PRO 197 197 ?   ?   ?   A . n 
A 1 198 VAL 198 198 ?   ?   ?   A . n 
A 1 199 LEU 199 199 ?   ?   ?   A . n 
# 
loop_
_pdbx_nonpoly_scheme.asym_id 
_pdbx_nonpoly_scheme.entity_id 
_pdbx_nonpoly_scheme.mon_id 
_pdbx_nonpoly_scheme.ndb_seq_num 
_pdbx_nonpoly_scheme.pdb_seq_num 
_pdbx_nonpoly_scheme.auth_seq_num 
_pdbx_nonpoly_scheme.pdb_mon_id 
_pdbx_nonpoly_scheme.auth_mon_id 
_pdbx_nonpoly_scheme.pdb_strand_id 
_pdbx_nonpoly_scheme.pdb_ins_code 
B 2 ACT 1   1190 1190 ACT ACT A . 
C 3 HOH 1   2001 2001 HOH HOH A . 
C 3 HOH 2   2002 2002 HOH HOH A . 
C 3 HOH 3   2003 2003 HOH HOH A . 
C 3 HOH 4   2004 2004 HOH HOH A . 
C 3 HOH 5   2005 2005 HOH HOH A . 
C 3 HOH 6   2006 2006 HOH HOH A . 
C 3 HOH 7   2007 2007 HOH HOH A . 
C 3 HOH 8   2008 2008 HOH HOH A . 
C 3 HOH 9   2009 2009 HOH HOH A . 
C 3 HOH 10  2010 2010 HOH HOH A . 
C 3 HOH 11  2011 2011 HOH HOH A . 
C 3 HOH 12  2012 2012 HOH HOH A . 
C 3 HOH 13  2013 2013 HOH HOH A . 
C 3 HOH 14  2014 2014 HOH HOH A . 
C 3 HOH 15  2015 2015 HOH HOH A . 
C 3 HOH 16  2016 2016 HOH HOH A . 
C 3 HOH 17  2017 2017 HOH HOH A . 
C 3 HOH 18  2018 2018 HOH HOH A . 
C 3 HOH 19  2019 2019 HOH HOH A . 
C 3 HOH 20  2020 2020 HOH HOH A . 
C 3 HOH 21  2021 2021 HOH HOH A . 
C 3 HOH 22  2022 2022 HOH HOH A . 
C 3 HOH 23  2023 2023 HOH HOH A . 
C 3 HOH 24  2024 2024 HOH HOH A . 
C 3 HOH 25  2025 2025 HOH HOH A . 
C 3 HOH 26  2026 2026 HOH HOH A . 
C 3 HOH 27  2027 2027 HOH HOH A . 
C 3 HOH 28  2028 2028 HOH HOH A . 
C 3 HOH 29  2029 2029 HOH HOH A . 
C 3 HOH 30  2030 2030 HOH HOH A . 
C 3 HOH 31  2031 2031 HOH HOH A . 
C 3 HOH 32  2032 2032 HOH HOH A . 
C 3 HOH 33  2033 2033 HOH HOH A . 
C 3 HOH 34  2034 2034 HOH HOH A . 
C 3 HOH 35  2035 2035 HOH HOH A . 
C 3 HOH 36  2036 2036 HOH HOH A . 
C 3 HOH 37  2037 2037 HOH HOH A . 
C 3 HOH 38  2038 2038 HOH HOH A . 
C 3 HOH 39  2039 2039 HOH HOH A . 
C 3 HOH 40  2040 2040 HOH HOH A . 
C 3 HOH 41  2041 2041 HOH HOH A . 
C 3 HOH 42  2042 2042 HOH HOH A . 
C 3 HOH 43  2043 2043 HOH HOH A . 
C 3 HOH 44  2044 2044 HOH HOH A . 
C 3 HOH 45  2045 2045 HOH HOH A . 
C 3 HOH 46  2046 2046 HOH HOH A . 
C 3 HOH 47  2047 2047 HOH HOH A . 
C 3 HOH 48  2048 2048 HOH HOH A . 
C 3 HOH 49  2049 2049 HOH HOH A . 
C 3 HOH 50  2050 2050 HOH HOH A . 
C 3 HOH 51  2051 2051 HOH HOH A . 
C 3 HOH 52  2052 2052 HOH HOH A . 
C 3 HOH 53  2053 2053 HOH HOH A . 
C 3 HOH 54  2054 2054 HOH HOH A . 
C 3 HOH 55  2055 2055 HOH HOH A . 
C 3 HOH 56  2056 2056 HOH HOH A . 
C 3 HOH 57  2057 2057 HOH HOH A . 
C 3 HOH 58  2058 2058 HOH HOH A . 
C 3 HOH 59  2059 2059 HOH HOH A . 
C 3 HOH 60  2060 2060 HOH HOH A . 
C 3 HOH 61  2061 2061 HOH HOH A . 
C 3 HOH 62  2062 2062 HOH HOH A . 
C 3 HOH 63  2063 2063 HOH HOH A . 
C 3 HOH 64  2064 2064 HOH HOH A . 
C 3 HOH 65  2065 2065 HOH HOH A . 
C 3 HOH 66  2066 2066 HOH HOH A . 
C 3 HOH 67  2067 2067 HOH HOH A . 
C 3 HOH 68  2068 2068 HOH HOH A . 
C 3 HOH 69  2069 2069 HOH HOH A . 
C 3 HOH 70  2070 2070 HOH HOH A . 
C 3 HOH 71  2071 2071 HOH HOH A . 
C 3 HOH 72  2072 2072 HOH HOH A . 
C 3 HOH 73  2073 2073 HOH HOH A . 
C 3 HOH 74  2074 2074 HOH HOH A . 
C 3 HOH 75  2075 2075 HOH HOH A . 
C 3 HOH 76  2076 2076 HOH HOH A . 
C 3 HOH 77  2077 2077 HOH HOH A . 
C 3 HOH 78  2078 2078 HOH HOH A . 
C 3 HOH 79  2079 2079 HOH HOH A . 
C 3 HOH 80  2080 2080 HOH HOH A . 
C 3 HOH 81  2081 2081 HOH HOH A . 
C 3 HOH 82  2082 2082 HOH HOH A . 
C 3 HOH 83  2083 2083 HOH HOH A . 
C 3 HOH 84  2084 2084 HOH HOH A . 
C 3 HOH 85  2085 2085 HOH HOH A . 
C 3 HOH 86  2086 2086 HOH HOH A . 
C 3 HOH 87  2087 2087 HOH HOH A . 
C 3 HOH 88  2088 2088 HOH HOH A . 
C 3 HOH 89  2089 2089 HOH HOH A . 
C 3 HOH 90  2090 2090 HOH HOH A . 
C 3 HOH 91  2091 2091 HOH HOH A . 
C 3 HOH 92  2092 2092 HOH HOH A . 
C 3 HOH 93  2093 2093 HOH HOH A . 
C 3 HOH 94  2094 2094 HOH HOH A . 
C 3 HOH 95  2095 2095 HOH HOH A . 
C 3 HOH 96  2096 2096 HOH HOH A . 
C 3 HOH 97  2097 2097 HOH HOH A . 
C 3 HOH 98  2098 2098 HOH HOH A . 
C 3 HOH 99  2099 2099 HOH HOH A . 
C 3 HOH 100 2100 2100 HOH HOH A . 
C 3 HOH 101 2101 2101 HOH HOH A . 
C 3 HOH 102 2102 2102 HOH HOH A . 
C 3 HOH 103 2103 2103 HOH HOH A . 
C 3 HOH 104 2104 2104 HOH HOH A . 
C 3 HOH 105 2105 2105 HOH HOH A . 
C 3 HOH 106 2106 2106 HOH HOH A . 
C 3 HOH 107 2107 2107 HOH HOH A . 
C 3 HOH 108 2108 2108 HOH HOH A . 
C 3 HOH 109 2109 2109 HOH HOH A . 
C 3 HOH 110 2110 2110 HOH HOH A . 
C 3 HOH 111 2111 2111 HOH HOH A . 
C 3 HOH 112 2112 2112 HOH HOH A . 
C 3 HOH 113 2113 2113 HOH HOH A . 
C 3 HOH 114 2114 2114 HOH HOH A . 
C 3 HOH 115 2115 2115 HOH HOH A . 
C 3 HOH 116 2116 2116 HOH HOH A . 
C 3 HOH 117 2117 2117 HOH HOH A . 
C 3 HOH 118 2118 2118 HOH HOH A . 
C 3 HOH 119 2119 2119 HOH HOH A . 
C 3 HOH 120 2120 2120 HOH HOH A . 
C 3 HOH 121 2121 2121 HOH HOH A . 
C 3 HOH 122 2122 2122 HOH HOH A . 
C 3 HOH 123 2123 2123 HOH HOH A . 
C 3 HOH 124 2124 2124 HOH HOH A . 
C 3 HOH 125 2125 2125 HOH HOH A . 
C 3 HOH 126 2126 2126 HOH HOH A . 
C 3 HOH 127 2127 2127 HOH HOH A . 
C 3 HOH 128 2128 2128 HOH HOH A . 
C 3 HOH 129 2129 2129 HOH HOH A . 
C 3 HOH 130 2130 2130 HOH HOH A . 
C 3 HOH 131 2131 2131 HOH HOH A . 
C 3 HOH 132 2132 2132 HOH HOH A . 
C 3 HOH 133 2133 2133 HOH HOH A . 
C 3 HOH 134 2134 2134 HOH HOH A . 
C 3 HOH 135 2135 2135 HOH HOH A . 
C 3 HOH 136 2136 2136 HOH HOH A . 
C 3 HOH 137 2137 2137 HOH HOH A . 
C 3 HOH 138 2138 2138 HOH HOH A . 
C 3 HOH 139 2139 2139 HOH HOH A . 
C 3 HOH 140 2140 2140 HOH HOH A . 
C 3 HOH 141 2141 2141 HOH HOH A . 
C 3 HOH 142 2142 2142 HOH HOH A . 
C 3 HOH 143 2143 2143 HOH HOH A . 
C 3 HOH 144 2144 2144 HOH HOH A . 
C 3 HOH 145 2145 2145 HOH HOH A . 
C 3 HOH 146 2146 2146 HOH HOH A . 
C 3 HOH 147 2147 2147 HOH HOH A . 
C 3 HOH 148 2148 2148 HOH HOH A . 
C 3 HOH 149 2149 2149 HOH HOH A . 
C 3 HOH 150 2150 2150 HOH HOH A . 
C 3 HOH 151 2151 2151 HOH HOH A . 
C 3 HOH 152 2152 2152 HOH HOH A . 
C 3 HOH 153 2153 2153 HOH HOH A . 
C 3 HOH 154 2154 2154 HOH HOH A . 
C 3 HOH 155 2155 2155 HOH HOH A . 
C 3 HOH 156 2156 2156 HOH HOH A . 
C 3 HOH 157 2157 2157 HOH HOH A . 
C 3 HOH 158 2158 2158 HOH HOH A . 
C 3 HOH 159 2159 2159 HOH HOH A . 
C 3 HOH 160 2160 2160 HOH HOH A . 
# 
_pdbx_struct_assembly.id                   1 
_pdbx_struct_assembly.details              author_and_software_defined_assembly 
_pdbx_struct_assembly.method_details       PQS 
_pdbx_struct_assembly.oligomeric_details   monomeric 
_pdbx_struct_assembly.oligomeric_count     1 
# 
_pdbx_struct_assembly_gen.assembly_id       1 
_pdbx_struct_assembly_gen.oper_expression   1 
_pdbx_struct_assembly_gen.asym_id_list      A,B,C 
# 
_pdbx_struct_oper_list.id                   1 
_pdbx_struct_oper_list.type                 'identity operation' 
_pdbx_struct_oper_list.name                 1_555 
_pdbx_struct_oper_list.symmetry_operation   x,y,z 
_pdbx_struct_oper_list.matrix[1][1]         1.0000000000 
_pdbx_struct_oper_list.matrix[1][2]         0.0000000000 
_pdbx_struct_oper_list.matrix[1][3]         0.0000000000 
_pdbx_struct_oper_list.vector[1]            0.0000000000 
_pdbx_struct_oper_list.matrix[2][1]         0.0000000000 
_pdbx_struct_oper_list.matrix[2][2]         1.0000000000 
_pdbx_struct_oper_list.matrix[2][3]         0.0000000000 
_pdbx_struct_oper_list.vector[2]            0.0000000000 
_pdbx_struct_oper_list.matrix[3][1]         0.0000000000 
_pdbx_struct_oper_list.matrix[3][2]         0.0000000000 
_pdbx_struct_oper_list.matrix[3][3]         1.0000000000 
_pdbx_struct_oper_list.vector[3]            0.0000000000 
# 
loop_
_pdbx_audit_revision_history.ordinal 
_pdbx_audit_revision_history.data_content_type 
_pdbx_audit_revision_history.major_revision 
_pdbx_audit_revision_history.minor_revision 
_pdbx_audit_revision_history.revision_date 
1 'Structure model' 1 0 2005-10-18 
2 'Structure model' 1 1 2011-05-07 
3 'Structure model' 1 2 2011-07-13 
4 'Structure model' 1 3 2023-12-13 
# 
_pdbx_audit_revision_details.ordinal             1 
_pdbx_audit_revision_details.revision_ordinal    1 
_pdbx_audit_revision_details.data_content_type   'Structure model' 
_pdbx_audit_revision_details.provider            repository 
_pdbx_audit_revision_details.type                'Initial release' 
_pdbx_audit_revision_details.description         ? 
_pdbx_audit_revision_details.details             ? 
# 
loop_
_pdbx_audit_revision_group.ordinal 
_pdbx_audit_revision_group.revision_ordinal 
_pdbx_audit_revision_group.data_content_type 
_pdbx_audit_revision_group.group 
1 2 'Structure model' 'Version format compliance' 
2 3 'Structure model' 'Version format compliance' 
3 4 'Structure model' 'Data collection'           
4 4 'Structure model' 'Database references'       
5 4 'Structure model' Other                       
6 4 'Structure model' 'Refinement description'    
# 
loop_
_pdbx_audit_revision_category.ordinal 
_pdbx_audit_revision_category.revision_ordinal 
_pdbx_audit_revision_category.data_content_type 
_pdbx_audit_revision_category.category 
1 4 'Structure model' chem_comp_atom                
2 4 'Structure model' chem_comp_bond                
3 4 'Structure model' database_2                    
4 4 'Structure model' pdbx_database_status          
5 4 'Structure model' pdbx_initial_refinement_model 
# 
loop_
_pdbx_audit_revision_item.ordinal 
_pdbx_audit_revision_item.revision_ordinal 
_pdbx_audit_revision_item.data_content_type 
_pdbx_audit_revision_item.item 
1 4 'Structure model' '_database_2.pdbx_DOI'                 
2 4 'Structure model' '_database_2.pdbx_database_accession'  
3 4 'Structure model' '_pdbx_database_status.status_code_sf' 
# 
loop_
_software.name 
_software.classification 
_software.version 
_software.citation_id 
_software.pdbx_ordinal 
REFMAC refinement       5.2.0003 ? 1 
MOSFLM 'data reduction' .        ? 2 
SCALA  'data scaling'   .        ? 3 
MOLREP phasing          .        ? 4 
# 
_pdbx_entry_details.entry_id                 2C2Q 
_pdbx_entry_details.compound_details         
;ENGINEERED RESIDUE IN CHAIN A, ASP 93 TO ALA. INACTIVE MUTANT
  ASP93ALA
;
_pdbx_entry_details.source_details           ? 
_pdbx_entry_details.nonpolymer_details       ? 
_pdbx_entry_details.sequence_details         ? 
_pdbx_entry_details.has_ligand_of_interest   ? 
# 
loop_
_pdbx_validate_rmsd_angle.id 
_pdbx_validate_rmsd_angle.PDB_model_num 
_pdbx_validate_rmsd_angle.auth_atom_id_1 
_pdbx_validate_rmsd_angle.auth_asym_id_1 
_pdbx_validate_rmsd_angle.auth_comp_id_1 
_pdbx_validate_rmsd_angle.auth_seq_id_1 
_pdbx_validate_rmsd_angle.PDB_ins_code_1 
_pdbx_validate_rmsd_angle.label_alt_id_1 
_pdbx_validate_rmsd_angle.auth_atom_id_2 
_pdbx_validate_rmsd_angle.auth_asym_id_2 
_pdbx_validate_rmsd_angle.auth_comp_id_2 
_pdbx_validate_rmsd_angle.auth_seq_id_2 
_pdbx_validate_rmsd_angle.PDB_ins_code_2 
_pdbx_validate_rmsd_angle.label_alt_id_2 
_pdbx_validate_rmsd_angle.auth_atom_id_3 
_pdbx_validate_rmsd_angle.auth_asym_id_3 
_pdbx_validate_rmsd_angle.auth_comp_id_3 
_pdbx_validate_rmsd_angle.auth_seq_id_3 
_pdbx_validate_rmsd_angle.PDB_ins_code_3 
_pdbx_validate_rmsd_angle.label_alt_id_3 
_pdbx_validate_rmsd_angle.angle_value 
_pdbx_validate_rmsd_angle.angle_target_value 
_pdbx_validate_rmsd_angle.angle_deviation 
_pdbx_validate_rmsd_angle.angle_standard_deviation 
_pdbx_validate_rmsd_angle.linker_flag 
1 1 CB A ASP 9  ? ? CG A ASP 9  ? ? OD2 A ASP 9  ? ? 125.07 118.30 6.77  0.90 N 
2 1 CB A LEU 57 ? ? CG A LEU 57 ? ? CD2 A LEU 57 ? ? 122.12 111.00 11.12 1.70 N 
# 
loop_
_pdbx_validate_torsion.id 
_pdbx_validate_torsion.PDB_model_num 
_pdbx_validate_torsion.auth_comp_id 
_pdbx_validate_torsion.auth_asym_id 
_pdbx_validate_torsion.auth_seq_id 
_pdbx_validate_torsion.PDB_ins_code 
_pdbx_validate_torsion.label_alt_id 
_pdbx_validate_torsion.phi 
_pdbx_validate_torsion.psi 
1 1 PRO A 145 ? ? -87.41  -124.40 
2 1 LEU A 146 ? ? -161.70 113.49  
3 1 LEU A 163 ? ? -59.24  1.26    
4 1 ASN A 166 ? ? 24.03   -110.42 
# 
loop_
_pdbx_validate_peptide_omega.id 
_pdbx_validate_peptide_omega.PDB_model_num 
_pdbx_validate_peptide_omega.auth_comp_id_1 
_pdbx_validate_peptide_omega.auth_asym_id_1 
_pdbx_validate_peptide_omega.auth_seq_id_1 
_pdbx_validate_peptide_omega.PDB_ins_code_1 
_pdbx_validate_peptide_omega.label_alt_id_1 
_pdbx_validate_peptide_omega.auth_comp_id_2 
_pdbx_validate_peptide_omega.auth_asym_id_2 
_pdbx_validate_peptide_omega.auth_seq_id_2 
_pdbx_validate_peptide_omega.PDB_ins_code_2 
_pdbx_validate_peptide_omega.label_alt_id_2 
_pdbx_validate_peptide_omega.omega 
1 1 ASP A 147 ? ? TRP A 148 ? ? -145.42 
2 1 HIS A 165 ? ? ASN A 166 ? ? 122.51  
# 
loop_
_pdbx_unobs_or_zero_occ_residues.id 
_pdbx_unobs_or_zero_occ_residues.PDB_model_num 
_pdbx_unobs_or_zero_occ_residues.polymer_flag 
_pdbx_unobs_or_zero_occ_residues.occupancy_flag 
_pdbx_unobs_or_zero_occ_residues.auth_asym_id 
_pdbx_unobs_or_zero_occ_residues.auth_comp_id 
_pdbx_unobs_or_zero_occ_residues.auth_seq_id 
_pdbx_unobs_or_zero_occ_residues.PDB_ins_code 
_pdbx_unobs_or_zero_occ_residues.label_asym_id 
_pdbx_unobs_or_zero_occ_residues.label_comp_id 
_pdbx_unobs_or_zero_occ_residues.label_seq_id 
1  1 Y 1 A MET 1   ? A MET 1   
2  1 Y 1 A THR 2   ? A THR 2   
3  1 Y 1 A ALA 3   ? A ALA 3   
4  1 Y 1 A PRO 4   ? A PRO 4   
5  1 Y 1 A HIS 5   ? A HIS 5   
6  1 Y 1 A ASP 6   ? A ASP 6   
7  1 Y 1 A GLY 190 ? A GLY 190 
8  1 Y 1 A ASN 191 ? A ASN 191 
9  1 Y 1 A PRO 192 ? A PRO 192 
10 1 Y 1 A SER 193 ? A SER 193 
11 1 Y 1 A PRO 194 ? A PRO 194 
12 1 Y 1 A GLU 195 ? A GLU 195 
13 1 Y 1 A THR 196 ? A THR 196 
14 1 Y 1 A PRO 197 ? A PRO 197 
15 1 Y 1 A VAL 198 ? A VAL 198 
16 1 Y 1 A LEU 199 ? A LEU 199 
# 
loop_
_chem_comp_atom.comp_id 
_chem_comp_atom.atom_id 
_chem_comp_atom.type_symbol 
_chem_comp_atom.pdbx_aromatic_flag 
_chem_comp_atom.pdbx_stereo_config 
_chem_comp_atom.pdbx_ordinal 
ACT C    C N N 1   
ACT O    O N N 2   
ACT OXT  O N N 3   
ACT CH3  C N N 4   
ACT H1   H N N 5   
ACT H2   H N N 6   
ACT H3   H N N 7   
ALA N    N N N 8   
ALA CA   C N S 9   
ALA C    C N N 10  
ALA O    O N N 11  
ALA CB   C N N 12  
ALA OXT  O N N 13  
ALA H    H N N 14  
ALA H2   H N N 15  
ALA HA   H N N 16  
ALA HB1  H N N 17  
ALA HB2  H N N 18  
ALA HB3  H N N 19  
ALA HXT  H N N 20  
ARG N    N N N 21  
ARG CA   C N S 22  
ARG C    C N N 23  
ARG O    O N N 24  
ARG CB   C N N 25  
ARG CG   C N N 26  
ARG CD   C N N 27  
ARG NE   N N N 28  
ARG CZ   C N N 29  
ARG NH1  N N N 30  
ARG NH2  N N N 31  
ARG OXT  O N N 32  
ARG H    H N N 33  
ARG H2   H N N 34  
ARG HA   H N N 35  
ARG HB2  H N N 36  
ARG HB3  H N N 37  
ARG HG2  H N N 38  
ARG HG3  H N N 39  
ARG HD2  H N N 40  
ARG HD3  H N N 41  
ARG HE   H N N 42  
ARG HH11 H N N 43  
ARG HH12 H N N 44  
ARG HH21 H N N 45  
ARG HH22 H N N 46  
ARG HXT  H N N 47  
ASN N    N N N 48  
ASN CA   C N S 49  
ASN C    C N N 50  
ASN O    O N N 51  
ASN CB   C N N 52  
ASN CG   C N N 53  
ASN OD1  O N N 54  
ASN ND2  N N N 55  
ASN OXT  O N N 56  
ASN H    H N N 57  
ASN H2   H N N 58  
ASN HA   H N N 59  
ASN HB2  H N N 60  
ASN HB3  H N N 61  
ASN HD21 H N N 62  
ASN HD22 H N N 63  
ASN HXT  H N N 64  
ASP N    N N N 65  
ASP CA   C N S 66  
ASP C    C N N 67  
ASP O    O N N 68  
ASP CB   C N N 69  
ASP CG   C N N 70  
ASP OD1  O N N 71  
ASP OD2  O N N 72  
ASP OXT  O N N 73  
ASP H    H N N 74  
ASP H2   H N N 75  
ASP HA   H N N 76  
ASP HB2  H N N 77  
ASP HB3  H N N 78  
ASP HD2  H N N 79  
ASP HXT  H N N 80  
GLN N    N N N 81  
GLN CA   C N S 82  
GLN C    C N N 83  
GLN O    O N N 84  
GLN CB   C N N 85  
GLN CG   C N N 86  
GLN CD   C N N 87  
GLN OE1  O N N 88  
GLN NE2  N N N 89  
GLN OXT  O N N 90  
GLN H    H N N 91  
GLN H2   H N N 92  
GLN HA   H N N 93  
GLN HB2  H N N 94  
GLN HB3  H N N 95  
GLN HG2  H N N 96  
GLN HG3  H N N 97  
GLN HE21 H N N 98  
GLN HE22 H N N 99  
GLN HXT  H N N 100 
GLU N    N N N 101 
GLU CA   C N S 102 
GLU C    C N N 103 
GLU O    O N N 104 
GLU CB   C N N 105 
GLU CG   C N N 106 
GLU CD   C N N 107 
GLU OE1  O N N 108 
GLU OE2  O N N 109 
GLU OXT  O N N 110 
GLU H    H N N 111 
GLU H2   H N N 112 
GLU HA   H N N 113 
GLU HB2  H N N 114 
GLU HB3  H N N 115 
GLU HG2  H N N 116 
GLU HG3  H N N 117 
GLU HE2  H N N 118 
GLU HXT  H N N 119 
GLY N    N N N 120 
GLY CA   C N N 121 
GLY C    C N N 122 
GLY O    O N N 123 
GLY OXT  O N N 124 
GLY H    H N N 125 
GLY H2   H N N 126 
GLY HA2  H N N 127 
GLY HA3  H N N 128 
GLY HXT  H N N 129 
HIS N    N N N 130 
HIS CA   C N S 131 
HIS C    C N N 132 
HIS O    O N N 133 
HIS CB   C N N 134 
HIS CG   C Y N 135 
HIS ND1  N Y N 136 
HIS CD2  C Y N 137 
HIS CE1  C Y N 138 
HIS NE2  N Y N 139 
HIS OXT  O N N 140 
HIS H    H N N 141 
HIS H2   H N N 142 
HIS HA   H N N 143 
HIS HB2  H N N 144 
HIS HB3  H N N 145 
HIS HD1  H N N 146 
HIS HD2  H N N 147 
HIS HE1  H N N 148 
HIS HE2  H N N 149 
HIS HXT  H N N 150 
HOH O    O N N 151 
HOH H1   H N N 152 
HOH H2   H N N 153 
ILE N    N N N 154 
ILE CA   C N S 155 
ILE C    C N N 156 
ILE O    O N N 157 
ILE CB   C N S 158 
ILE CG1  C N N 159 
ILE CG2  C N N 160 
ILE CD1  C N N 161 
ILE OXT  O N N 162 
ILE H    H N N 163 
ILE H2   H N N 164 
ILE HA   H N N 165 
ILE HB   H N N 166 
ILE HG12 H N N 167 
ILE HG13 H N N 168 
ILE HG21 H N N 169 
ILE HG22 H N N 170 
ILE HG23 H N N 171 
ILE HD11 H N N 172 
ILE HD12 H N N 173 
ILE HD13 H N N 174 
ILE HXT  H N N 175 
LEU N    N N N 176 
LEU CA   C N S 177 
LEU C    C N N 178 
LEU O    O N N 179 
LEU CB   C N N 180 
LEU CG   C N N 181 
LEU CD1  C N N 182 
LEU CD2  C N N 183 
LEU OXT  O N N 184 
LEU H    H N N 185 
LEU H2   H N N 186 
LEU HA   H N N 187 
LEU HB2  H N N 188 
LEU HB3  H N N 189 
LEU HG   H N N 190 
LEU HD11 H N N 191 
LEU HD12 H N N 192 
LEU HD13 H N N 193 
LEU HD21 H N N 194 
LEU HD22 H N N 195 
LEU HD23 H N N 196 
LEU HXT  H N N 197 
LYS N    N N N 198 
LYS CA   C N S 199 
LYS C    C N N 200 
LYS O    O N N 201 
LYS CB   C N N 202 
LYS CG   C N N 203 
LYS CD   C N N 204 
LYS CE   C N N 205 
LYS NZ   N N N 206 
LYS OXT  O N N 207 
LYS H    H N N 208 
LYS H2   H N N 209 
LYS HA   H N N 210 
LYS HB2  H N N 211 
LYS HB3  H N N 212 
LYS HG2  H N N 213 
LYS HG3  H N N 214 
LYS HD2  H N N 215 
LYS HD3  H N N 216 
LYS HE2  H N N 217 
LYS HE3  H N N 218 
LYS HZ1  H N N 219 
LYS HZ2  H N N 220 
LYS HZ3  H N N 221 
LYS HXT  H N N 222 
MET N    N N N 223 
MET CA   C N S 224 
MET C    C N N 225 
MET O    O N N 226 
MET CB   C N N 227 
MET CG   C N N 228 
MET SD   S N N 229 
MET CE   C N N 230 
MET OXT  O N N 231 
MET H    H N N 232 
MET H2   H N N 233 
MET HA   H N N 234 
MET HB2  H N N 235 
MET HB3  H N N 236 
MET HG2  H N N 237 
MET HG3  H N N 238 
MET HE1  H N N 239 
MET HE2  H N N 240 
MET HE3  H N N 241 
MET HXT  H N N 242 
PHE N    N N N 243 
PHE CA   C N S 244 
PHE C    C N N 245 
PHE O    O N N 246 
PHE CB   C N N 247 
PHE CG   C Y N 248 
PHE CD1  C Y N 249 
PHE CD2  C Y N 250 
PHE CE1  C Y N 251 
PHE CE2  C Y N 252 
PHE CZ   C Y N 253 
PHE OXT  O N N 254 
PHE H    H N N 255 
PHE H2   H N N 256 
PHE HA   H N N 257 
PHE HB2  H N N 258 
PHE HB3  H N N 259 
PHE HD1  H N N 260 
PHE HD2  H N N 261 
PHE HE1  H N N 262 
PHE HE2  H N N 263 
PHE HZ   H N N 264 
PHE HXT  H N N 265 
PRO N    N N N 266 
PRO CA   C N S 267 
PRO C    C N N 268 
PRO O    O N N 269 
PRO CB   C N N 270 
PRO CG   C N N 271 
PRO CD   C N N 272 
PRO OXT  O N N 273 
PRO H    H N N 274 
PRO HA   H N N 275 
PRO HB2  H N N 276 
PRO HB3  H N N 277 
PRO HG2  H N N 278 
PRO HG3  H N N 279 
PRO HD2  H N N 280 
PRO HD3  H N N 281 
PRO HXT  H N N 282 
SER N    N N N 283 
SER CA   C N S 284 
SER C    C N N 285 
SER O    O N N 286 
SER CB   C N N 287 
SER OG   O N N 288 
SER OXT  O N N 289 
SER H    H N N 290 
SER H2   H N N 291 
SER HA   H N N 292 
SER HB2  H N N 293 
SER HB3  H N N 294 
SER HG   H N N 295 
SER HXT  H N N 296 
THR N    N N N 297 
THR CA   C N S 298 
THR C    C N N 299 
THR O    O N N 300 
THR CB   C N R 301 
THR OG1  O N N 302 
THR CG2  C N N 303 
THR OXT  O N N 304 
THR H    H N N 305 
THR H2   H N N 306 
THR HA   H N N 307 
THR HB   H N N 308 
THR HG1  H N N 309 
THR HG21 H N N 310 
THR HG22 H N N 311 
THR HG23 H N N 312 
THR HXT  H N N 313 
TRP N    N N N 314 
TRP CA   C N S 315 
TRP C    C N N 316 
TRP O    O N N 317 
TRP CB   C N N 318 
TRP CG   C Y N 319 
TRP CD1  C Y N 320 
TRP CD2  C Y N 321 
TRP NE1  N Y N 322 
TRP CE2  C Y N 323 
TRP CE3  C Y N 324 
TRP CZ2  C Y N 325 
TRP CZ3  C Y N 326 
TRP CH2  C Y N 327 
TRP OXT  O N N 328 
TRP H    H N N 329 
TRP H2   H N N 330 
TRP HA   H N N 331 
TRP HB2  H N N 332 
TRP HB3  H N N 333 
TRP HD1  H N N 334 
TRP HE1  H N N 335 
TRP HE3  H N N 336 
TRP HZ2  H N N 337 
TRP HZ3  H N N 338 
TRP HH2  H N N 339 
TRP HXT  H N N 340 
TYR N    N N N 341 
TYR CA   C N S 342 
TYR C    C N N 343 
TYR O    O N N 344 
TYR CB   C N N 345 
TYR CG   C Y N 346 
TYR CD1  C Y N 347 
TYR CD2  C Y N 348 
TYR CE1  C Y N 349 
TYR CE2  C Y N 350 
TYR CZ   C Y N 351 
TYR OH   O N N 352 
TYR OXT  O N N 353 
TYR H    H N N 354 
TYR H2   H N N 355 
TYR HA   H N N 356 
TYR HB2  H N N 357 
TYR HB3  H N N 358 
TYR HD1  H N N 359 
TYR HD2  H N N 360 
TYR HE1  H N N 361 
TYR HE2  H N N 362 
TYR HH   H N N 363 
TYR HXT  H N N 364 
VAL N    N N N 365 
VAL CA   C N S 366 
VAL C    C N N 367 
VAL O    O N N 368 
VAL CB   C N N 369 
VAL CG1  C N N 370 
VAL CG2  C N N 371 
VAL OXT  O N N 372 
VAL H    H N N 373 
VAL H2   H N N 374 
VAL HA   H N N 375 
VAL HB   H N N 376 
VAL HG11 H N N 377 
VAL HG12 H N N 378 
VAL HG13 H N N 379 
VAL HG21 H N N 380 
VAL HG22 H N N 381 
VAL HG23 H N N 382 
VAL HXT  H N N 383 
# 
loop_
_chem_comp_bond.comp_id 
_chem_comp_bond.atom_id_1 
_chem_comp_bond.atom_id_2 
_chem_comp_bond.value_order 
_chem_comp_bond.pdbx_aromatic_flag 
_chem_comp_bond.pdbx_stereo_config 
_chem_comp_bond.pdbx_ordinal 
ACT C   O    doub N N 1   
ACT C   OXT  sing N N 2   
ACT C   CH3  sing N N 3   
ACT CH3 H1   sing N N 4   
ACT CH3 H2   sing N N 5   
ACT CH3 H3   sing N N 6   
ALA N   CA   sing N N 7   
ALA N   H    sing N N 8   
ALA N   H2   sing N N 9   
ALA CA  C    sing N N 10  
ALA CA  CB   sing N N 11  
ALA CA  HA   sing N N 12  
ALA C   O    doub N N 13  
ALA C   OXT  sing N N 14  
ALA CB  HB1  sing N N 15  
ALA CB  HB2  sing N N 16  
ALA CB  HB3  sing N N 17  
ALA OXT HXT  sing N N 18  
ARG N   CA   sing N N 19  
ARG N   H    sing N N 20  
ARG N   H2   sing N N 21  
ARG CA  C    sing N N 22  
ARG CA  CB   sing N N 23  
ARG CA  HA   sing N N 24  
ARG C   O    doub N N 25  
ARG C   OXT  sing N N 26  
ARG CB  CG   sing N N 27  
ARG CB  HB2  sing N N 28  
ARG CB  HB3  sing N N 29  
ARG CG  CD   sing N N 30  
ARG CG  HG2  sing N N 31  
ARG CG  HG3  sing N N 32  
ARG CD  NE   sing N N 33  
ARG CD  HD2  sing N N 34  
ARG CD  HD3  sing N N 35  
ARG NE  CZ   sing N N 36  
ARG NE  HE   sing N N 37  
ARG CZ  NH1  sing N N 38  
ARG CZ  NH2  doub N N 39  
ARG NH1 HH11 sing N N 40  
ARG NH1 HH12 sing N N 41  
ARG NH2 HH21 sing N N 42  
ARG NH2 HH22 sing N N 43  
ARG OXT HXT  sing N N 44  
ASN N   CA   sing N N 45  
ASN N   H    sing N N 46  
ASN N   H2   sing N N 47  
ASN CA  C    sing N N 48  
ASN CA  CB   sing N N 49  
ASN CA  HA   sing N N 50  
ASN C   O    doub N N 51  
ASN C   OXT  sing N N 52  
ASN CB  CG   sing N N 53  
ASN CB  HB2  sing N N 54  
ASN CB  HB3  sing N N 55  
ASN CG  OD1  doub N N 56  
ASN CG  ND2  sing N N 57  
ASN ND2 HD21 sing N N 58  
ASN ND2 HD22 sing N N 59  
ASN OXT HXT  sing N N 60  
ASP N   CA   sing N N 61  
ASP N   H    sing N N 62  
ASP N   H2   sing N N 63  
ASP CA  C    sing N N 64  
ASP CA  CB   sing N N 65  
ASP CA  HA   sing N N 66  
ASP C   O    doub N N 67  
ASP C   OXT  sing N N 68  
ASP CB  CG   sing N N 69  
ASP CB  HB2  sing N N 70  
ASP CB  HB3  sing N N 71  
ASP CG  OD1  doub N N 72  
ASP CG  OD2  sing N N 73  
ASP OD2 HD2  sing N N 74  
ASP OXT HXT  sing N N 75  
GLN N   CA   sing N N 76  
GLN N   H    sing N N 77  
GLN N   H2   sing N N 78  
GLN CA  C    sing N N 79  
GLN CA  CB   sing N N 80  
GLN CA  HA   sing N N 81  
GLN C   O    doub N N 82  
GLN C   OXT  sing N N 83  
GLN CB  CG   sing N N 84  
GLN CB  HB2  sing N N 85  
GLN CB  HB3  sing N N 86  
GLN CG  CD   sing N N 87  
GLN CG  HG2  sing N N 88  
GLN CG  HG3  sing N N 89  
GLN CD  OE1  doub N N 90  
GLN CD  NE2  sing N N 91  
GLN NE2 HE21 sing N N 92  
GLN NE2 HE22 sing N N 93  
GLN OXT HXT  sing N N 94  
GLU N   CA   sing N N 95  
GLU N   H    sing N N 96  
GLU N   H2   sing N N 97  
GLU CA  C    sing N N 98  
GLU CA  CB   sing N N 99  
GLU CA  HA   sing N N 100 
GLU C   O    doub N N 101 
GLU C   OXT  sing N N 102 
GLU CB  CG   sing N N 103 
GLU CB  HB2  sing N N 104 
GLU CB  HB3  sing N N 105 
GLU CG  CD   sing N N 106 
GLU CG  HG2  sing N N 107 
GLU CG  HG3  sing N N 108 
GLU CD  OE1  doub N N 109 
GLU CD  OE2  sing N N 110 
GLU OE2 HE2  sing N N 111 
GLU OXT HXT  sing N N 112 
GLY N   CA   sing N N 113 
GLY N   H    sing N N 114 
GLY N   H2   sing N N 115 
GLY CA  C    sing N N 116 
GLY CA  HA2  sing N N 117 
GLY CA  HA3  sing N N 118 
GLY C   O    doub N N 119 
GLY C   OXT  sing N N 120 
GLY OXT HXT  sing N N 121 
HIS N   CA   sing N N 122 
HIS N   H    sing N N 123 
HIS N   H2   sing N N 124 
HIS CA  C    sing N N 125 
HIS CA  CB   sing N N 126 
HIS CA  HA   sing N N 127 
HIS C   O    doub N N 128 
HIS C   OXT  sing N N 129 
HIS CB  CG   sing N N 130 
HIS CB  HB2  sing N N 131 
HIS CB  HB3  sing N N 132 
HIS CG  ND1  sing Y N 133 
HIS CG  CD2  doub Y N 134 
HIS ND1 CE1  doub Y N 135 
HIS ND1 HD1  sing N N 136 
HIS CD2 NE2  sing Y N 137 
HIS CD2 HD2  sing N N 138 
HIS CE1 NE2  sing Y N 139 
HIS CE1 HE1  sing N N 140 
HIS NE2 HE2  sing N N 141 
HIS OXT HXT  sing N N 142 
HOH O   H1   sing N N 143 
HOH O   H2   sing N N 144 
ILE N   CA   sing N N 145 
ILE N   H    sing N N 146 
ILE N   H2   sing N N 147 
ILE CA  C    sing N N 148 
ILE CA  CB   sing N N 149 
ILE CA  HA   sing N N 150 
ILE C   O    doub N N 151 
ILE C   OXT  sing N N 152 
ILE CB  CG1  sing N N 153 
ILE CB  CG2  sing N N 154 
ILE CB  HB   sing N N 155 
ILE CG1 CD1  sing N N 156 
ILE CG1 HG12 sing N N 157 
ILE CG1 HG13 sing N N 158 
ILE CG2 HG21 sing N N 159 
ILE CG2 HG22 sing N N 160 
ILE CG2 HG23 sing N N 161 
ILE CD1 HD11 sing N N 162 
ILE CD1 HD12 sing N N 163 
ILE CD1 HD13 sing N N 164 
ILE OXT HXT  sing N N 165 
LEU N   CA   sing N N 166 
LEU N   H    sing N N 167 
LEU N   H2   sing N N 168 
LEU CA  C    sing N N 169 
LEU CA  CB   sing N N 170 
LEU CA  HA   sing N N 171 
LEU C   O    doub N N 172 
LEU C   OXT  sing N N 173 
LEU CB  CG   sing N N 174 
LEU CB  HB2  sing N N 175 
LEU CB  HB3  sing N N 176 
LEU CG  CD1  sing N N 177 
LEU CG  CD2  sing N N 178 
LEU CG  HG   sing N N 179 
LEU CD1 HD11 sing N N 180 
LEU CD1 HD12 sing N N 181 
LEU CD1 HD13 sing N N 182 
LEU CD2 HD21 sing N N 183 
LEU CD2 HD22 sing N N 184 
LEU CD2 HD23 sing N N 185 
LEU OXT HXT  sing N N 186 
LYS N   CA   sing N N 187 
LYS N   H    sing N N 188 
LYS N   H2   sing N N 189 
LYS CA  C    sing N N 190 
LYS CA  CB   sing N N 191 
LYS CA  HA   sing N N 192 
LYS C   O    doub N N 193 
LYS C   OXT  sing N N 194 
LYS CB  CG   sing N N 195 
LYS CB  HB2  sing N N 196 
LYS CB  HB3  sing N N 197 
LYS CG  CD   sing N N 198 
LYS CG  HG2  sing N N 199 
LYS CG  HG3  sing N N 200 
LYS CD  CE   sing N N 201 
LYS CD  HD2  sing N N 202 
LYS CD  HD3  sing N N 203 
LYS CE  NZ   sing N N 204 
LYS CE  HE2  sing N N 205 
LYS CE  HE3  sing N N 206 
LYS NZ  HZ1  sing N N 207 
LYS NZ  HZ2  sing N N 208 
LYS NZ  HZ3  sing N N 209 
LYS OXT HXT  sing N N 210 
MET N   CA   sing N N 211 
MET N   H    sing N N 212 
MET N   H2   sing N N 213 
MET CA  C    sing N N 214 
MET CA  CB   sing N N 215 
MET CA  HA   sing N N 216 
MET C   O    doub N N 217 
MET C   OXT  sing N N 218 
MET CB  CG   sing N N 219 
MET CB  HB2  sing N N 220 
MET CB  HB3  sing N N 221 
MET CG  SD   sing N N 222 
MET CG  HG2  sing N N 223 
MET CG  HG3  sing N N 224 
MET SD  CE   sing N N 225 
MET CE  HE1  sing N N 226 
MET CE  HE2  sing N N 227 
MET CE  HE3  sing N N 228 
MET OXT HXT  sing N N 229 
PHE N   CA   sing N N 230 
PHE N   H    sing N N 231 
PHE N   H2   sing N N 232 
PHE CA  C    sing N N 233 
PHE CA  CB   sing N N 234 
PHE CA  HA   sing N N 235 
PHE C   O    doub N N 236 
PHE C   OXT  sing N N 237 
PHE CB  CG   sing N N 238 
PHE CB  HB2  sing N N 239 
PHE CB  HB3  sing N N 240 
PHE CG  CD1  doub Y N 241 
PHE CG  CD2  sing Y N 242 
PHE CD1 CE1  sing Y N 243 
PHE CD1 HD1  sing N N 244 
PHE CD2 CE2  doub Y N 245 
PHE CD2 HD2  sing N N 246 
PHE CE1 CZ   doub Y N 247 
PHE CE1 HE1  sing N N 248 
PHE CE2 CZ   sing Y N 249 
PHE CE2 HE2  sing N N 250 
PHE CZ  HZ   sing N N 251 
PHE OXT HXT  sing N N 252 
PRO N   CA   sing N N 253 
PRO N   CD   sing N N 254 
PRO N   H    sing N N 255 
PRO CA  C    sing N N 256 
PRO CA  CB   sing N N 257 
PRO CA  HA   sing N N 258 
PRO C   O    doub N N 259 
PRO C   OXT  sing N N 260 
PRO CB  CG   sing N N 261 
PRO CB  HB2  sing N N 262 
PRO CB  HB3  sing N N 263 
PRO CG  CD   sing N N 264 
PRO CG  HG2  sing N N 265 
PRO CG  HG3  sing N N 266 
PRO CD  HD2  sing N N 267 
PRO CD  HD3  sing N N 268 
PRO OXT HXT  sing N N 269 
SER N   CA   sing N N 270 
SER N   H    sing N N 271 
SER N   H2   sing N N 272 
SER CA  C    sing N N 273 
SER CA  CB   sing N N 274 
SER CA  HA   sing N N 275 
SER C   O    doub N N 276 
SER C   OXT  sing N N 277 
SER CB  OG   sing N N 278 
SER CB  HB2  sing N N 279 
SER CB  HB3  sing N N 280 
SER OG  HG   sing N N 281 
SER OXT HXT  sing N N 282 
THR N   CA   sing N N 283 
THR N   H    sing N N 284 
THR N   H2   sing N N 285 
THR CA  C    sing N N 286 
THR CA  CB   sing N N 287 
THR CA  HA   sing N N 288 
THR C   O    doub N N 289 
THR C   OXT  sing N N 290 
THR CB  OG1  sing N N 291 
THR CB  CG2  sing N N 292 
THR CB  HB   sing N N 293 
THR OG1 HG1  sing N N 294 
THR CG2 HG21 sing N N 295 
THR CG2 HG22 sing N N 296 
THR CG2 HG23 sing N N 297 
THR OXT HXT  sing N N 298 
TRP N   CA   sing N N 299 
TRP N   H    sing N N 300 
TRP N   H2   sing N N 301 
TRP CA  C    sing N N 302 
TRP CA  CB   sing N N 303 
TRP CA  HA   sing N N 304 
TRP C   O    doub N N 305 
TRP C   OXT  sing N N 306 
TRP CB  CG   sing N N 307 
TRP CB  HB2  sing N N 308 
TRP CB  HB3  sing N N 309 
TRP CG  CD1  doub Y N 310 
TRP CG  CD2  sing Y N 311 
TRP CD1 NE1  sing Y N 312 
TRP CD1 HD1  sing N N 313 
TRP CD2 CE2  doub Y N 314 
TRP CD2 CE3  sing Y N 315 
TRP NE1 CE2  sing Y N 316 
TRP NE1 HE1  sing N N 317 
TRP CE2 CZ2  sing Y N 318 
TRP CE3 CZ3  doub Y N 319 
TRP CE3 HE3  sing N N 320 
TRP CZ2 CH2  doub Y N 321 
TRP CZ2 HZ2  sing N N 322 
TRP CZ3 CH2  sing Y N 323 
TRP CZ3 HZ3  sing N N 324 
TRP CH2 HH2  sing N N 325 
TRP OXT HXT  sing N N 326 
TYR N   CA   sing N N 327 
TYR N   H    sing N N 328 
TYR N   H2   sing N N 329 
TYR CA  C    sing N N 330 
TYR CA  CB   sing N N 331 
TYR CA  HA   sing N N 332 
TYR C   O    doub N N 333 
TYR C   OXT  sing N N 334 
TYR CB  CG   sing N N 335 
TYR CB  HB2  sing N N 336 
TYR CB  HB3  sing N N 337 
TYR CG  CD1  doub Y N 338 
TYR CG  CD2  sing Y N 339 
TYR CD1 CE1  sing Y N 340 
TYR CD1 HD1  sing N N 341 
TYR CD2 CE2  doub Y N 342 
TYR CD2 HD2  sing N N 343 
TYR CE1 CZ   doub Y N 344 
TYR CE1 HE1  sing N N 345 
TYR CE2 CZ   sing Y N 346 
TYR CE2 HE2  sing N N 347 
TYR CZ  OH   sing N N 348 
TYR OH  HH   sing N N 349 
TYR OXT HXT  sing N N 350 
VAL N   CA   sing N N 351 
VAL N   H    sing N N 352 
VAL N   H2   sing N N 353 
VAL CA  C    sing N N 354 
VAL CA  CB   sing N N 355 
VAL CA  HA   sing N N 356 
VAL C   O    doub N N 357 
VAL C   OXT  sing N N 358 
VAL CB  CG1  sing N N 359 
VAL CB  CG2  sing N N 360 
VAL CB  HB   sing N N 361 
VAL CG1 HG11 sing N N 362 
VAL CG1 HG12 sing N N 363 
VAL CG1 HG13 sing N N 364 
VAL CG2 HG21 sing N N 365 
VAL CG2 HG22 sing N N 366 
VAL CG2 HG23 sing N N 367 
VAL OXT HXT  sing N N 368 
# 
loop_
_pdbx_entity_nonpoly.entity_id 
_pdbx_entity_nonpoly.name 
_pdbx_entity_nonpoly.comp_id 
2 'ACETATE ION' ACT 
3 water         HOH 
# 
_pdbx_initial_refinement_model.id               1 
_pdbx_initial_refinement_model.entity_id_list   ? 
_pdbx_initial_refinement_model.type             'experimental model' 
_pdbx_initial_refinement_model.source_name      PDB 
_pdbx_initial_refinement_model.accession_code   2C2P 
_pdbx_initial_refinement_model.details          'PDB ENTRY 2C2P' 
# 
